data_1QIU
#
_entry.id   1QIU
#
_cell.length_a   165.510
_cell.length_b   95.870
_cell.length_c   211.770
_cell.angle_alpha   90.00
_cell.angle_beta   106.83
_cell.angle_gamma   90.00
#
_symmetry.space_group_name_H-M   'C 1 2 1'
#
loop_
_entity.id
_entity.type
_entity.pdbx_description
1 polymer 'ADENOVIRUS FIBRE'
2 water water
#
_entity_poly.entity_id   1
_entity_poly.type   'polypeptide(L)'
_entity_poly.pdbx_seq_one_letter_code
;VSIKKSSGLNFDNTAIAINAGKGLEFDTNTSESPDINPIKTKIGSGIDYNENGAMITKLGAGLSFDNSGAITIGNKNDDK
LTLWTTPDPSPNCRIHSDNDCKFTLVLTKCGSQVLATVAALAVSGDLSSMTGTVASVSIFLRFDQNGVLMENSSLKKHYW
NFRNGNSTNANPYTNAVGFMPNLLAYPKTQSQTAKNNIVSQVYLHGDKTKPMILTITLNGTSESTETSEVSTYSMSFTWS
WESGKYTTETFATNSYTFSYIAQE
;
_entity_poly.pdbx_strand_id   A,B,C,D,E,F
#
# COMPACT_ATOMS: atom_id res chain seq x y z
N VAL A 1 -13.44 -33.76 -3.00
CA VAL A 1 -12.36 -32.79 -2.62
C VAL A 1 -11.02 -33.50 -2.38
N SER A 2 -10.33 -33.81 -3.47
CA SER A 2 -9.02 -34.48 -3.39
C SER A 2 -7.93 -33.48 -3.73
N ILE A 3 -7.01 -33.27 -2.79
CA ILE A 3 -5.92 -32.32 -3.00
C ILE A 3 -4.55 -32.96 -2.94
N LYS A 4 -3.78 -32.84 -4.02
CA LYS A 4 -2.43 -33.38 -4.02
C LYS A 4 -1.56 -32.35 -3.32
N LYS A 5 -1.51 -32.45 -2.00
CA LYS A 5 -0.74 -31.55 -1.15
C LYS A 5 0.70 -31.38 -1.60
N SER A 6 1.19 -32.31 -2.41
CA SER A 6 2.55 -32.25 -2.90
C SER A 6 2.67 -31.11 -3.92
N SER A 7 1.57 -30.40 -4.16
CA SER A 7 1.54 -29.30 -5.11
C SER A 7 1.04 -27.96 -4.60
N GLY A 8 1.45 -27.57 -3.40
CA GLY A 8 1.07 -26.28 -2.86
C GLY A 8 -0.18 -26.13 -2.01
N LEU A 9 -1.24 -26.88 -2.32
CA LEU A 9 -2.47 -26.78 -1.55
C LEU A 9 -2.38 -27.59 -0.27
N ASN A 10 -3.23 -27.27 0.71
CA ASN A 10 -3.24 -27.98 1.98
C ASN A 10 -4.66 -27.98 2.55
N PHE A 11 -4.81 -28.53 3.76
CA PHE A 11 -6.12 -28.59 4.41
C PHE A 11 -6.09 -27.96 5.79
N ASP A 12 -6.64 -26.76 5.90
CA ASP A 12 -6.68 -26.05 7.18
C ASP A 12 -8.11 -26.03 7.70
N ASN A 13 -8.37 -26.78 8.77
CA ASN A 13 -9.70 -26.88 9.35
C ASN A 13 -10.69 -27.32 8.28
N THR A 14 -10.33 -28.38 7.56
CA THR A 14 -11.15 -28.95 6.50
C THR A 14 -11.40 -27.95 5.36
N ALA A 15 -10.60 -26.90 5.30
CA ALA A 15 -10.75 -25.90 4.26
C ALA A 15 -9.52 -25.88 3.36
N ILE A 16 -9.74 -25.95 2.05
CA ILE A 16 -8.64 -25.92 1.09
C ILE A 16 -7.92 -24.59 1.16
N ALA A 17 -6.60 -24.65 1.35
CA ALA A 17 -5.79 -23.44 1.44
C ALA A 17 -4.46 -23.60 0.71
N ILE A 18 -3.84 -22.47 0.38
CA ILE A 18 -2.55 -22.49 -0.31
C ILE A 18 -1.41 -22.50 0.71
N ASN A 19 -0.63 -23.58 0.69
CA ASN A 19 0.52 -23.72 1.58
C ASN A 19 1.63 -22.91 0.93
N ALA A 20 1.83 -21.68 1.41
CA ALA A 20 2.83 -20.79 0.84
C ALA A 20 4.22 -20.99 1.42
N GLY A 21 5.21 -20.98 0.54
CA GLY A 21 6.60 -21.15 0.98
C GLY A 21 7.43 -19.89 0.87
N LYS A 22 8.73 -20.07 0.67
CA LYS A 22 9.66 -18.96 0.57
C LYS A 22 9.42 -18.06 -0.64
N GLY A 23 9.38 -16.75 -0.39
CA GLY A 23 9.16 -15.79 -1.46
C GLY A 23 7.70 -15.50 -1.74
N LEU A 24 6.81 -16.05 -0.90
CA LEU A 24 5.39 -15.85 -1.08
C LEU A 24 4.69 -15.64 0.26
N GLU A 25 3.70 -14.76 0.28
CA GLU A 25 2.96 -14.47 1.51
C GLU A 25 1.54 -14.05 1.16
N PHE A 26 0.72 -13.81 2.19
CA PHE A 26 -0.65 -13.39 1.98
C PHE A 26 -0.84 -11.94 2.39
N ASP A 27 -1.28 -11.12 1.44
CA ASP A 27 -1.48 -9.69 1.68
C ASP A 27 -2.52 -9.49 2.77
N THR A 28 -2.05 -9.12 3.96
CA THR A 28 -2.94 -8.86 5.08
C THR A 28 -3.21 -7.37 5.21
N ASN A 29 -3.11 -6.66 4.10
CA ASN A 29 -3.33 -5.21 4.10
C ASN A 29 -4.22 -4.79 2.94
N THR A 30 -5.17 -5.64 2.59
CA THR A 30 -6.11 -5.36 1.51
C THR A 30 -7.39 -4.84 2.14
N SER A 31 -8.10 -3.96 1.43
CA SER A 31 -9.34 -3.39 1.92
C SER A 31 -10.15 -4.45 2.65
N GLU A 32 -10.27 -5.61 2.02
CA GLU A 32 -11.01 -6.72 2.59
C GLU A 32 -10.09 -7.76 3.24
N SER A 33 -9.51 -7.39 4.39
CA SER A 33 -8.63 -8.27 5.14
C SER A 33 -9.05 -8.17 6.61
N PRO A 34 -8.66 -9.16 7.45
CA PRO A 34 -7.84 -10.34 7.14
C PRO A 34 -8.66 -11.54 6.68
N ASP A 35 -9.92 -11.29 6.33
CA ASP A 35 -10.79 -12.36 5.89
C ASP A 35 -10.40 -12.84 4.49
N ILE A 36 -10.09 -11.91 3.60
CA ILE A 36 -9.69 -12.26 2.25
C ILE A 36 -8.31 -11.70 1.90
N ASN A 37 -7.28 -12.51 2.09
CA ASN A 37 -5.92 -12.08 1.78
C ASN A 37 -5.43 -12.78 0.51
N PRO A 38 -5.13 -12.01 -0.55
CA PRO A 38 -4.64 -12.66 -1.78
C PRO A 38 -3.21 -13.14 -1.60
N ILE A 39 -2.66 -13.83 -2.60
CA ILE A 39 -1.28 -14.30 -2.51
C ILE A 39 -0.40 -13.30 -3.23
N LYS A 40 0.52 -12.69 -2.49
CA LYS A 40 1.44 -11.73 -3.08
C LYS A 40 2.85 -12.28 -2.91
N THR A 41 3.84 -11.57 -3.42
CA THR A 41 5.22 -12.01 -3.31
C THR A 41 5.86 -11.45 -2.05
N LYS A 42 6.76 -12.22 -1.45
CA LYS A 42 7.47 -11.81 -0.24
C LYS A 42 8.78 -11.18 -0.70
N ILE A 43 8.90 -9.86 -0.60
CA ILE A 43 10.11 -9.18 -1.07
C ILE A 43 10.80 -8.28 -0.05
N GLY A 44 12.14 -8.20 -0.16
CA GLY A 44 12.91 -7.36 0.73
C GLY A 44 13.82 -6.38 0.01
N SER A 45 14.88 -5.97 0.69
CA SER A 45 15.84 -5.01 0.13
C SER A 45 16.25 -5.33 -1.30
N GLY A 46 16.17 -4.32 -2.17
CA GLY A 46 16.54 -4.50 -3.55
C GLY A 46 15.39 -4.80 -4.50
N ILE A 47 14.21 -5.07 -3.95
CA ILE A 47 13.06 -5.40 -4.78
C ILE A 47 11.82 -4.56 -4.43
N ASP A 48 11.07 -4.18 -5.46
CA ASP A 48 9.87 -3.36 -5.28
C ASP A 48 8.80 -3.73 -6.29
N TYR A 49 7.68 -3.01 -6.26
CA TYR A 49 6.57 -3.24 -7.18
C TYR A 49 6.25 -1.97 -7.95
N ASN A 50 5.96 -2.12 -9.24
CA ASN A 50 5.60 -0.95 -10.03
C ASN A 50 4.09 -0.77 -9.87
N GLU A 51 3.50 0.07 -10.69
CA GLU A 51 2.07 0.34 -10.63
C GLU A 51 1.25 -0.85 -11.09
N ASN A 52 1.77 -1.59 -12.06
CA ASN A 52 1.09 -2.76 -12.60
C ASN A 52 1.21 -3.96 -11.67
N GLY A 53 1.86 -3.76 -10.52
CA GLY A 53 2.01 -4.84 -9.56
C GLY A 53 3.17 -5.79 -9.85
N ALA A 54 3.88 -5.55 -10.94
CA ALA A 54 5.01 -6.39 -11.32
C ALA A 54 6.21 -6.12 -10.40
N MET A 55 7.08 -7.11 -10.25
CA MET A 55 8.26 -6.96 -9.41
C MET A 55 9.44 -6.40 -10.20
N ILE A 56 10.14 -5.43 -9.62
CA ILE A 56 11.30 -4.82 -10.25
C ILE A 56 12.38 -4.62 -9.20
N THR A 57 13.63 -4.53 -9.63
CA THR A 57 14.73 -4.30 -8.70
C THR A 57 14.71 -2.81 -8.35
N LYS A 58 14.83 -2.50 -7.06
CA LYS A 58 14.82 -1.11 -6.59
C LYS A 58 16.20 -0.49 -6.71
N LEU A 59 16.38 0.38 -7.71
CA LEU A 59 17.67 1.00 -7.94
C LEU A 59 17.88 2.38 -7.30
N GLY A 60 19.09 2.61 -6.83
CA GLY A 60 19.43 3.87 -6.20
C GLY A 60 20.46 4.64 -7.00
N ALA A 61 21.16 5.54 -6.33
CA ALA A 61 22.18 6.36 -6.97
C ALA A 61 23.29 5.54 -7.62
N GLY A 62 23.64 5.89 -8.85
CA GLY A 62 24.69 5.20 -9.55
C GLY A 62 24.20 4.14 -10.50
N LEU A 63 22.96 3.69 -10.32
CA LEU A 63 22.38 2.65 -11.17
C LEU A 63 21.13 3.09 -11.90
N SER A 64 20.78 2.36 -12.97
CA SER A 64 19.59 2.69 -13.74
C SER A 64 19.18 1.53 -14.65
N PHE A 65 18.00 1.65 -15.24
CA PHE A 65 17.48 0.62 -16.12
C PHE A 65 17.77 0.83 -17.60
N ASP A 66 18.39 -0.18 -18.19
CA ASP A 66 18.72 -0.18 -19.60
C ASP A 66 17.39 -0.41 -20.35
N ASN A 67 17.26 0.15 -21.55
CA ASN A 67 16.02 0.00 -22.33
C ASN A 67 15.60 -1.46 -22.56
N SER A 68 16.46 -2.38 -22.13
CA SER A 68 16.19 -3.81 -22.26
C SER A 68 15.80 -4.32 -20.88
N GLY A 69 15.45 -3.39 -19.99
CA GLY A 69 15.06 -3.74 -18.64
C GLY A 69 16.22 -4.31 -17.85
N ALA A 70 17.44 -3.95 -18.25
CA ALA A 70 18.62 -4.44 -17.57
C ALA A 70 19.17 -3.39 -16.61
N ILE A 71 19.85 -3.85 -15.57
CA ILE A 71 20.45 -2.95 -14.60
C ILE A 71 21.85 -2.54 -15.07
N THR A 72 22.04 -1.24 -15.33
CA THR A 72 23.35 -0.77 -15.77
C THR A 72 23.76 0.40 -14.91
N ILE A 73 25.03 0.77 -15.00
CA ILE A 73 25.55 1.88 -14.21
C ILE A 73 25.37 3.22 -14.90
N GLY A 74 25.06 4.24 -14.11
CA GLY A 74 24.89 5.59 -14.65
C GLY A 74 23.47 6.15 -14.61
N ASN A 75 23.38 7.46 -14.36
CA ASN A 75 22.11 8.17 -14.32
C ASN A 75 22.25 9.41 -15.18
N LYS A 76 21.86 9.31 -16.46
CA LYS A 76 21.95 10.42 -17.38
C LYS A 76 21.34 11.71 -16.84
N ASN A 77 20.33 11.56 -15.98
CA ASN A 77 19.68 12.72 -15.38
C ASN A 77 20.13 12.92 -13.93
N ASP A 78 19.27 12.58 -12.98
CA ASP A 78 19.61 12.76 -11.57
C ASP A 78 20.79 11.86 -11.20
N ASP A 79 21.92 12.49 -10.89
CA ASP A 79 23.13 11.75 -10.57
C ASP A 79 23.87 12.24 -9.31
N LYS A 80 23.73 11.50 -8.22
CA LYS A 80 24.36 11.84 -6.94
C LYS A 80 25.83 11.46 -6.84
N LEU A 81 26.41 10.97 -7.92
CA LEU A 81 27.82 10.62 -7.89
C LEU A 81 28.63 11.73 -8.53
N THR A 82 27.96 12.82 -8.86
CA THR A 82 28.64 13.94 -9.46
C THR A 82 28.21 15.26 -8.83
N LEU A 83 29.16 15.93 -8.21
CA LEU A 83 28.92 17.23 -7.59
C LEU A 83 29.68 18.20 -8.49
N TRP A 84 28.96 19.14 -9.09
CA TRP A 84 29.59 20.10 -9.97
C TRP A 84 28.93 21.48 -10.00
N THR A 85 29.45 22.32 -10.89
CA THR A 85 28.97 23.69 -11.07
C THR A 85 28.24 23.78 -12.40
N THR A 86 27.93 22.62 -12.98
CA THR A 86 27.32 22.46 -14.30
C THR A 86 28.53 22.63 -15.21
N PRO A 87 28.49 22.06 -16.43
CA PRO A 87 29.62 22.18 -17.36
C PRO A 87 29.79 23.51 -18.06
N ASP A 88 28.71 24.27 -18.14
CA ASP A 88 28.70 25.55 -18.84
C ASP A 88 28.26 26.68 -17.91
N PRO A 89 28.90 26.81 -16.73
CA PRO A 89 28.56 27.84 -15.74
C PRO A 89 28.58 29.30 -16.18
N SER A 90 27.65 30.08 -15.64
CA SER A 90 27.60 31.52 -15.92
C SER A 90 28.53 32.19 -14.90
N PRO A 91 28.79 33.51 -15.04
CA PRO A 91 29.66 34.17 -14.06
C PRO A 91 29.20 33.72 -12.69
N ASN A 92 30.04 32.93 -12.01
CA ASN A 92 29.66 32.35 -10.73
C ASN A 92 30.71 32.36 -9.66
N CYS A 93 31.82 33.02 -9.94
CA CYS A 93 32.94 33.01 -9.01
C CYS A 93 33.56 34.40 -8.84
N ARG A 94 34.20 34.62 -7.70
CA ARG A 94 34.82 35.88 -7.38
C ARG A 94 36.32 35.79 -7.14
N ILE A 95 37.12 36.36 -8.04
CA ILE A 95 38.56 36.36 -7.87
C ILE A 95 38.95 37.68 -7.19
N HIS A 96 38.58 38.81 -7.79
CA HIS A 96 38.88 40.15 -7.25
C HIS A 96 37.58 40.86 -6.89
N SER A 97 36.63 40.86 -7.82
CA SER A 97 35.33 41.49 -7.61
C SER A 97 34.21 40.55 -8.05
N ASP A 98 33.05 40.67 -7.42
CA ASP A 98 31.90 39.84 -7.69
C ASP A 98 31.68 39.43 -9.15
N ASN A 99 31.33 38.16 -9.33
CA ASN A 99 31.05 37.58 -10.65
C ASN A 99 32.04 37.94 -11.74
N ASP A 100 33.32 38.01 -11.38
CA ASP A 100 34.34 38.37 -12.36
C ASP A 100 34.93 37.14 -13.03
N CYS A 101 34.39 35.97 -12.72
CA CYS A 101 34.95 34.76 -13.28
C CYS A 101 33.99 33.60 -13.37
N LYS A 102 34.15 32.78 -14.41
CA LYS A 102 33.33 31.59 -14.61
C LYS A 102 34.20 30.44 -14.11
N PHE A 103 33.74 29.76 -13.09
CA PHE A 103 34.52 28.68 -12.51
C PHE A 103 33.84 27.33 -12.79
N THR A 104 34.56 26.43 -13.45
CA THR A 104 34.05 25.09 -13.76
C THR A 104 34.78 24.01 -12.97
N LEU A 105 34.04 23.27 -12.16
CA LEU A 105 34.62 22.21 -11.35
C LEU A 105 33.67 21.04 -11.27
N VAL A 106 34.17 19.87 -11.60
CA VAL A 106 33.37 18.65 -11.56
C VAL A 106 34.01 17.58 -10.69
N LEU A 107 33.34 17.21 -9.61
CA LEU A 107 33.85 16.19 -8.72
C LEU A 107 33.03 14.92 -9.01
N THR A 108 33.70 13.87 -9.49
CA THR A 108 33.03 12.61 -9.82
C THR A 108 33.47 11.51 -8.86
N LYS A 109 32.57 11.07 -7.99
CA LYS A 109 32.95 10.06 -7.02
C LYS A 109 33.30 8.72 -7.63
N CYS A 110 34.52 8.27 -7.35
CA CYS A 110 35.03 6.99 -7.82
C CYS A 110 35.39 6.16 -6.61
N GLY A 111 34.42 5.97 -5.72
CA GLY A 111 34.66 5.20 -4.52
C GLY A 111 35.58 5.89 -3.54
N SER A 112 36.75 5.30 -3.33
CA SER A 112 37.73 5.84 -2.40
C SER A 112 38.36 7.15 -2.86
N GLN A 113 38.23 7.48 -4.13
CA GLN A 113 38.79 8.72 -4.66
C GLN A 113 37.76 9.57 -5.40
N VAL A 114 38.14 10.82 -5.64
CA VAL A 114 37.30 11.75 -6.37
C VAL A 114 38.12 12.09 -7.60
N LEU A 115 37.52 11.95 -8.78
CA LEU A 115 38.20 12.29 -10.01
C LEU A 115 37.62 13.66 -10.31
N ALA A 116 38.49 14.64 -10.54
CA ALA A 116 38.00 15.98 -10.77
C ALA A 116 38.63 16.66 -11.98
N THR A 117 37.90 17.64 -12.51
CA THR A 117 38.35 18.46 -13.63
C THR A 117 38.00 19.91 -13.30
N VAL A 118 38.96 20.81 -13.49
CA VAL A 118 38.79 22.23 -13.18
C VAL A 118 39.26 23.19 -14.29
N ALA A 119 38.58 24.33 -14.41
CA ALA A 119 38.92 25.37 -15.39
C ALA A 119 38.34 26.72 -14.96
N ALA A 120 39.07 27.80 -15.18
CA ALA A 120 38.58 29.12 -14.80
C ALA A 120 38.77 30.14 -15.92
N LEU A 121 37.81 31.06 -16.02
CA LEU A 121 37.82 32.10 -17.03
C LEU A 121 37.38 33.45 -16.46
N ALA A 122 38.27 34.42 -16.50
CA ALA A 122 37.94 35.76 -16.02
C ALA A 122 37.03 36.33 -17.09
N VAL A 123 36.01 37.05 -16.68
CA VAL A 123 35.09 37.63 -17.65
C VAL A 123 34.92 39.12 -17.50
N SER A 124 35.63 39.72 -16.55
CA SER A 124 35.53 41.15 -16.31
C SER A 124 36.71 41.98 -16.79
N GLY A 125 37.91 41.39 -16.81
CA GLY A 125 39.06 42.14 -17.26
C GLY A 125 40.34 41.34 -17.29
N ASP A 126 41.45 42.04 -17.54
CA ASP A 126 42.76 41.42 -17.60
C ASP A 126 43.33 41.18 -16.21
N LEU A 127 44.44 40.45 -16.18
CA LEU A 127 45.10 40.11 -14.93
C LEU A 127 45.40 41.29 -14.02
N SER A 128 45.84 42.39 -14.61
CA SER A 128 46.16 43.59 -13.86
C SER A 128 45.00 43.99 -12.93
N SER A 129 43.81 44.15 -13.51
CA SER A 129 42.63 44.55 -12.76
C SER A 129 42.11 43.55 -11.71
N MET A 130 42.84 42.45 -11.51
CA MET A 130 42.38 41.43 -10.55
C MET A 130 43.42 41.02 -9.53
N THR A 131 44.63 41.55 -9.60
CA THR A 131 45.65 41.13 -8.65
C THR A 131 46.25 42.19 -7.73
N GLY A 132 46.88 43.20 -8.30
CA GLY A 132 47.52 44.21 -7.48
C GLY A 132 48.99 43.88 -7.41
N THR A 133 49.57 43.93 -6.21
CA THR A 133 51.00 43.62 -6.03
C THR A 133 51.22 42.13 -6.17
N VAL A 134 50.13 41.38 -6.08
CA VAL A 134 50.16 39.93 -6.18
C VAL A 134 50.20 39.41 -7.62
N ALA A 135 51.04 38.44 -7.87
CA ALA A 135 51.12 37.83 -9.20
C ALA A 135 50.52 36.43 -9.07
N SER A 136 49.26 36.37 -8.70
CA SER A 136 48.60 35.09 -8.53
C SER A 136 47.09 35.25 -8.41
N VAL A 137 46.40 34.13 -8.62
CA VAL A 137 44.95 34.06 -8.55
C VAL A 137 44.56 32.89 -7.63
N SER A 138 43.60 33.13 -6.74
CA SER A 138 43.14 32.10 -5.83
C SER A 138 41.64 31.94 -5.78
N ILE A 139 41.21 30.69 -5.82
CA ILE A 139 39.79 30.32 -5.77
C ILE A 139 39.69 29.28 -4.66
N PHE A 140 38.85 29.55 -3.67
CA PHE A 140 38.71 28.63 -2.54
C PHE A 140 37.31 28.17 -2.17
N LEU A 141 37.23 26.93 -1.72
CA LEU A 141 35.96 26.32 -1.33
C LEU A 141 36.02 25.86 0.13
N ARG A 142 35.06 26.30 0.92
CA ARG A 142 35.01 25.90 2.32
C ARG A 142 33.72 25.09 2.50
N PHE A 143 33.82 24.00 3.26
CA PHE A 143 32.67 23.13 3.50
C PHE A 143 32.49 22.83 4.98
N ASP A 144 31.24 22.78 5.44
CA ASP A 144 30.98 22.47 6.84
C ASP A 144 31.19 20.98 7.06
N GLN A 145 30.89 20.48 8.26
CA GLN A 145 31.12 19.06 8.53
C GLN A 145 30.24 18.12 7.70
N ASN A 146 29.31 18.68 6.94
CA ASN A 146 28.44 17.86 6.10
C ASN A 146 28.79 17.97 4.63
N GLY A 147 29.79 18.80 4.31
CA GLY A 147 30.18 18.95 2.92
C GLY A 147 29.44 20.05 2.20
N VAL A 148 28.67 20.86 2.93
CA VAL A 148 27.93 21.94 2.33
C VAL A 148 28.82 23.18 2.20
N LEU A 149 28.83 23.79 1.02
CA LEU A 149 29.63 24.96 0.76
C LEU A 149 29.27 26.09 1.73
N MET A 150 30.29 26.71 2.29
CA MET A 150 30.09 27.80 3.24
C MET A 150 30.19 29.17 2.57
N GLU A 151 29.55 30.17 3.17
CA GLU A 151 29.58 31.54 2.66
C GLU A 151 30.98 32.04 2.29
N ASN A 152 31.98 31.68 3.10
CA ASN A 152 33.33 32.14 2.83
C ASN A 152 34.08 31.31 1.79
N SER A 153 33.57 31.32 0.57
CA SER A 153 34.16 30.58 -0.54
C SER A 153 34.11 31.50 -1.76
N SER A 154 34.99 31.29 -2.73
CA SER A 154 34.99 32.14 -3.91
C SER A 154 33.79 31.82 -4.80
N LEU A 155 33.42 30.54 -4.85
CA LEU A 155 32.31 30.08 -5.69
C LEU A 155 30.92 30.36 -5.11
N LYS A 156 30.00 30.81 -5.95
CA LYS A 156 28.64 31.08 -5.48
C LYS A 156 27.89 29.77 -5.18
N LYS A 157 26.93 29.85 -4.28
CA LYS A 157 26.19 28.68 -3.83
C LYS A 157 25.07 28.12 -4.72
N HIS A 158 24.35 28.99 -5.42
CA HIS A 158 23.23 28.58 -6.25
C HIS A 158 23.43 27.36 -7.17
N TYR A 159 24.43 27.40 -8.02
CA TYR A 159 24.65 26.32 -8.96
C TYR A 159 25.79 25.36 -8.68
N TRP A 160 25.95 24.99 -7.42
CA TRP A 160 26.96 24.03 -6.98
C TRP A 160 26.12 22.97 -6.29
N ASN A 161 25.83 21.90 -7.02
CA ASN A 161 24.97 20.86 -6.49
C ASN A 161 25.19 19.59 -7.29
N PHE A 162 24.47 18.54 -6.91
CA PHE A 162 24.55 17.27 -7.61
C PHE A 162 24.03 17.44 -9.02
N ARG A 163 24.55 16.62 -9.92
CA ARG A 163 24.18 16.68 -11.32
C ARG A 163 22.77 16.24 -11.66
N ASN A 164 22.23 16.83 -12.73
CA ASN A 164 20.91 16.50 -13.26
C ASN A 164 20.95 16.88 -14.74
N GLY A 165 21.25 15.90 -15.60
CA GLY A 165 21.35 16.20 -17.02
C GLY A 165 22.59 17.05 -17.14
N ASN A 166 22.47 18.23 -17.75
CA ASN A 166 23.61 19.13 -17.89
C ASN A 166 23.43 20.31 -16.96
N SER A 167 22.65 20.11 -15.90
CA SER A 167 22.38 21.15 -14.94
C SER A 167 22.45 20.58 -13.53
N THR A 168 21.85 21.28 -12.57
CA THR A 168 21.89 20.82 -11.19
C THR A 168 20.53 20.49 -10.57
N ASN A 169 20.60 19.83 -9.42
CA ASN A 169 19.42 19.45 -8.67
C ASN A 169 18.69 20.74 -8.32
N ALA A 170 17.37 20.71 -8.32
CA ALA A 170 16.60 21.88 -7.98
C ALA A 170 16.79 22.19 -6.50
N ASN A 171 16.85 21.14 -5.70
CA ASN A 171 16.98 21.27 -4.25
C ASN A 171 18.45 21.18 -3.81
N PRO A 172 18.91 22.17 -3.03
CA PRO A 172 20.28 22.23 -2.51
C PRO A 172 20.60 20.98 -1.71
N TYR A 173 21.75 20.35 -1.96
CA TYR A 173 22.11 19.14 -1.24
C TYR A 173 22.33 19.44 0.24
N THR A 174 22.30 18.40 1.07
CA THR A 174 22.52 18.56 2.50
C THR A 174 23.71 17.76 3.00
N ASN A 175 24.34 17.00 2.11
CA ASN A 175 25.51 16.21 2.49
C ASN A 175 26.30 15.71 1.29
N ALA A 176 27.60 15.99 1.29
CA ALA A 176 28.47 15.56 0.21
C ALA A 176 29.79 15.06 0.79
N VAL A 177 29.75 14.61 2.04
CA VAL A 177 30.95 14.15 2.73
C VAL A 177 31.80 13.18 1.90
N GLY A 178 31.14 12.38 1.07
CA GLY A 178 31.84 11.42 0.24
C GLY A 178 32.64 12.07 -0.88
N PHE A 179 32.50 13.39 -1.01
CA PHE A 179 33.21 14.15 -2.03
C PHE A 179 34.34 14.96 -1.40
N MET A 180 34.29 15.09 -0.08
CA MET A 180 35.29 15.86 0.66
C MET A 180 36.65 15.19 0.71
N PRO A 181 37.73 15.98 0.83
CA PRO A 181 39.09 15.48 0.90
C PRO A 181 39.30 14.78 2.25
N ASN A 182 39.81 13.56 2.23
CA ASN A 182 40.05 12.76 3.43
C ASN A 182 40.89 13.51 4.48
N LEU A 183 40.33 13.70 5.67
CA LEU A 183 41.06 14.41 6.73
C LEU A 183 42.29 13.67 7.26
N LEU A 184 42.29 12.34 7.20
CA LEU A 184 43.46 11.59 7.67
C LEU A 184 44.59 11.78 6.68
N ALA A 185 44.24 11.80 5.39
CA ALA A 185 45.25 11.95 4.35
C ALA A 185 45.68 13.39 4.19
N TYR A 186 44.74 14.31 4.37
CA TYR A 186 45.01 15.75 4.24
C TYR A 186 44.47 16.46 5.48
N PRO A 187 45.23 16.41 6.60
CA PRO A 187 44.80 17.06 7.85
C PRO A 187 44.60 18.57 7.72
N LYS A 188 43.86 19.14 8.66
CA LYS A 188 43.67 20.59 8.69
C LYS A 188 44.94 21.06 9.36
N THR A 189 45.60 22.06 8.81
CA THR A 189 46.83 22.54 9.42
C THR A 189 47.27 23.93 8.98
N GLN A 190 48.10 24.55 9.82
CA GLN A 190 48.65 25.88 9.56
C GLN A 190 49.97 25.67 8.82
N SER A 191 50.32 24.38 8.71
CA SER A 191 51.55 23.96 8.05
C SER A 191 51.36 23.46 6.63
N GLN A 192 52.25 23.88 5.73
CA GLN A 192 52.22 23.47 4.33
C GLN A 192 52.77 22.06 4.17
N THR A 193 51.96 21.05 4.49
CA THR A 193 52.42 19.68 4.35
C THR A 193 52.32 19.31 2.87
N ALA A 194 53.44 18.96 2.26
CA ALA A 194 53.47 18.62 0.84
C ALA A 194 52.34 17.72 0.33
N LYS A 195 52.03 16.69 1.08
CA LYS A 195 51.00 15.75 0.67
C LYS A 195 49.63 16.42 0.48
N ASN A 196 49.36 17.52 1.19
CA ASN A 196 48.07 18.23 1.09
C ASN A 196 47.96 18.99 -0.23
N ASN A 197 49.07 19.13 -0.93
CA ASN A 197 49.11 19.88 -2.17
C ASN A 197 49.34 19.04 -3.41
N ILE A 198 48.93 19.59 -4.54
CA ILE A 198 49.17 18.95 -5.82
C ILE A 198 49.72 20.15 -6.60
N VAL A 199 50.91 20.01 -7.14
CA VAL A 199 51.54 21.13 -7.84
C VAL A 199 52.06 20.81 -9.23
N SER A 200 51.57 21.54 -10.23
CA SER A 200 51.99 21.31 -11.61
C SER A 200 52.20 22.58 -12.39
N GLN A 201 53.01 22.51 -13.43
CA GLN A 201 53.21 23.68 -14.26
C GLN A 201 52.13 23.69 -15.31
N VAL A 202 51.31 24.74 -15.32
CA VAL A 202 50.26 24.85 -16.33
C VAL A 202 50.62 26.01 -17.27
N TYR A 203 49.82 26.24 -18.31
CA TYR A 203 50.12 27.30 -19.27
C TYR A 203 48.92 28.24 -19.51
N LEU A 204 49.15 29.54 -19.39
CA LEU A 204 48.09 30.52 -19.59
C LEU A 204 47.60 30.52 -21.03
N HIS A 205 46.30 30.36 -21.25
CA HIS A 205 45.77 30.33 -22.60
C HIS A 205 46.45 29.19 -23.37
N GLY A 206 46.98 28.21 -22.66
CA GLY A 206 47.65 27.09 -23.31
C GLY A 206 48.84 27.49 -24.17
N ASP A 207 49.51 28.57 -23.79
CA ASP A 207 50.68 29.07 -24.51
C ASP A 207 51.94 28.61 -23.78
N LYS A 208 52.81 27.91 -24.49
CA LYS A 208 54.05 27.42 -23.87
C LYS A 208 54.97 28.52 -23.39
N THR A 209 54.79 29.74 -23.90
CA THR A 209 55.65 30.85 -23.47
C THR A 209 55.10 31.56 -22.25
N LYS A 210 53.91 31.15 -21.80
CA LYS A 210 53.26 31.78 -20.65
C LYS A 210 53.00 30.80 -19.49
N PRO A 211 54.05 30.14 -18.99
CA PRO A 211 53.91 29.18 -17.90
C PRO A 211 53.45 29.76 -16.55
N MET A 212 52.67 28.98 -15.82
CA MET A 212 52.17 29.34 -14.50
C MET A 212 52.30 28.07 -13.66
N ILE A 213 52.24 28.22 -12.35
CA ILE A 213 52.29 27.04 -11.51
C ILE A 213 50.90 26.95 -10.89
N LEU A 214 50.36 25.73 -10.84
CA LEU A 214 49.05 25.52 -10.24
C LEU A 214 49.26 24.70 -8.99
N THR A 215 48.82 25.25 -7.86
CA THR A 215 48.92 24.59 -6.58
C THR A 215 47.49 24.39 -6.11
N ILE A 216 47.08 23.14 -5.99
CA ILE A 216 45.76 22.82 -5.50
C ILE A 216 46.05 22.42 -4.07
N THR A 217 45.25 22.90 -3.12
CA THR A 217 45.47 22.56 -1.73
C THR A 217 44.26 21.87 -1.17
N LEU A 218 44.48 20.76 -0.47
CA LEU A 218 43.37 20.03 0.10
C LEU A 218 43.39 20.14 1.64
N ASN A 219 42.32 20.71 2.16
CA ASN A 219 42.18 20.92 3.59
C ASN A 219 43.36 21.76 4.05
N GLY A 220 44.04 21.30 5.09
CA GLY A 220 45.19 22.03 5.63
C GLY A 220 45.09 23.53 5.50
N THR A 221 46.08 24.07 4.83
CA THR A 221 46.26 25.49 4.57
C THR A 221 45.08 26.26 3.92
N SER A 222 44.13 25.54 3.31
CA SER A 222 43.01 26.24 2.68
C SER A 222 41.81 26.31 3.64
N GLU A 223 41.95 25.70 4.81
CA GLU A 223 40.90 25.69 5.81
C GLU A 223 40.63 27.11 6.32
N SER A 224 39.39 27.36 6.71
CA SER A 224 39.02 28.66 7.24
C SER A 224 39.04 28.56 8.75
N THR A 225 39.75 29.46 9.41
CA THR A 225 39.84 29.45 10.87
C THR A 225 39.13 30.63 11.50
N GLU A 226 38.59 31.50 10.67
CA GLU A 226 37.88 32.70 11.11
C GLU A 226 36.70 32.41 12.02
N THR A 227 36.62 33.14 13.12
CA THR A 227 35.53 33.02 14.09
C THR A 227 34.17 32.98 13.39
N SER A 228 33.32 32.03 13.78
CA SER A 228 31.99 31.87 13.18
C SER A 228 31.97 31.12 11.84
N GLU A 229 33.09 31.14 11.12
CA GLU A 229 33.18 30.47 9.83
C GLU A 229 34.34 29.49 9.78
N VAL A 230 34.40 28.57 10.73
CA VAL A 230 35.47 27.58 10.74
C VAL A 230 35.05 26.40 9.87
N SER A 231 35.84 26.07 8.85
CA SER A 231 35.48 24.95 7.99
C SER A 231 36.05 23.64 8.50
N THR A 232 35.49 22.53 8.01
CA THR A 232 35.93 21.19 8.35
C THR A 232 36.74 20.67 7.17
N TYR A 233 36.22 20.93 5.96
CA TYR A 233 36.87 20.49 4.73
C TYR A 233 37.03 21.70 3.82
N SER A 234 38.00 21.64 2.93
CA SER A 234 38.22 22.75 2.01
C SER A 234 39.20 22.39 0.94
N MET A 235 39.17 23.17 -0.14
CA MET A 235 40.10 23.02 -1.23
C MET A 235 40.27 24.36 -1.92
N SER A 236 41.48 24.66 -2.36
CA SER A 236 41.75 25.93 -3.03
C SER A 236 42.58 25.71 -4.28
N PHE A 237 42.51 26.67 -5.18
CA PHE A 237 43.26 26.60 -6.42
C PHE A 237 44.00 27.90 -6.57
N THR A 238 45.33 27.81 -6.56
CA THR A 238 46.14 28.99 -6.71
C THR A 238 47.01 28.88 -7.95
N TRP A 239 46.98 29.92 -8.78
CA TRP A 239 47.77 29.99 -10.00
C TRP A 239 48.75 31.14 -9.80
N SER A 240 50.04 30.87 -9.89
CA SER A 240 51.04 31.93 -9.71
C SER A 240 52.06 31.98 -10.84
N TRP A 241 52.69 33.14 -11.00
CA TRP A 241 53.67 33.34 -12.05
C TRP A 241 54.62 34.49 -11.67
N GLU A 242 55.59 34.77 -12.52
CA GLU A 242 56.55 35.85 -12.26
C GLU A 242 55.84 37.19 -12.14
N SER A 243 56.06 37.88 -11.04
CA SER A 243 55.43 39.17 -10.86
C SER A 243 55.74 40.06 -12.06
N GLY A 244 54.76 40.83 -12.49
CA GLY A 244 54.96 41.72 -13.61
C GLY A 244 54.74 41.09 -14.97
N LYS A 245 54.18 39.89 -15.00
CA LYS A 245 53.93 39.22 -16.27
C LYS A 245 52.44 39.12 -16.59
N TYR A 246 52.15 38.98 -17.88
CA TYR A 246 50.78 38.83 -18.35
C TYR A 246 49.81 39.87 -17.76
N THR A 247 50.28 41.11 -17.56
CA THR A 247 49.43 42.14 -16.98
C THR A 247 48.22 42.53 -17.81
N THR A 248 48.32 42.41 -19.13
CA THR A 248 47.21 42.75 -20.02
C THR A 248 46.48 41.53 -20.55
N GLU A 249 46.83 40.35 -20.04
CA GLU A 249 46.21 39.10 -20.48
C GLU A 249 44.91 38.82 -19.73
N THR A 250 44.01 38.06 -20.36
CA THR A 250 42.77 37.66 -19.72
C THR A 250 43.08 36.32 -19.05
N PHE A 251 42.68 36.17 -17.80
CA PHE A 251 42.95 34.92 -17.11
C PHE A 251 42.07 33.82 -17.65
N ALA A 252 42.68 32.85 -18.33
CA ALA A 252 41.94 31.72 -18.90
C ALA A 252 42.83 30.48 -18.82
N THR A 253 42.42 29.50 -18.04
CA THR A 253 43.21 28.28 -17.88
C THR A 253 42.64 27.12 -18.69
N ASN A 254 43.50 26.16 -19.01
CA ASN A 254 43.07 24.98 -19.74
C ASN A 254 42.48 24.05 -18.69
N SER A 255 41.73 23.04 -19.12
CA SER A 255 41.14 22.11 -18.21
C SER A 255 42.26 21.30 -17.58
N TYR A 256 42.16 21.07 -16.27
CA TYR A 256 43.18 20.34 -15.53
C TYR A 256 42.51 19.17 -14.83
N THR A 257 43.19 18.04 -14.81
CA THR A 257 42.68 16.83 -14.18
C THR A 257 43.49 16.41 -12.95
N PHE A 258 42.80 16.04 -11.88
CA PHE A 258 43.48 15.59 -10.69
C PHE A 258 42.49 14.73 -9.92
N SER A 259 42.98 14.03 -8.90
CA SER A 259 42.14 13.18 -8.09
C SER A 259 42.63 13.24 -6.66
N TYR A 260 41.77 12.86 -5.72
CA TYR A 260 42.16 12.85 -4.32
C TYR A 260 41.37 11.83 -3.51
N ILE A 261 41.98 11.33 -2.44
CA ILE A 261 41.33 10.37 -1.56
C ILE A 261 40.14 11.06 -0.91
N ALA A 262 38.98 10.43 -0.99
CA ALA A 262 37.75 10.97 -0.44
C ALA A 262 37.63 10.66 1.04
N GLN A 263 36.84 11.46 1.74
CA GLN A 263 36.60 11.31 3.18
C GLN A 263 35.93 9.97 3.50
N GLU A 264 35.01 9.54 2.64
CA GLU A 264 34.31 8.28 2.84
C GLU A 264 33.80 7.71 1.52
N VAL B 1 -17.78 -27.33 -1.19
CA VAL B 1 -16.35 -27.34 -0.77
C VAL B 1 -16.07 -26.08 0.06
N SER B 2 -15.32 -26.22 1.14
CA SER B 2 -14.98 -25.05 1.95
C SER B 2 -13.60 -24.56 1.48
N ILE B 3 -13.37 -23.26 1.62
CA ILE B 3 -12.12 -22.67 1.17
C ILE B 3 -11.62 -21.66 2.20
N LYS B 4 -10.32 -21.41 2.25
CA LYS B 4 -9.80 -20.43 3.19
C LYS B 4 -9.31 -19.20 2.46
N LYS B 5 -10.24 -18.28 2.21
CA LYS B 5 -9.96 -17.04 1.50
C LYS B 5 -8.81 -16.24 2.09
N SER B 6 -8.61 -16.36 3.39
CA SER B 6 -7.52 -15.65 4.06
C SER B 6 -6.20 -16.31 3.70
N SER B 7 -6.26 -17.25 2.75
CA SER B 7 -5.06 -17.97 2.32
C SER B 7 -4.90 -18.13 0.80
N GLY B 8 -5.20 -17.05 0.08
CA GLY B 8 -5.01 -17.05 -1.37
C GLY B 8 -6.05 -17.64 -2.31
N LEU B 9 -7.04 -18.33 -1.78
CA LEU B 9 -8.08 -18.92 -2.61
C LEU B 9 -9.35 -18.10 -2.52
N ASN B 10 -10.13 -18.07 -3.59
CA ASN B 10 -11.38 -17.32 -3.60
C ASN B 10 -12.42 -17.98 -4.49
N PHE B 11 -13.66 -17.52 -4.39
CA PHE B 11 -14.75 -18.08 -5.18
C PHE B 11 -15.22 -17.17 -6.30
N ASP B 12 -15.12 -17.67 -7.53
CA ASP B 12 -15.58 -16.94 -8.69
C ASP B 12 -16.81 -17.66 -9.19
N ASN B 13 -17.96 -17.32 -8.62
CA ASN B 13 -19.22 -17.94 -9.01
C ASN B 13 -19.15 -19.45 -8.78
N THR B 14 -18.81 -19.86 -7.56
CA THR B 14 -18.70 -21.26 -7.17
C THR B 14 -17.45 -21.99 -7.65
N ALA B 15 -16.65 -21.33 -8.48
CA ALA B 15 -15.42 -21.93 -8.98
C ALA B 15 -14.25 -21.56 -8.07
N ILE B 16 -13.56 -22.57 -7.56
CA ILE B 16 -12.42 -22.34 -6.68
C ILE B 16 -11.33 -21.75 -7.56
N ALA B 17 -10.74 -20.66 -7.11
CA ALA B 17 -9.67 -20.01 -7.88
C ALA B 17 -8.65 -19.42 -6.92
N ILE B 18 -7.44 -19.17 -7.42
CA ILE B 18 -6.42 -18.57 -6.58
C ILE B 18 -6.47 -17.07 -6.81
N ASN B 19 -6.55 -16.33 -5.71
CA ASN B 19 -6.63 -14.88 -5.71
C ASN B 19 -5.22 -14.29 -5.82
N ALA B 20 -4.75 -14.09 -7.05
CA ALA B 20 -3.41 -13.56 -7.31
C ALA B 20 -3.26 -12.07 -6.95
N GLY B 21 -2.21 -11.78 -6.18
CA GLY B 21 -1.93 -10.41 -5.78
C GLY B 21 -0.62 -9.90 -6.35
N LYS B 22 -0.01 -8.95 -5.65
CA LYS B 22 1.25 -8.33 -6.08
C LYS B 22 2.39 -9.32 -6.36
N GLY B 23 3.00 -9.16 -7.54
CA GLY B 23 4.10 -10.02 -7.93
C GLY B 23 3.66 -11.31 -8.59
N LEU B 24 2.36 -11.49 -8.74
CA LEU B 24 1.82 -12.70 -9.36
C LEU B 24 0.79 -12.44 -10.43
N GLU B 25 0.63 -13.41 -11.30
CA GLU B 25 -0.34 -13.32 -12.38
C GLU B 25 -0.51 -14.70 -13.02
N PHE B 26 -1.37 -14.78 -14.03
CA PHE B 26 -1.63 -16.03 -14.69
C PHE B 26 -1.08 -16.07 -16.11
N ASP B 27 -0.19 -17.02 -16.35
CA ASP B 27 0.43 -17.19 -17.66
C ASP B 27 -0.64 -17.48 -18.70
N THR B 28 -1.07 -16.45 -19.41
CA THR B 28 -2.10 -16.64 -20.43
C THR B 28 -1.51 -16.75 -21.83
N ASN B 29 -0.38 -17.44 -21.93
CA ASN B 29 0.29 -17.64 -23.20
C ASN B 29 0.66 -19.10 -23.40
N THR B 30 0.44 -19.91 -22.37
CA THR B 30 0.76 -21.34 -22.45
C THR B 30 0.06 -21.99 -23.64
N SER B 31 0.50 -23.19 -23.99
CA SER B 31 -0.07 -23.93 -25.11
C SER B 31 -1.54 -24.24 -24.84
N GLU B 32 -1.89 -24.29 -23.56
CA GLU B 32 -3.24 -24.61 -23.14
C GLU B 32 -4.13 -23.38 -22.88
N SER B 33 -3.53 -22.19 -22.85
CA SER B 33 -4.31 -20.98 -22.60
C SER B 33 -5.28 -20.77 -23.76
N PRO B 34 -6.30 -19.90 -23.59
CA PRO B 34 -6.62 -19.11 -22.39
C PRO B 34 -7.51 -19.81 -21.34
N ASP B 35 -7.42 -21.14 -21.25
CA ASP B 35 -8.24 -21.92 -20.31
C ASP B 35 -7.45 -22.53 -19.16
N ILE B 36 -6.31 -23.13 -19.48
CA ILE B 36 -5.47 -23.70 -18.44
C ILE B 36 -4.27 -22.80 -18.24
N ASN B 37 -4.51 -21.67 -17.57
CA ASN B 37 -3.46 -20.71 -17.30
C ASN B 37 -2.80 -20.99 -15.97
N PRO B 38 -1.52 -21.39 -15.99
CA PRO B 38 -0.82 -21.69 -14.73
C PRO B 38 -0.55 -20.37 -14.02
N ILE B 39 -0.19 -20.42 -12.73
CA ILE B 39 0.12 -19.19 -12.02
C ILE B 39 1.63 -18.91 -12.08
N LYS B 40 1.98 -17.66 -12.35
CA LYS B 40 3.38 -17.31 -12.44
C LYS B 40 3.66 -15.95 -11.80
N THR B 41 4.94 -15.63 -11.57
CA THR B 41 5.33 -14.36 -10.98
C THR B 41 5.24 -13.27 -12.02
N LYS B 42 4.76 -12.09 -11.61
CA LYS B 42 4.63 -10.94 -12.49
C LYS B 42 5.95 -10.18 -12.40
N ILE B 43 6.75 -10.25 -13.46
CA ILE B 43 8.05 -9.61 -13.47
C ILE B 43 8.12 -8.33 -14.29
N GLY B 44 9.01 -7.43 -13.87
CA GLY B 44 9.20 -6.16 -14.55
C GLY B 44 10.66 -5.91 -14.93
N SER B 45 11.10 -4.66 -14.75
CA SER B 45 12.47 -4.30 -15.08
C SER B 45 13.48 -4.74 -14.03
N GLY B 46 14.66 -5.16 -14.50
CA GLY B 46 15.71 -5.60 -13.62
C GLY B 46 15.69 -7.10 -13.35
N ILE B 47 14.58 -7.73 -13.71
CA ILE B 47 14.41 -9.16 -13.48
C ILE B 47 14.10 -9.91 -14.78
N ASP B 48 14.60 -11.15 -14.85
CA ASP B 48 14.41 -11.99 -16.02
C ASP B 48 14.30 -13.47 -15.63
N TYR B 49 13.89 -14.30 -16.59
CA TYR B 49 13.73 -15.73 -16.35
C TYR B 49 14.86 -16.61 -16.85
N ASN B 50 15.30 -17.51 -15.98
CA ASN B 50 16.36 -18.46 -16.28
C ASN B 50 15.80 -19.43 -17.32
N GLU B 51 16.67 -20.20 -17.95
CA GLU B 51 16.24 -21.18 -18.93
C GLU B 51 15.52 -22.25 -18.12
N ASN B 52 16.01 -22.45 -16.90
CA ASN B 52 15.46 -23.43 -15.97
C ASN B 52 14.12 -22.89 -15.48
N GLY B 53 13.82 -21.64 -15.83
CA GLY B 53 12.57 -21.02 -15.43
C GLY B 53 12.67 -20.22 -14.14
N ALA B 54 13.86 -20.18 -13.55
CA ALA B 54 14.09 -19.44 -12.31
C ALA B 54 14.14 -17.94 -12.57
N MET B 55 13.99 -17.15 -11.51
CA MET B 55 14.05 -15.70 -11.62
C MET B 55 15.45 -15.20 -11.31
N ILE B 56 15.97 -14.33 -12.16
CA ILE B 56 17.29 -13.78 -11.97
C ILE B 56 17.31 -12.29 -12.33
N THR B 57 18.20 -11.54 -11.69
CA THR B 57 18.32 -10.11 -11.95
C THR B 57 18.94 -9.91 -13.33
N LYS B 58 18.32 -9.09 -14.16
CA LYS B 58 18.82 -8.82 -15.51
C LYS B 58 19.92 -7.77 -15.49
N LEU B 59 21.17 -8.22 -15.54
CA LEU B 59 22.32 -7.31 -15.49
C LEU B 59 22.74 -6.75 -16.84
N GLY B 60 23.05 -5.45 -16.85
CA GLY B 60 23.47 -4.79 -18.07
C GLY B 60 24.92 -4.33 -18.01
N ALA B 61 25.24 -3.29 -18.75
CA ALA B 61 26.60 -2.74 -18.81
C ALA B 61 27.16 -2.36 -17.44
N GLY B 62 28.37 -2.84 -17.16
CA GLY B 62 29.02 -2.52 -15.89
C GLY B 62 28.82 -3.48 -14.74
N LEU B 63 27.87 -4.41 -14.86
CA LEU B 63 27.60 -5.35 -13.79
C LEU B 63 27.75 -6.82 -14.20
N SER B 64 27.91 -7.68 -13.21
CA SER B 64 28.06 -9.10 -13.46
C SER B 64 27.93 -9.88 -12.16
N PHE B 65 27.79 -11.19 -12.27
CA PHE B 65 27.67 -12.06 -11.10
C PHE B 65 29.04 -12.61 -10.74
N ASP B 66 29.29 -12.77 -9.45
CA ASP B 66 30.56 -13.34 -9.03
C ASP B 66 30.32 -14.78 -8.63
N ASN B 67 31.31 -15.41 -8.02
CA ASN B 67 31.19 -16.80 -7.58
C ASN B 67 29.86 -17.08 -6.88
N SER B 68 29.69 -16.48 -5.70
CA SER B 68 28.47 -16.66 -4.92
C SER B 68 27.20 -16.21 -5.62
N GLY B 69 27.30 -15.87 -6.91
CA GLY B 69 26.13 -15.45 -7.66
C GLY B 69 25.60 -14.07 -7.30
N ALA B 70 26.33 -13.33 -6.48
CA ALA B 70 25.92 -11.99 -6.08
C ALA B 70 26.20 -11.01 -7.22
N ILE B 71 25.51 -9.87 -7.20
CA ILE B 71 25.69 -8.84 -8.23
C ILE B 71 26.92 -8.00 -7.87
N THR B 72 27.88 -7.93 -8.79
CA THR B 72 29.08 -7.13 -8.53
C THR B 72 29.37 -6.20 -9.68
N ILE B 73 30.22 -5.21 -9.41
CA ILE B 73 30.60 -4.24 -10.41
C ILE B 73 31.78 -4.83 -11.17
N GLY B 74 31.75 -4.70 -12.49
CA GLY B 74 32.84 -5.22 -13.30
C GLY B 74 32.35 -6.11 -14.43
N ASN B 75 33.08 -6.07 -15.55
CA ASN B 75 32.76 -6.86 -16.73
C ASN B 75 34.03 -7.35 -17.39
N LYS B 76 34.16 -8.65 -17.59
CA LYS B 76 35.34 -9.20 -18.24
C LYS B 76 35.11 -9.38 -19.74
N ASN B 77 34.35 -10.41 -20.10
CA ASN B 77 34.09 -10.73 -21.51
C ASN B 77 33.22 -9.77 -22.32
N ASP B 78 33.01 -8.55 -21.80
CA ASP B 78 32.23 -7.55 -22.51
C ASP B 78 32.05 -6.35 -21.61
N ASP B 79 32.76 -5.28 -21.94
CA ASP B 79 32.74 -4.05 -21.16
C ASP B 79 32.41 -2.85 -22.03
N LYS B 80 31.13 -2.46 -22.04
CA LYS B 80 30.69 -1.31 -22.83
C LYS B 80 30.84 0.01 -22.10
N LEU B 81 31.68 -0.01 -21.06
CA LEU B 81 31.98 1.19 -20.30
C LEU B 81 33.45 1.50 -20.56
N THR B 82 33.97 0.92 -21.64
CA THR B 82 35.35 1.13 -22.07
C THR B 82 35.38 1.08 -23.58
N LEU B 83 35.85 2.15 -24.20
CA LEU B 83 35.97 2.24 -25.65
C LEU B 83 37.45 2.43 -25.89
N TRP B 84 38.09 1.50 -26.57
CA TRP B 84 39.51 1.61 -26.80
C TRP B 84 39.98 1.10 -28.15
N THR B 85 41.30 1.04 -28.29
CA THR B 85 41.98 0.58 -29.49
C THR B 85 42.66 -0.73 -29.14
N THR B 86 42.34 -1.26 -27.96
CA THR B 86 42.93 -2.47 -27.39
C THR B 86 44.25 -2.03 -26.79
N PRO B 87 44.68 -2.69 -25.71
CA PRO B 87 45.93 -2.34 -25.03
C PRO B 87 47.22 -2.47 -25.82
N ASP B 88 47.21 -3.29 -26.87
CA ASP B 88 48.41 -3.51 -27.68
C ASP B 88 48.14 -3.39 -29.19
N PRO B 89 47.67 -2.22 -29.64
CA PRO B 89 47.38 -2.03 -31.07
C PRO B 89 48.52 -2.27 -32.04
N SER B 90 48.21 -2.85 -33.20
CA SER B 90 49.21 -3.06 -34.24
C SER B 90 49.19 -1.70 -34.92
N PRO B 91 50.05 -1.48 -35.93
CA PRO B 91 49.98 -0.15 -36.56
C PRO B 91 48.51 0.09 -36.86
N ASN B 92 47.96 1.21 -36.39
CA ASN B 92 46.53 1.47 -36.59
C ASN B 92 46.22 2.94 -36.76
N CYS B 93 47.25 3.74 -36.96
CA CYS B 93 47.08 5.17 -37.07
C CYS B 93 47.99 5.77 -38.13
N ARG B 94 47.59 6.94 -38.62
CA ARG B 94 48.36 7.61 -39.64
C ARG B 94 48.76 9.03 -39.23
N ILE B 95 50.05 9.28 -39.18
CA ILE B 95 50.53 10.60 -38.84
C ILE B 95 50.92 11.32 -40.12
N HIS B 96 51.74 10.66 -40.96
CA HIS B 96 52.15 11.24 -42.24
C HIS B 96 51.76 10.30 -43.38
N SER B 97 52.15 9.04 -43.24
CA SER B 97 51.83 8.01 -44.22
C SER B 97 51.06 6.90 -43.50
N ASP B 98 50.30 6.11 -44.24
CA ASP B 98 49.48 5.04 -43.67
C ASP B 98 50.19 4.05 -42.76
N ASN B 99 49.51 3.67 -41.67
CA ASN B 99 50.01 2.72 -40.69
C ASN B 99 51.44 2.99 -40.23
N ASP B 100 51.75 4.24 -39.98
CA ASP B 100 53.10 4.61 -39.55
C ASP B 100 53.14 4.81 -38.05
N CYS B 101 52.05 4.46 -37.37
CA CYS B 101 51.99 4.67 -35.94
C CYS B 101 51.07 3.73 -35.18
N LYS B 102 51.49 3.39 -33.97
CA LYS B 102 50.68 2.56 -33.07
C LYS B 102 50.10 3.52 -32.06
N PHE B 103 48.83 3.86 -32.24
CA PHE B 103 48.15 4.79 -31.34
C PHE B 103 47.35 4.02 -30.30
N THR B 104 47.64 4.22 -29.03
CA THR B 104 46.92 3.57 -27.96
C THR B 104 46.09 4.61 -27.21
N LEU B 105 44.79 4.32 -27.05
CA LEU B 105 43.89 5.24 -26.37
C LEU B 105 42.80 4.45 -25.66
N VAL B 106 42.66 4.67 -24.37
CA VAL B 106 41.65 3.97 -23.62
C VAL B 106 40.72 4.98 -22.97
N LEU B 107 39.43 4.88 -23.30
CA LEU B 107 38.43 5.78 -22.72
C LEU B 107 37.58 4.94 -21.78
N THR B 108 37.58 5.27 -20.50
CA THR B 108 36.80 4.53 -19.52
C THR B 108 35.79 5.46 -18.88
N LYS B 109 34.51 5.11 -18.96
CA LYS B 109 33.48 5.95 -18.39
C LYS B 109 33.39 5.88 -16.88
N CYS B 110 33.47 7.04 -16.25
CA CYS B 110 33.38 7.15 -14.81
C CYS B 110 32.26 8.12 -14.50
N GLY B 111 31.07 7.79 -14.98
CA GLY B 111 29.92 8.64 -14.75
C GLY B 111 29.92 9.88 -15.62
N SER B 112 29.99 11.03 -14.97
CA SER B 112 30.01 12.31 -15.66
C SER B 112 31.31 12.62 -16.37
N GLN B 113 32.34 11.79 -16.16
CA GLN B 113 33.63 12.01 -16.82
C GLN B 113 34.17 10.75 -17.44
N VAL B 114 35.03 10.92 -18.44
CA VAL B 114 35.68 9.81 -19.09
C VAL B 114 37.11 9.89 -18.59
N LEU B 115 37.63 8.78 -18.06
CA LEU B 115 39.02 8.75 -17.59
C LEU B 115 39.77 8.19 -18.79
N ALA B 116 40.87 8.84 -19.17
CA ALA B 116 41.60 8.38 -20.34
C ALA B 116 43.08 8.26 -20.15
N THR B 117 43.70 7.42 -20.99
CA THR B 117 45.14 7.23 -20.99
C THR B 117 45.54 7.17 -22.45
N VAL B 118 46.61 7.90 -22.81
CA VAL B 118 47.04 7.94 -24.20
C VAL B 118 48.54 7.69 -24.35
N ALA B 119 48.96 7.20 -25.52
CA ALA B 119 50.36 6.91 -25.82
C ALA B 119 50.49 6.60 -27.32
N ALA B 120 51.53 7.13 -27.97
CA ALA B 120 51.73 6.88 -29.40
C ALA B 120 53.15 6.44 -29.68
N LEU B 121 53.36 5.81 -30.82
CA LEU B 121 54.67 5.30 -31.21
C LEU B 121 54.75 5.16 -32.73
N ALA B 122 55.78 5.73 -33.32
CA ALA B 122 55.99 5.65 -34.75
C ALA B 122 56.62 4.31 -35.04
N VAL B 123 56.27 3.74 -36.19
CA VAL B 123 56.79 2.44 -36.57
C VAL B 123 57.21 2.38 -38.04
N SER B 124 57.78 3.47 -38.54
CA SER B 124 58.21 3.53 -39.94
C SER B 124 59.38 4.49 -40.18
N GLY B 125 59.78 5.23 -39.16
CA GLY B 125 60.89 6.17 -39.33
C GLY B 125 61.03 7.18 -38.21
N ASP B 126 61.92 8.16 -38.40
CA ASP B 126 62.13 9.19 -37.39
C ASP B 126 61.23 10.40 -37.57
N LEU B 127 61.43 11.39 -36.71
CA LEU B 127 60.64 12.62 -36.73
C LEU B 127 60.79 13.45 -37.98
N SER B 128 61.98 13.48 -38.55
CA SER B 128 62.20 14.26 -39.75
C SER B 128 61.33 13.75 -40.89
N SER B 129 61.19 12.43 -40.98
CA SER B 129 60.40 11.79 -42.03
C SER B 129 58.88 11.88 -41.85
N MET B 130 58.43 12.60 -40.83
CA MET B 130 57.00 12.74 -40.57
C MET B 130 56.62 14.20 -40.44
N THR B 131 57.60 15.08 -40.61
CA THR B 131 57.36 16.50 -40.43
C THR B 131 57.64 17.46 -41.59
N GLY B 132 58.80 18.12 -41.55
CA GLY B 132 59.14 19.07 -42.58
C GLY B 132 58.68 20.46 -42.13
N THR B 133 59.60 21.23 -41.54
CA THR B 133 59.35 22.58 -41.04
C THR B 133 58.11 22.58 -40.13
N VAL B 134 57.72 21.38 -39.72
CA VAL B 134 56.55 21.20 -38.86
C VAL B 134 56.91 21.41 -37.39
N ALA B 135 57.61 20.43 -36.82
CA ALA B 135 58.02 20.45 -35.42
C ALA B 135 56.81 20.09 -34.55
N SER B 136 56.00 19.17 -35.06
CA SER B 136 54.81 18.72 -34.35
C SER B 136 54.19 17.48 -35.00
N VAL B 137 53.33 16.80 -34.24
CA VAL B 137 52.66 15.61 -34.70
C VAL B 137 51.26 15.67 -34.14
N SER B 138 50.27 15.50 -35.01
CA SER B 138 48.86 15.54 -34.63
C SER B 138 48.13 14.25 -34.98
N ILE B 139 47.18 13.88 -34.13
CA ILE B 139 46.37 12.69 -34.33
C ILE B 139 44.98 13.12 -33.95
N PHE B 140 44.07 13.07 -34.91
CA PHE B 140 42.70 13.50 -34.66
C PHE B 140 41.62 12.44 -34.81
N LEU B 141 40.64 12.54 -33.92
CA LEU B 141 39.51 11.65 -33.88
C LEU B 141 38.25 12.49 -34.10
N ARG B 142 37.48 12.18 -35.14
CA ARG B 142 36.25 12.89 -35.47
C ARG B 142 35.11 11.91 -35.29
N PHE B 143 34.02 12.37 -34.69
CA PHE B 143 32.89 11.49 -34.43
C PHE B 143 31.57 12.08 -34.94
N ASP B 144 30.67 11.22 -35.41
CA ASP B 144 29.36 11.66 -35.90
C ASP B 144 28.41 11.88 -34.72
N GLN B 145 27.15 12.18 -34.99
CA GLN B 145 26.18 12.44 -33.91
C GLN B 145 25.89 11.25 -32.98
N ASN B 146 26.38 10.08 -33.33
CA ASN B 146 26.15 8.91 -32.49
C ASN B 146 27.41 8.51 -31.72
N GLY B 147 28.52 9.17 -32.03
CA GLY B 147 29.77 8.85 -31.36
C GLY B 147 30.56 7.82 -32.16
N VAL B 148 30.16 7.64 -33.41
CA VAL B 148 30.83 6.68 -34.28
C VAL B 148 31.98 7.36 -35.03
N LEU B 149 33.14 6.72 -34.99
CA LEU B 149 34.33 7.24 -35.65
C LEU B 149 34.09 7.49 -37.13
N MET B 150 34.53 8.64 -37.62
CA MET B 150 34.37 9.02 -39.02
C MET B 150 35.65 8.76 -39.82
N GLU B 151 35.52 8.76 -41.15
CA GLU B 151 36.64 8.51 -42.05
C GLU B 151 37.77 9.53 -41.94
N ASN B 152 37.43 10.80 -41.78
CA ASN B 152 38.46 11.83 -41.67
C ASN B 152 39.02 11.85 -40.24
N SER B 153 39.71 10.77 -39.91
CA SER B 153 40.35 10.59 -38.61
C SER B 153 41.69 9.91 -38.86
N SER B 154 42.63 10.06 -37.94
CA SER B 154 43.95 9.46 -38.07
C SER B 154 43.92 7.97 -37.71
N LEU B 155 42.93 7.56 -36.92
CA LEU B 155 42.82 6.19 -36.46
C LEU B 155 41.98 5.31 -37.35
N LYS B 156 42.50 4.13 -37.69
CA LYS B 156 41.73 3.21 -38.53
C LYS B 156 40.50 2.75 -37.75
N LYS B 157 39.39 2.63 -38.44
CA LYS B 157 38.12 2.25 -37.83
C LYS B 157 38.03 0.85 -37.24
N HIS B 158 38.65 -0.12 -37.91
CA HIS B 158 38.57 -1.51 -37.50
C HIS B 158 38.64 -1.85 -36.00
N TYR B 159 39.69 -1.47 -35.31
CA TYR B 159 39.79 -1.83 -33.89
C TYR B 159 39.52 -0.76 -32.84
N TRP B 160 38.58 0.12 -33.13
CA TRP B 160 38.17 1.17 -32.20
C TRP B 160 36.77 0.74 -31.80
N ASN B 161 36.67 0.00 -30.70
CA ASN B 161 35.38 -0.52 -30.27
C ASN B 161 35.38 -0.71 -28.76
N PHE B 162 34.25 -1.17 -28.25
CA PHE B 162 34.13 -1.44 -26.83
C PHE B 162 35.03 -2.61 -26.50
N ARG B 163 35.37 -2.74 -25.22
CA ARG B 163 36.26 -3.79 -24.75
C ARG B 163 35.64 -5.18 -24.61
N ASN B 164 36.47 -6.20 -24.86
CA ASN B 164 36.09 -7.60 -24.70
C ASN B 164 37.38 -8.30 -24.30
N GLY B 165 37.59 -8.42 -22.99
CA GLY B 165 38.83 -9.03 -22.52
C GLY B 165 39.95 -8.06 -22.82
N ASN B 166 40.94 -8.50 -23.57
CA ASN B 166 42.06 -7.65 -23.95
C ASN B 166 41.95 -7.31 -25.44
N SER B 167 40.75 -7.48 -25.98
CA SER B 167 40.52 -7.20 -27.38
C SER B 167 39.25 -6.38 -27.51
N THR B 168 38.67 -6.36 -28.70
CA THR B 168 37.46 -5.60 -28.91
C THR B 168 36.23 -6.45 -29.17
N ASN B 169 35.10 -5.77 -29.28
CA ASN B 169 33.81 -6.39 -29.53
C ASN B 169 33.78 -6.89 -30.96
N ALA B 170 33.28 -8.11 -31.15
CA ALA B 170 33.22 -8.70 -32.48
C ALA B 170 32.46 -7.80 -33.44
N ASN B 171 31.46 -7.11 -32.91
CA ASN B 171 30.61 -6.23 -33.70
C ASN B 171 30.90 -4.75 -33.51
N PRO B 172 30.85 -3.97 -34.61
CA PRO B 172 31.09 -2.53 -34.59
C PRO B 172 30.05 -1.83 -33.73
N TYR B 173 30.48 -0.90 -32.87
CA TYR B 173 29.52 -0.21 -32.02
C TYR B 173 28.72 0.81 -32.83
N THR B 174 27.44 0.99 -32.48
CA THR B 174 26.59 1.94 -33.19
C THR B 174 26.33 3.24 -32.41
N ASN B 175 26.64 3.24 -31.12
CA ASN B 175 26.44 4.43 -30.30
C ASN B 175 27.34 4.49 -29.09
N ALA B 176 28.12 5.57 -29.00
CA ALA B 176 29.04 5.79 -27.89
C ALA B 176 29.00 7.26 -27.47
N VAL B 177 27.85 7.90 -27.63
CA VAL B 177 27.71 9.31 -27.25
C VAL B 177 28.14 9.50 -25.80
N GLY B 178 27.94 8.47 -24.99
CA GLY B 178 28.32 8.55 -23.59
C GLY B 178 29.81 8.75 -23.38
N PHE B 179 30.61 8.55 -24.43
CA PHE B 179 32.06 8.72 -24.33
C PHE B 179 32.52 10.01 -24.98
N MET B 180 31.59 10.76 -25.56
CA MET B 180 31.97 12.00 -26.23
C MET B 180 32.16 13.16 -25.27
N PRO B 181 33.03 14.10 -25.63
CA PRO B 181 33.30 15.29 -24.81
C PRO B 181 32.01 16.13 -24.79
N ASN B 182 31.61 16.59 -23.62
CA ASN B 182 30.40 17.40 -23.46
C ASN B 182 30.41 18.66 -24.36
N LEU B 183 29.34 18.90 -25.12
CA LEU B 183 29.30 20.08 -26.00
C LEU B 183 29.14 21.43 -25.30
N LEU B 184 28.46 21.45 -24.16
CA LEU B 184 28.30 22.70 -23.44
C LEU B 184 29.64 23.10 -22.81
N ALA B 185 30.34 22.15 -22.23
CA ALA B 185 31.63 22.45 -21.61
C ALA B 185 32.67 22.77 -22.67
N TYR B 186 32.69 21.99 -23.75
CA TYR B 186 33.65 22.18 -24.84
C TYR B 186 32.91 22.32 -26.16
N PRO B 187 32.54 23.56 -26.55
CA PRO B 187 31.82 23.79 -27.81
C PRO B 187 32.62 23.61 -29.09
N LYS B 188 31.91 23.64 -30.21
CA LYS B 188 32.53 23.55 -31.52
C LYS B 188 32.78 25.01 -31.85
N THR B 189 33.99 25.33 -32.30
CA THR B 189 34.30 26.72 -32.60
C THR B 189 35.63 26.86 -33.32
N GLN B 190 35.74 27.85 -34.20
CA GLN B 190 36.99 28.08 -34.91
C GLN B 190 37.94 28.81 -33.95
N SER B 191 37.38 29.15 -32.78
CA SER B 191 38.11 29.86 -31.72
C SER B 191 38.76 28.91 -30.73
N GLN B 192 40.02 29.14 -30.38
CA GLN B 192 40.72 28.29 -29.42
C GLN B 192 40.40 28.64 -27.97
N THR B 193 39.26 28.17 -27.47
CA THR B 193 38.87 28.46 -26.09
C THR B 193 39.74 27.67 -25.12
N ALA B 194 40.45 28.37 -24.24
CA ALA B 194 41.34 27.75 -23.26
C ALA B 194 40.82 26.49 -22.57
N LYS B 195 39.56 26.54 -22.15
CA LYS B 195 38.95 25.42 -21.47
C LYS B 195 38.80 24.16 -22.35
N ASN B 196 38.76 24.35 -23.67
CA ASN B 196 38.63 23.23 -24.62
C ASN B 196 39.87 22.36 -24.67
N ASN B 197 41.01 22.89 -24.22
CA ASN B 197 42.24 22.11 -24.27
C ASN B 197 42.77 21.69 -22.91
N ILE B 198 43.75 20.80 -22.96
CA ILE B 198 44.43 20.33 -21.76
C ILE B 198 45.86 20.42 -22.27
N VAL B 199 46.71 21.18 -21.57
CA VAL B 199 48.08 21.36 -22.04
C VAL B 199 49.13 21.01 -20.99
N SER B 200 50.07 20.15 -21.37
CA SER B 200 51.12 19.74 -20.45
C SER B 200 52.46 19.55 -21.12
N GLN B 201 53.52 19.68 -20.34
CA GLN B 201 54.84 19.45 -20.87
C GLN B 201 55.12 17.99 -20.63
N VAL B 202 55.50 17.28 -21.70
CA VAL B 202 55.82 15.86 -21.60
C VAL B 202 57.25 15.72 -22.09
N TYR B 203 57.75 14.48 -22.09
CA TYR B 203 59.10 14.21 -22.51
C TYR B 203 59.17 13.07 -23.51
N LEU B 204 59.95 13.26 -24.58
CA LEU B 204 60.10 12.26 -25.62
C LEU B 204 60.99 11.14 -25.07
N HIS B 205 60.47 9.92 -25.03
CA HIS B 205 61.21 8.77 -24.51
C HIS B 205 61.43 8.94 -23.01
N GLY B 206 60.65 9.83 -22.40
CA GLY B 206 60.80 10.07 -20.97
C GLY B 206 62.15 10.65 -20.63
N ASP B 207 62.78 11.32 -21.61
CA ASP B 207 64.08 11.93 -21.42
C ASP B 207 63.90 13.38 -20.98
N LYS B 208 64.28 13.71 -19.75
CA LYS B 208 64.12 15.07 -19.24
C LYS B 208 64.69 16.17 -20.14
N THR B 209 65.68 15.83 -20.97
CA THR B 209 66.30 16.79 -21.87
C THR B 209 65.62 16.93 -23.23
N LYS B 210 64.58 16.14 -23.47
CA LYS B 210 63.85 16.20 -24.73
C LYS B 210 62.37 16.51 -24.50
N PRO B 211 62.08 17.68 -23.90
CA PRO B 211 60.70 18.11 -23.61
C PRO B 211 59.88 18.42 -24.86
N MET B 212 58.57 18.31 -24.68
CA MET B 212 57.61 18.62 -25.72
C MET B 212 56.37 19.14 -25.01
N ILE B 213 55.48 19.77 -25.76
CA ILE B 213 54.23 20.21 -25.17
C ILE B 213 53.16 19.32 -25.78
N LEU B 214 52.21 18.88 -24.96
CA LEU B 214 51.12 18.04 -25.42
C LEU B 214 49.85 18.84 -25.30
N THR B 215 49.17 19.03 -26.42
CA THR B 215 47.91 19.77 -26.45
C THR B 215 46.79 18.86 -26.89
N ILE B 216 45.84 18.62 -26.00
CA ILE B 216 44.68 17.80 -26.30
C ILE B 216 43.51 18.76 -26.54
N THR B 217 42.77 18.56 -27.62
CA THR B 217 41.65 19.45 -27.91
C THR B 217 40.35 18.68 -27.88
N LEU B 218 39.38 19.18 -27.11
CA LEU B 218 38.08 18.54 -27.03
C LEU B 218 37.11 19.40 -27.85
N ASN B 219 36.58 18.79 -28.91
CA ASN B 219 35.67 19.47 -29.82
C ASN B 219 36.33 20.72 -30.37
N GLY B 220 35.74 21.87 -30.10
CA GLY B 220 36.32 23.11 -30.58
C GLY B 220 37.04 23.03 -31.90
N THR B 221 38.23 23.62 -31.95
CA THR B 221 39.02 23.64 -33.16
C THR B 221 39.46 22.29 -33.69
N SER B 222 39.01 21.19 -33.08
CA SER B 222 39.41 19.89 -33.60
C SER B 222 38.27 19.29 -34.45
N GLU B 223 37.13 19.98 -34.45
CA GLU B 223 35.97 19.55 -35.21
C GLU B 223 36.22 19.74 -36.71
N SER B 224 35.71 18.79 -37.49
CA SER B 224 35.83 18.84 -38.94
C SER B 224 34.65 19.62 -39.49
N THR B 225 34.91 20.56 -40.39
CA THR B 225 33.85 21.37 -40.97
C THR B 225 33.70 21.12 -42.47
N GLU B 226 34.52 20.21 -42.97
CA GLU B 226 34.55 19.83 -44.36
C GLU B 226 33.17 19.41 -44.88
N THR B 227 32.87 19.79 -46.13
CA THR B 227 31.59 19.44 -46.75
C THR B 227 31.43 17.92 -46.75
N SER B 228 30.29 17.44 -46.25
CA SER B 228 29.99 16.01 -46.21
C SER B 228 30.61 15.24 -45.06
N GLU B 229 31.65 15.81 -44.44
CA GLU B 229 32.33 15.18 -43.30
C GLU B 229 32.39 16.11 -42.11
N VAL B 230 31.24 16.63 -41.70
CA VAL B 230 31.17 17.55 -40.58
C VAL B 230 30.95 16.81 -39.27
N SER B 231 31.97 16.72 -38.45
CA SER B 231 31.86 16.01 -37.18
C SER B 231 30.99 16.75 -36.17
N THR B 232 30.46 15.99 -35.22
CA THR B 232 29.63 16.53 -34.16
C THR B 232 30.54 16.65 -32.93
N TYR B 233 31.34 15.61 -32.70
CA TYR B 233 32.28 15.55 -31.57
C TYR B 233 33.67 15.27 -32.13
N SER B 234 34.70 15.57 -31.35
CA SER B 234 36.05 15.32 -31.81
C SER B 234 37.08 15.53 -30.72
N MET B 235 38.27 14.98 -30.93
CA MET B 235 39.37 15.19 -30.03
C MET B 235 40.69 14.99 -30.80
N SER B 236 41.70 15.78 -30.46
CA SER B 236 42.97 15.66 -31.14
C SER B 236 44.12 15.70 -30.14
N PHE B 237 45.25 15.14 -30.52
CA PHE B 237 46.43 15.11 -29.66
C PHE B 237 47.57 15.69 -30.47
N THR B 238 48.06 16.85 -30.05
CA THR B 238 49.14 17.51 -30.77
C THR B 238 50.38 17.68 -29.90
N TRP B 239 51.50 17.16 -30.40
CA TRP B 239 52.78 17.26 -29.71
C TRP B 239 53.62 18.22 -30.52
N SER B 240 54.11 19.26 -29.87
CA SER B 240 54.94 20.26 -30.53
C SER B 240 56.19 20.51 -29.70
N TRP B 241 57.27 20.85 -30.38
CA TRP B 241 58.55 21.10 -29.74
C TRP B 241 59.27 22.17 -30.52
N GLU B 242 60.44 22.58 -30.04
CA GLU B 242 61.22 23.62 -30.70
C GLU B 242 61.77 23.15 -32.05
N SER B 243 61.45 23.92 -33.07
CA SER B 243 61.88 23.62 -34.44
C SER B 243 63.33 23.23 -34.56
N GLY B 244 63.61 22.29 -35.45
CA GLY B 244 64.98 21.85 -35.65
C GLY B 244 65.45 20.80 -34.66
N LYS B 245 64.72 20.63 -33.57
CA LYS B 245 65.10 19.63 -32.58
C LYS B 245 64.59 18.22 -32.88
N TYR B 246 65.28 17.23 -32.32
CA TYR B 246 64.91 15.82 -32.47
C TYR B 246 64.52 15.39 -33.88
N THR B 247 65.41 15.51 -34.86
CA THR B 247 65.06 15.11 -36.22
C THR B 247 65.37 13.64 -36.51
N THR B 248 66.32 13.08 -35.77
CA THR B 248 66.69 11.68 -35.96
C THR B 248 66.09 10.79 -34.88
N GLU B 249 65.27 11.38 -34.00
CA GLU B 249 64.64 10.62 -32.94
C GLU B 249 63.39 9.94 -33.49
N THR B 250 62.98 8.84 -32.85
CA THR B 250 61.76 8.15 -33.27
C THR B 250 60.68 8.68 -32.32
N PHE B 251 59.48 8.90 -32.85
CA PHE B 251 58.41 9.43 -32.00
C PHE B 251 57.83 8.40 -31.06
N ALA B 252 58.13 8.54 -29.78
CA ALA B 252 57.63 7.63 -28.74
C ALA B 252 57.26 8.45 -27.53
N THR B 253 56.04 8.30 -27.04
CA THR B 253 55.59 9.05 -25.88
C THR B 253 55.35 8.16 -24.66
N ASN B 254 55.26 8.79 -23.49
CA ASN B 254 54.99 8.06 -22.27
C ASN B 254 53.48 8.06 -22.17
N SER B 255 52.93 7.20 -21.33
CA SER B 255 51.49 7.14 -21.18
C SER B 255 51.06 8.42 -20.50
N TYR B 256 49.93 8.96 -20.95
CA TYR B 256 49.41 10.19 -20.39
C TYR B 256 48.00 10.03 -19.88
N THR B 257 47.79 10.42 -18.62
CA THR B 257 46.46 10.32 -18.03
C THR B 257 45.70 11.64 -18.11
N PHE B 258 44.41 11.59 -18.37
CA PHE B 258 43.61 12.81 -18.43
C PHE B 258 42.13 12.47 -18.39
N SER B 259 41.29 13.46 -18.13
CA SER B 259 39.86 13.23 -18.05
C SER B 259 39.08 14.40 -18.62
N TYR B 260 37.79 14.17 -18.86
CA TYR B 260 36.95 15.24 -19.38
C TYR B 260 35.50 14.92 -19.11
N ILE B 261 34.67 15.96 -19.16
CA ILE B 261 33.23 15.84 -18.93
C ILE B 261 32.59 15.17 -20.15
N ALA B 262 31.83 14.10 -19.88
CA ALA B 262 31.20 13.37 -20.95
C ALA B 262 29.92 14.04 -21.42
N GLN B 263 29.55 13.77 -22.68
CA GLN B 263 28.34 14.33 -23.29
C GLN B 263 27.10 13.92 -22.50
N GLU B 264 27.04 12.64 -22.12
CA GLU B 264 25.91 12.12 -21.37
C GLU B 264 26.38 11.06 -20.38
N VAL C 1 -16.96 -30.64 -7.69
CA VAL C 1 -15.99 -29.52 -7.47
C VAL C 1 -15.62 -28.86 -8.80
N SER C 2 -15.98 -27.60 -8.95
CA SER C 2 -15.66 -26.88 -10.17
C SER C 2 -14.52 -25.90 -9.87
N ILE C 3 -13.45 -26.00 -10.64
CA ILE C 3 -12.31 -25.11 -10.46
C ILE C 3 -12.17 -24.21 -11.68
N LYS C 4 -11.43 -23.12 -11.53
CA LYS C 4 -11.24 -22.19 -12.64
C LYS C 4 -9.81 -22.33 -13.16
N LYS C 5 -9.61 -23.32 -14.02
CA LYS C 5 -8.28 -23.59 -14.61
C LYS C 5 -7.68 -22.34 -15.24
N SER C 6 -8.54 -21.35 -15.51
CA SER C 6 -8.12 -20.10 -16.11
C SER C 6 -7.37 -19.24 -15.10
N SER C 7 -7.24 -19.74 -13.87
CA SER C 7 -6.54 -19.01 -12.83
C SER C 7 -5.67 -19.86 -11.90
N GLY C 8 -4.67 -20.52 -12.47
CA GLY C 8 -3.72 -21.32 -11.70
C GLY C 8 -4.12 -22.62 -11.01
N LEU C 9 -5.26 -23.19 -11.37
CA LEU C 9 -5.68 -24.45 -10.75
C LEU C 9 -5.93 -25.54 -11.77
N ASN C 10 -5.55 -26.77 -11.42
CA ASN C 10 -5.74 -27.92 -12.30
C ASN C 10 -5.91 -29.21 -11.49
N PHE C 11 -5.88 -30.36 -12.18
CA PHE C 11 -6.04 -31.66 -11.56
C PHE C 11 -4.85 -32.61 -11.77
N ASP C 12 -4.80 -33.67 -10.95
CA ASP C 12 -3.78 -34.71 -11.02
C ASP C 12 -4.46 -35.99 -10.56
N ASN C 13 -5.08 -36.70 -11.50
CA ASN C 13 -5.80 -37.93 -11.18
C ASN C 13 -7.02 -37.48 -10.38
N THR C 14 -7.66 -36.42 -10.87
CA THR C 14 -8.85 -35.84 -10.26
C THR C 14 -8.56 -35.25 -8.87
N ALA C 15 -7.29 -34.91 -8.65
CA ALA C 15 -6.87 -34.30 -7.38
C ALA C 15 -6.47 -32.86 -7.67
N ILE C 16 -7.15 -31.92 -7.02
CA ILE C 16 -6.86 -30.49 -7.21
C ILE C 16 -5.44 -30.12 -6.78
N ALA C 17 -4.83 -29.25 -7.57
CA ALA C 17 -3.46 -28.78 -7.30
C ALA C 17 -3.21 -27.48 -8.05
N ILE C 18 -2.43 -26.58 -7.47
CA ILE C 18 -2.13 -25.31 -8.12
C ILE C 18 -1.08 -25.52 -9.21
N ASN C 19 -1.40 -25.06 -10.41
CA ASN C 19 -0.51 -25.23 -11.55
C ASN C 19 0.50 -24.08 -11.64
N ALA C 20 1.60 -24.22 -10.92
CA ALA C 20 2.68 -23.23 -10.87
C ALA C 20 3.60 -23.33 -12.05
N GLY C 21 3.95 -22.18 -12.63
CA GLY C 21 4.85 -22.15 -13.77
C GLY C 21 6.17 -21.43 -13.49
N LYS C 22 6.36 -20.31 -14.19
CA LYS C 22 7.57 -19.49 -14.08
C LYS C 22 7.73 -18.79 -12.73
N GLY C 23 8.98 -18.66 -12.29
CA GLY C 23 9.25 -18.01 -11.02
C GLY C 23 8.65 -18.70 -9.82
N LEU C 24 7.95 -19.81 -10.06
CA LEU C 24 7.30 -20.56 -8.98
C LEU C 24 7.61 -22.05 -9.04
N GLU C 25 7.67 -22.67 -7.86
CA GLU C 25 7.95 -24.09 -7.76
C GLU C 25 7.56 -24.61 -6.38
N PHE C 26 7.69 -25.92 -6.17
CA PHE C 26 7.35 -26.53 -4.88
C PHE C 26 8.60 -26.93 -4.11
N ASP C 27 8.70 -26.46 -2.86
CA ASP C 27 9.84 -26.76 -2.00
C ASP C 27 9.90 -28.26 -1.74
N THR C 28 10.86 -28.95 -2.37
CA THR C 28 11.02 -30.39 -2.21
C THR C 28 11.67 -30.75 -0.88
N ASN C 29 12.58 -29.91 -0.41
CA ASN C 29 13.29 -30.14 0.84
C ASN C 29 12.53 -29.70 2.08
N THR C 30 11.25 -30.06 2.14
CA THR C 30 10.39 -29.72 3.28
C THR C 30 10.40 -30.90 4.25
N SER C 31 10.27 -30.59 5.54
CA SER C 31 10.25 -31.63 6.56
C SER C 31 9.12 -32.64 6.35
N GLU C 32 8.11 -32.27 5.57
CA GLU C 32 6.98 -33.18 5.33
C GLU C 32 6.81 -33.63 3.88
N SER C 33 7.79 -33.37 3.04
CA SER C 33 7.69 -33.79 1.64
C SER C 33 7.54 -35.29 1.49
N PRO C 34 6.76 -35.77 0.51
CA PRO C 34 6.00 -34.98 -0.48
C PRO C 34 4.64 -34.52 0.04
N ASP C 35 4.26 -35.05 1.20
CA ASP C 35 2.98 -34.71 1.82
C ASP C 35 2.81 -33.20 1.77
N ILE C 36 3.57 -32.50 2.60
CA ILE C 36 3.50 -31.04 2.63
C ILE C 36 4.60 -30.45 1.75
N ASN C 37 4.21 -30.12 0.52
CA ASN C 37 5.11 -29.52 -0.45
C ASN C 37 4.62 -28.10 -0.70
N PRO C 38 4.97 -27.16 0.18
CA PRO C 38 4.53 -25.77 -0.01
C PRO C 38 5.03 -25.22 -1.34
N ILE C 39 4.28 -24.30 -1.92
CA ILE C 39 4.68 -23.67 -3.16
C ILE C 39 5.51 -22.46 -2.79
N LYS C 40 6.51 -22.15 -3.60
CA LYS C 40 7.36 -21.00 -3.35
C LYS C 40 8.00 -20.49 -4.64
N THR C 41 8.71 -19.37 -4.57
CA THR C 41 9.34 -18.79 -5.74
C THR C 41 10.60 -19.53 -6.19
N LYS C 42 10.82 -19.52 -7.50
CA LYS C 42 11.98 -20.15 -8.12
C LYS C 42 12.96 -19.04 -8.47
N ILE C 43 13.98 -18.86 -7.64
CA ILE C 43 14.99 -17.83 -7.86
C ILE C 43 16.32 -18.38 -8.39
N GLY C 44 17.20 -17.47 -8.77
CA GLY C 44 18.50 -17.85 -9.28
C GLY C 44 19.55 -16.78 -9.00
N SER C 45 20.33 -16.46 -10.01
CA SER C 45 21.39 -15.47 -9.91
C SER C 45 20.91 -14.06 -9.59
N GLY C 46 21.59 -13.42 -8.65
CA GLY C 46 21.24 -12.06 -8.28
C GLY C 46 20.19 -11.95 -7.19
N ILE C 47 19.48 -13.05 -6.92
CA ILE C 47 18.45 -13.01 -5.90
C ILE C 47 18.73 -14.01 -4.80
N ASP C 48 18.29 -13.69 -3.59
CA ASP C 48 18.52 -14.55 -2.44
C ASP C 48 17.35 -14.42 -1.46
N TYR C 49 17.36 -15.25 -0.42
CA TYR C 49 16.31 -15.22 0.58
C TYR C 49 16.76 -14.53 1.84
N ASN C 50 15.86 -13.74 2.40
CA ASN C 50 16.12 -13.00 3.62
C ASN C 50 15.98 -13.99 4.76
N GLU C 51 16.47 -13.63 5.95
CA GLU C 51 16.37 -14.52 7.10
C GLU C 51 14.88 -14.70 7.38
N ASN C 52 14.09 -13.74 6.91
CA ASN C 52 12.64 -13.75 7.08
C ASN C 52 11.96 -14.37 5.87
N GLY C 53 12.72 -15.11 5.07
CA GLY C 53 12.15 -15.76 3.90
C GLY C 53 11.76 -14.82 2.77
N ALA C 54 12.16 -13.55 2.88
CA ALA C 54 11.84 -12.56 1.87
C ALA C 54 12.90 -12.50 0.77
N MET C 55 12.47 -12.37 -0.48
CA MET C 55 13.39 -12.31 -1.60
C MET C 55 14.10 -10.96 -1.67
N ILE C 56 15.40 -10.99 -1.89
CA ILE C 56 16.18 -9.78 -1.99
C ILE C 56 17.27 -9.98 -3.04
N THR C 57 17.79 -8.88 -3.57
CA THR C 57 18.85 -8.98 -4.56
C THR C 57 20.14 -9.26 -3.79
N LYS C 58 20.88 -10.26 -4.22
CA LYS C 58 22.14 -10.62 -3.56
C LYS C 58 23.24 -9.71 -4.09
N LEU C 59 23.72 -8.80 -3.25
CA LEU C 59 24.76 -7.84 -3.64
C LEU C 59 26.18 -8.30 -3.37
N GLY C 60 27.08 -7.94 -4.29
CA GLY C 60 28.47 -8.30 -4.16
C GLY C 60 29.38 -7.08 -4.06
N ALA C 61 30.64 -7.29 -4.39
CA ALA C 61 31.64 -6.23 -4.34
C ALA C 61 31.25 -4.98 -5.13
N GLY C 62 31.32 -3.83 -4.48
CA GLY C 62 31.01 -2.58 -5.13
C GLY C 62 29.61 -2.03 -4.90
N LEU C 63 28.70 -2.88 -4.42
CA LEU C 63 27.33 -2.44 -4.20
C LEU C 63 26.89 -2.53 -2.75
N SER C 64 25.72 -1.96 -2.47
CA SER C 64 25.15 -1.95 -1.14
C SER C 64 23.75 -1.32 -1.22
N PHE C 65 22.97 -1.47 -0.16
CA PHE C 65 21.63 -0.90 -0.12
C PHE C 65 21.64 0.44 0.59
N ASP C 66 20.85 1.39 0.09
CA ASP C 66 20.77 2.70 0.73
C ASP C 66 19.70 2.61 1.83
N ASN C 67 19.04 3.72 2.14
CA ASN C 67 18.01 3.70 3.19
C ASN C 67 16.64 3.21 2.75
N SER C 68 16.18 3.59 1.57
CA SER C 68 14.88 3.14 1.09
C SER C 68 14.96 1.68 0.64
N GLY C 69 16.10 1.05 0.84
CA GLY C 69 16.28 -0.33 0.44
C GLY C 69 16.58 -0.47 -1.04
N ALA C 70 17.07 0.61 -1.64
CA ALA C 70 17.41 0.62 -3.06
C ALA C 70 18.87 0.25 -3.18
N ILE C 71 19.28 -0.22 -4.36
CA ILE C 71 20.66 -0.62 -4.59
C ILE C 71 21.48 0.56 -5.10
N THR C 72 22.59 0.86 -4.43
CA THR C 72 23.44 1.95 -4.88
C THR C 72 24.89 1.52 -4.91
N ILE C 73 25.68 2.29 -5.64
CA ILE C 73 27.10 2.03 -5.77
C ILE C 73 27.79 2.56 -4.51
N GLY C 74 28.71 1.77 -3.98
CA GLY C 74 29.42 2.16 -2.78
C GLY C 74 29.42 0.97 -1.85
N ASN C 75 30.39 0.88 -0.97
CA ASN C 75 30.48 -0.26 -0.07
C ASN C 75 30.38 0.02 1.43
N LYS C 76 29.64 -0.86 2.09
CA LYS C 76 29.42 -0.80 3.53
C LYS C 76 30.68 -1.30 4.24
N ASN C 77 31.60 -0.37 4.48
CA ASN C 77 32.89 -0.61 5.13
C ASN C 77 33.89 -1.30 4.21
N ASP C 78 33.74 -2.61 4.05
CA ASP C 78 34.65 -3.39 3.21
C ASP C 78 34.58 -2.88 1.77
N ASP C 79 35.74 -2.66 1.17
CA ASP C 79 35.82 -2.14 -0.19
C ASP C 79 36.96 -2.79 -0.97
N LYS C 80 36.63 -3.76 -1.82
CA LYS C 80 37.63 -4.48 -2.61
C LYS C 80 37.88 -3.90 -4.00
N LEU C 81 37.40 -2.68 -4.24
CA LEU C 81 37.62 -2.02 -5.51
C LEU C 81 38.67 -0.95 -5.22
N THR C 82 39.34 -1.10 -4.08
CA THR C 82 40.37 -0.19 -3.66
C THR C 82 41.44 -0.93 -2.92
N LEU C 83 42.68 -0.79 -3.39
CA LEU C 83 43.83 -1.40 -2.80
C LEU C 83 44.70 -0.23 -2.36
N TRP C 84 45.11 -0.21 -1.10
CA TRP C 84 45.93 0.89 -0.60
C TRP C 84 46.78 0.61 0.63
N THR C 85 47.55 1.62 0.99
CA THR C 85 48.45 1.63 2.14
C THR C 85 47.75 2.28 3.35
N THR C 86 46.50 2.69 3.14
CA THR C 86 45.66 3.42 4.11
C THR C 86 46.02 4.88 3.84
N PRO C 87 45.05 5.79 4.03
CA PRO C 87 45.28 7.22 3.78
C PRO C 87 46.39 7.88 4.58
N ASP C 88 46.66 7.37 5.78
CA ASP C 88 47.71 7.93 6.63
C ASP C 88 48.65 6.86 7.18
N PRO C 89 49.46 6.26 6.30
CA PRO C 89 50.40 5.21 6.71
C PRO C 89 51.48 5.63 7.72
N SER C 90 51.82 4.72 8.62
CA SER C 90 52.89 4.98 9.58
C SER C 90 54.13 4.69 8.74
N PRO C 91 55.33 4.90 9.28
CA PRO C 91 56.50 4.60 8.43
C PRO C 91 56.27 3.18 7.91
N ASN C 92 56.34 3.00 6.61
CA ASN C 92 56.05 1.68 6.07
C ASN C 92 56.84 1.38 4.83
N CYS C 93 57.84 2.20 4.57
CA CYS C 93 58.62 2.04 3.36
C CYS C 93 60.10 2.30 3.59
N ARG C 94 60.93 1.71 2.75
CA ARG C 94 62.36 1.86 2.84
C ARG C 94 62.94 2.43 1.56
N ILE C 95 63.70 3.51 1.70
CA ILE C 95 64.35 4.14 0.56
C ILE C 95 65.85 3.87 0.61
N HIS C 96 66.44 4.04 1.79
CA HIS C 96 67.86 3.82 1.98
C HIS C 96 68.09 2.95 3.22
N SER C 97 67.25 3.14 4.24
CA SER C 97 67.33 2.39 5.47
C SER C 97 65.90 1.99 5.83
N ASP C 98 65.74 0.97 6.66
CA ASP C 98 64.40 0.52 7.03
C ASP C 98 63.52 1.60 7.62
N ASN C 99 62.23 1.54 7.27
CA ASN C 99 61.21 2.47 7.73
C ASN C 99 61.56 3.96 7.71
N ASP C 100 62.37 4.39 6.74
CA ASP C 100 62.77 5.78 6.66
C ASP C 100 61.78 6.66 5.88
N CYS C 101 60.70 6.07 5.42
CA CYS C 101 59.73 6.81 4.63
C CYS C 101 58.29 6.39 4.85
N LYS C 102 57.38 7.34 4.65
CA LYS C 102 55.93 7.12 4.74
C LYS C 102 55.49 7.17 3.29
N PHE C 103 55.11 6.01 2.75
CA PHE C 103 54.70 5.93 1.36
C PHE C 103 53.18 5.86 1.29
N THR C 104 52.59 6.71 0.46
CA THR C 104 51.15 6.72 0.31
C THR C 104 50.76 6.38 -1.12
N LEU C 105 49.90 5.39 -1.25
CA LEU C 105 49.46 4.96 -2.56
C LEU C 105 48.07 4.37 -2.48
N VAL C 106 47.16 4.91 -3.29
CA VAL C 106 45.81 4.42 -3.32
C VAL C 106 45.48 4.04 -4.76
N LEU C 107 45.13 2.78 -4.96
CA LEU C 107 44.78 2.28 -6.27
C LEU C 107 43.27 2.05 -6.23
N THR C 108 42.55 2.70 -7.13
CA THR C 108 41.09 2.57 -7.19
C THR C 108 40.73 2.00 -8.55
N LYS C 109 40.08 0.84 -8.56
CA LYS C 109 39.71 0.21 -9.83
C LYS C 109 38.49 0.86 -10.45
N CYS C 110 38.65 1.27 -11.71
CA CYS C 110 37.58 1.91 -12.47
C CYS C 110 37.43 1.14 -13.77
N GLY C 111 37.14 -0.15 -13.63
CA GLY C 111 36.98 -0.98 -14.80
C GLY C 111 38.31 -1.31 -15.43
N SER C 112 38.42 -1.08 -16.73
CA SER C 112 39.65 -1.36 -17.47
C SER C 112 40.86 -0.53 -17.01
N GLN C 113 40.63 0.47 -16.16
CA GLN C 113 41.73 1.30 -15.69
C GLN C 113 41.80 1.41 -14.17
N VAL C 114 42.95 1.81 -13.69
CA VAL C 114 43.15 2.02 -12.27
C VAL C 114 43.51 3.49 -12.11
N LEU C 115 42.77 4.18 -11.25
CA LEU C 115 43.03 5.58 -10.97
C LEU C 115 43.86 5.56 -9.69
N ALA C 116 44.99 6.26 -9.70
CA ALA C 116 45.86 6.24 -8.53
C ALA C 116 46.34 7.61 -8.07
N THR C 117 46.78 7.67 -6.82
CA THR C 117 47.33 8.88 -6.22
C THR C 117 48.51 8.46 -5.35
N VAL C 118 49.60 9.22 -5.43
CA VAL C 118 50.78 8.87 -4.67
C VAL C 118 51.50 10.06 -4.00
N ALA C 119 52.12 9.80 -2.85
CA ALA C 119 52.85 10.82 -2.10
C ALA C 119 53.92 10.13 -1.23
N ALA C 120 55.09 10.73 -1.12
CA ALA C 120 56.15 10.14 -0.31
C ALA C 120 56.63 11.16 0.69
N LEU C 121 57.15 10.69 1.82
CA LEU C 121 57.65 11.57 2.88
C LEU C 121 58.70 10.88 3.73
N ALA C 122 59.93 11.37 3.63
CA ALA C 122 61.04 10.82 4.40
C ALA C 122 60.82 11.20 5.86
N VAL C 123 61.23 10.33 6.77
CA VAL C 123 61.08 10.61 8.19
C VAL C 123 62.29 10.22 9.01
N SER C 124 63.47 10.21 8.38
CA SER C 124 64.69 9.86 9.09
C SER C 124 65.87 10.77 8.76
N GLY C 125 65.66 11.74 7.88
CA GLY C 125 66.74 12.64 7.54
C GLY C 125 66.60 13.30 6.19
N ASP C 126 67.58 14.12 5.84
CA ASP C 126 67.58 14.82 4.58
C ASP C 126 68.06 13.91 3.45
N LEU C 127 67.89 14.39 2.22
CA LEU C 127 68.28 13.64 1.04
C LEU C 127 69.71 13.11 1.04
N SER C 128 70.68 13.99 1.29
CA SER C 128 72.07 13.59 1.28
C SER C 128 72.34 12.29 2.06
N SER C 129 71.53 12.03 3.09
CA SER C 129 71.68 10.83 3.91
C SER C 129 71.01 9.59 3.32
N MET C 130 70.23 9.79 2.26
CA MET C 130 69.52 8.68 1.62
C MET C 130 69.96 8.43 0.19
N THR C 131 70.93 9.20 -0.29
CA THR C 131 71.31 9.03 -1.68
C THR C 131 72.76 8.65 -2.01
N GLY C 132 73.70 9.47 -1.59
CA GLY C 132 75.07 9.19 -1.94
C GLY C 132 75.27 9.82 -3.30
N THR C 133 76.09 9.22 -4.16
CA THR C 133 76.33 9.80 -5.49
C THR C 133 75.04 9.83 -6.30
N VAL C 134 73.95 9.40 -5.67
CA VAL C 134 72.65 9.35 -6.28
C VAL C 134 71.86 10.65 -6.11
N ALA C 135 71.23 11.10 -7.19
CA ALA C 135 70.41 12.30 -7.14
C ALA C 135 69.01 11.83 -7.47
N SER C 136 68.63 10.69 -6.89
CA SER C 136 67.30 10.12 -7.12
C SER C 136 66.83 9.24 -5.97
N VAL C 137 65.51 9.05 -5.93
CA VAL C 137 64.85 8.22 -4.94
C VAL C 137 64.04 7.19 -5.72
N SER C 138 64.01 5.94 -5.25
CA SER C 138 63.27 4.89 -5.93
C SER C 138 62.48 3.99 -5.00
N ILE C 139 61.17 3.92 -5.23
CA ILE C 139 60.29 3.06 -4.43
C ILE C 139 59.70 2.05 -5.39
N PHE C 140 59.93 0.77 -5.15
CA PHE C 140 59.41 -0.25 -6.05
C PHE C 140 58.50 -1.30 -5.42
N LEU C 141 57.50 -1.72 -6.21
CA LEU C 141 56.54 -2.72 -5.79
C LEU C 141 56.54 -3.91 -6.75
N ARG C 142 56.85 -5.09 -6.23
CA ARG C 142 56.87 -6.30 -7.03
C ARG C 142 55.71 -7.19 -6.60
N PHE C 143 54.99 -7.75 -7.59
CA PHE C 143 53.85 -8.60 -7.31
C PHE C 143 53.98 -9.96 -7.98
N ASP C 144 53.48 -11.01 -7.32
CA ASP C 144 53.54 -12.34 -7.91
C ASP C 144 52.39 -12.47 -8.92
N GLN C 145 52.21 -13.66 -9.49
CA GLN C 145 51.16 -13.85 -10.51
C GLN C 145 49.73 -13.65 -10.02
N ASN C 146 49.55 -13.47 -8.72
CA ASN C 146 48.22 -13.26 -8.16
C ASN C 146 48.01 -11.81 -7.71
N GLY C 147 49.01 -10.98 -7.92
CA GLY C 147 48.90 -9.60 -7.51
C GLY C 147 49.31 -9.41 -6.05
N VAL C 148 49.92 -10.42 -5.45
CA VAL C 148 50.34 -10.32 -4.07
C VAL C 148 51.73 -9.67 -3.96
N LEU C 149 51.85 -8.71 -3.06
CA LEU C 149 53.11 -8.00 -2.86
C LEU C 149 54.21 -8.99 -2.51
N MET C 150 55.36 -8.84 -3.15
CA MET C 150 56.48 -9.73 -2.90
C MET C 150 57.48 -9.07 -1.96
N GLU C 151 58.23 -9.90 -1.24
CA GLU C 151 59.22 -9.42 -0.27
C GLU C 151 60.23 -8.44 -0.84
N ASN C 152 60.61 -8.60 -2.10
CA ASN C 152 61.57 -7.69 -2.69
C ASN C 152 60.94 -6.41 -3.23
N SER C 153 60.29 -5.69 -2.32
CA SER C 153 59.63 -4.43 -2.63
C SER C 153 60.10 -3.45 -1.56
N SER C 154 59.94 -2.16 -1.80
CA SER C 154 60.37 -1.15 -0.84
C SER C 154 59.31 -0.98 0.25
N LEU C 155 58.10 -1.43 -0.07
CA LEU C 155 56.95 -1.29 0.83
C LEU C 155 56.68 -2.50 1.71
N LYS C 156 56.46 -2.26 3.00
CA LYS C 156 56.16 -3.36 3.92
C LYS C 156 54.78 -3.93 3.64
N LYS C 157 54.72 -5.26 3.64
CA LYS C 157 53.52 -6.01 3.34
C LYS C 157 52.30 -5.84 4.26
N HIS C 158 52.54 -5.70 5.56
CA HIS C 158 51.43 -5.63 6.51
C HIS C 158 50.22 -4.75 6.17
N TYR C 159 50.44 -3.50 5.81
CA TYR C 159 49.31 -2.63 5.53
C TYR C 159 49.02 -2.30 4.07
N TRP C 160 49.34 -3.25 3.19
CA TRP C 160 49.05 -3.12 1.79
C TRP C 160 47.91 -4.11 1.65
N ASN C 161 46.68 -3.61 1.53
CA ASN C 161 45.54 -4.50 1.47
C ASN C 161 44.32 -3.74 0.96
N PHE C 162 43.19 -4.43 0.91
CA PHE C 162 41.96 -3.82 0.45
C PHE C 162 41.42 -2.89 1.52
N ARG C 163 40.68 -1.88 1.08
CA ARG C 163 40.12 -0.89 1.96
C ARG C 163 39.03 -1.38 2.90
N ASN C 164 39.06 -0.85 4.11
CA ASN C 164 38.06 -1.17 5.12
C ASN C 164 37.91 0.13 5.92
N GLY C 165 37.01 0.99 5.46
CA GLY C 165 36.82 2.27 6.12
C GLY C 165 38.06 3.09 5.83
N ASN C 166 38.69 3.63 6.86
CA ASN C 166 39.91 4.40 6.66
C ASN C 166 41.11 3.53 7.03
N SER C 167 40.89 2.22 7.02
CA SER C 167 41.92 1.25 7.36
C SER C 167 41.90 0.13 6.32
N THR C 168 42.44 -1.03 6.68
CA THR C 168 42.48 -2.16 5.75
C THR C 168 41.83 -3.42 6.34
N ASN C 169 41.65 -4.44 5.51
CA ASN C 169 41.08 -5.70 5.97
C ASN C 169 42.03 -6.32 6.97
N ALA C 170 41.48 -6.96 7.99
CA ALA C 170 42.31 -7.61 9.00
C ALA C 170 43.07 -8.78 8.38
N ASN C 171 42.46 -9.40 7.37
CA ASN C 171 43.05 -10.55 6.70
C ASN C 171 43.73 -10.15 5.38
N PRO C 172 44.95 -10.66 5.15
CA PRO C 172 45.77 -10.41 3.94
C PRO C 172 44.99 -10.79 2.69
N TYR C 173 45.14 -10.02 1.62
CA TYR C 173 44.41 -10.36 0.39
C TYR C 173 45.18 -11.45 -0.35
N THR C 174 44.47 -12.30 -1.08
CA THR C 174 45.13 -13.38 -1.83
C THR C 174 45.14 -13.16 -3.34
N ASN C 175 44.38 -12.19 -3.82
CA ASN C 175 44.33 -11.92 -5.25
C ASN C 175 43.88 -10.51 -5.60
N ALA C 176 44.71 -9.80 -6.35
CA ALA C 176 44.42 -8.45 -6.77
C ALA C 176 44.85 -8.24 -8.20
N VAL C 177 44.83 -9.30 -9.00
CA VAL C 177 45.24 -9.22 -10.40
C VAL C 177 44.48 -8.13 -11.15
N GLY C 178 43.29 -7.79 -10.67
CA GLY C 178 42.51 -6.76 -11.33
C GLY C 178 43.08 -5.36 -11.13
N PHE C 179 44.07 -5.25 -10.24
CA PHE C 179 44.71 -3.97 -9.95
C PHE C 179 46.09 -3.89 -10.60
N MET C 180 46.53 -4.99 -11.20
CA MET C 180 47.86 -4.99 -11.81
C MET C 180 47.92 -4.32 -13.17
N PRO C 181 49.10 -3.80 -13.53
CA PRO C 181 49.30 -3.14 -14.81
C PRO C 181 49.17 -4.19 -15.91
N ASN C 182 48.38 -3.88 -16.92
CA ASN C 182 48.16 -4.79 -18.04
C ASN C 182 49.49 -5.18 -18.72
N LEU C 183 49.72 -6.49 -18.88
CA LEU C 183 50.97 -6.97 -19.50
C LEU C 183 51.06 -6.77 -21.02
N LEU C 184 49.94 -6.60 -21.70
CA LEU C 184 50.02 -6.38 -23.15
C LEU C 184 50.37 -4.92 -23.38
N ALA C 185 49.79 -4.04 -22.57
CA ALA C 185 50.07 -2.61 -22.69
C ALA C 185 51.49 -2.33 -22.23
N TYR C 186 51.86 -2.95 -21.10
CA TYR C 186 53.20 -2.77 -20.51
C TYR C 186 53.87 -4.12 -20.28
N PRO C 187 54.54 -4.64 -21.31
CA PRO C 187 55.24 -5.93 -21.26
C PRO C 187 56.40 -5.96 -20.26
N LYS C 188 56.88 -7.17 -19.96
CA LYS C 188 58.03 -7.32 -19.08
C LYS C 188 59.24 -7.18 -20.03
N THR C 189 60.26 -6.47 -19.59
CA THR C 189 61.44 -6.27 -20.45
C THR C 189 62.58 -5.53 -19.78
N GLN C 190 63.77 -5.58 -20.36
CA GLN C 190 64.93 -4.88 -19.81
C GLN C 190 65.10 -3.56 -20.56
N SER C 191 64.35 -3.41 -21.64
CA SER C 191 64.40 -2.21 -22.46
C SER C 191 63.35 -1.20 -22.03
N GLN C 192 63.78 0.05 -21.82
CA GLN C 192 62.87 1.11 -21.40
C GLN C 192 61.95 1.55 -22.54
N THR C 193 60.75 0.96 -22.59
CA THR C 193 59.78 1.31 -23.60
C THR C 193 58.96 2.49 -23.10
N ALA C 194 58.97 3.59 -23.86
CA ALA C 194 58.25 4.80 -23.48
C ALA C 194 56.86 4.59 -22.90
N LYS C 195 56.07 3.75 -23.55
CA LYS C 195 54.72 3.49 -23.10
C LYS C 195 54.62 2.90 -21.69
N ASN C 196 55.67 2.23 -21.24
CA ASN C 196 55.64 1.64 -19.90
C ASN C 196 55.75 2.71 -18.82
N ASN C 197 56.24 3.89 -19.18
CA ASN C 197 56.38 4.95 -18.20
C ASN C 197 55.38 6.08 -18.28
N ILE C 198 55.33 6.83 -17.19
CA ILE C 198 54.51 8.02 -17.07
C ILE C 198 55.57 8.98 -16.49
N VAL C 199 55.97 9.97 -17.26
CA VAL C 199 57.00 10.89 -16.81
C VAL C 199 56.50 12.34 -16.73
N SER C 200 56.67 12.96 -15.57
CA SER C 200 56.23 14.35 -15.36
C SER C 200 57.26 15.14 -14.56
N GLN C 201 57.13 16.46 -14.61
CA GLN C 201 58.02 17.32 -13.82
C GLN C 201 57.26 17.67 -12.56
N VAL C 202 57.84 17.38 -11.41
CA VAL C 202 57.19 17.72 -10.14
C VAL C 202 58.06 18.69 -9.33
N TYR C 203 57.63 19.01 -8.12
CA TYR C 203 58.36 19.96 -7.30
C TYR C 203 58.50 19.56 -5.83
N LEU C 204 59.74 19.46 -5.37
CA LEU C 204 60.00 19.09 -3.97
C LEU C 204 59.33 20.11 -3.05
N HIS C 205 58.53 19.64 -2.12
CA HIS C 205 57.84 20.54 -1.20
C HIS C 205 56.90 21.48 -1.93
N GLY C 206 56.59 21.19 -3.19
CA GLY C 206 55.70 22.06 -3.95
C GLY C 206 56.36 23.38 -4.31
N ASP C 207 57.67 23.46 -4.15
CA ASP C 207 58.45 24.66 -4.42
C ASP C 207 58.87 24.72 -5.91
N LYS C 208 58.38 25.72 -6.62
CA LYS C 208 58.69 25.89 -8.06
C LYS C 208 60.18 26.01 -8.36
N THR C 209 60.97 26.38 -7.36
CA THR C 209 62.40 26.50 -7.58
C THR C 209 63.12 25.17 -7.36
N LYS C 210 62.38 24.15 -6.94
CA LYS C 210 62.95 22.84 -6.69
C LYS C 210 62.31 21.76 -7.56
N PRO C 211 62.47 21.86 -8.88
CA PRO C 211 61.88 20.87 -9.79
C PRO C 211 62.53 19.48 -9.69
N MET C 212 61.76 18.46 -10.07
CA MET C 212 62.23 17.08 -10.08
C MET C 212 61.45 16.39 -11.17
N ILE C 213 61.95 15.27 -11.65
CA ILE C 213 61.25 14.50 -12.66
C ILE C 213 60.77 13.22 -11.99
N LEU C 214 59.48 12.97 -12.07
CA LEU C 214 58.92 11.75 -11.51
C LEU C 214 58.71 10.84 -12.69
N THR C 215 59.25 9.63 -12.58
CA THR C 215 59.11 8.61 -13.62
C THR C 215 58.43 7.42 -12.99
N ILE C 216 57.24 7.08 -13.48
CA ILE C 216 56.54 5.89 -12.97
C ILE C 216 56.72 4.77 -14.01
N THR C 217 57.08 3.57 -13.53
CA THR C 217 57.28 2.47 -14.45
C THR C 217 56.31 1.34 -14.17
N LEU C 218 55.69 0.84 -15.24
CA LEU C 218 54.73 -0.27 -15.13
C LEU C 218 55.40 -1.48 -15.78
N ASN C 219 55.59 -2.54 -15.00
CA ASN C 219 56.26 -3.75 -15.48
C ASN C 219 57.61 -3.37 -16.09
N GLY C 220 57.84 -3.69 -17.36
CA GLY C 220 59.12 -3.34 -17.97
C GLY C 220 60.31 -3.47 -17.02
N THR C 221 61.15 -2.43 -17.02
CA THR C 221 62.35 -2.37 -16.21
C THR C 221 62.16 -2.37 -14.70
N SER C 222 60.93 -2.31 -14.23
CA SER C 222 60.71 -2.31 -12.78
C SER C 222 60.48 -3.73 -12.26
N GLU C 223 60.43 -4.69 -13.19
CA GLU C 223 60.23 -6.10 -12.86
C GLU C 223 61.48 -6.71 -12.22
N SER C 224 61.28 -7.56 -11.22
CA SER C 224 62.38 -8.24 -10.56
C SER C 224 62.68 -9.54 -11.32
N THR C 225 63.96 -9.82 -11.57
CA THR C 225 64.35 -11.02 -12.30
C THR C 225 65.33 -11.89 -11.48
N GLU C 226 65.64 -11.40 -10.29
CA GLU C 226 66.53 -12.09 -9.36
C GLU C 226 66.11 -13.54 -9.16
N THR C 227 67.08 -14.45 -9.13
CA THR C 227 66.78 -15.87 -8.93
C THR C 227 65.88 -16.08 -7.71
N SER C 228 64.76 -16.78 -7.92
CA SER C 228 63.80 -17.08 -6.85
C SER C 228 62.86 -15.94 -6.49
N GLU C 229 63.04 -14.79 -7.12
CA GLU C 229 62.18 -13.65 -6.83
C GLU C 229 61.76 -12.97 -8.12
N VAL C 230 61.38 -13.76 -9.12
CA VAL C 230 60.96 -13.21 -10.38
C VAL C 230 59.52 -12.74 -10.29
N SER C 231 59.28 -11.45 -10.50
CA SER C 231 57.93 -10.93 -10.40
C SER C 231 57.19 -11.02 -11.74
N THR C 232 55.87 -10.98 -11.67
CA THR C 232 55.01 -11.04 -12.85
C THR C 232 54.55 -9.63 -13.18
N TYR C 233 54.12 -8.92 -12.14
CA TYR C 233 53.68 -7.53 -12.29
C TYR C 233 54.57 -6.70 -11.38
N SER C 234 54.82 -5.47 -11.76
CA SER C 234 55.64 -4.60 -10.93
C SER C 234 55.29 -3.18 -11.24
N MET C 235 55.77 -2.29 -10.39
CA MET C 235 55.53 -0.86 -10.57
C MET C 235 56.47 -0.12 -9.62
N SER C 236 57.19 0.86 -10.15
CA SER C 236 58.11 1.64 -9.33
C SER C 236 57.92 3.14 -9.58
N PHE C 237 58.42 3.93 -8.63
CA PHE C 237 58.32 5.38 -8.70
C PHE C 237 59.69 5.96 -8.47
N THR C 238 60.18 6.71 -9.45
CA THR C 238 61.50 7.29 -9.34
C THR C 238 61.47 8.80 -9.48
N TRP C 239 62.18 9.45 -8.57
CA TRP C 239 62.30 10.91 -8.55
C TRP C 239 63.75 11.27 -8.77
N SER C 240 64.02 12.07 -9.80
CA SER C 240 65.39 12.48 -10.10
C SER C 240 65.53 14.00 -10.21
N TRP C 241 66.76 14.48 -10.03
CA TRP C 241 67.06 15.91 -10.10
C TRP C 241 68.54 16.13 -10.39
N GLU C 242 68.93 17.39 -10.54
CA GLU C 242 70.32 17.72 -10.81
C GLU C 242 71.23 17.45 -9.60
N SER C 243 72.23 16.63 -9.83
CA SER C 243 73.19 16.26 -8.81
C SER C 243 73.72 17.48 -8.06
N GLY C 244 73.86 17.35 -6.75
CA GLY C 244 74.36 18.44 -5.96
C GLY C 244 73.27 19.22 -5.26
N LYS C 245 72.10 19.26 -5.88
CA LYS C 245 70.97 20.00 -5.32
C LYS C 245 70.19 19.32 -4.18
N TYR C 246 69.51 20.14 -3.39
CA TYR C 246 68.66 19.72 -2.27
C TYR C 246 69.28 18.83 -1.21
N THR C 247 70.59 18.66 -1.24
CA THR C 247 71.28 17.80 -0.27
C THR C 247 70.81 17.92 1.18
N THR C 248 70.50 19.15 1.61
CA THR C 248 70.04 19.38 2.98
C THR C 248 68.52 19.25 3.13
N GLU C 249 67.82 19.23 2.01
CA GLU C 249 66.35 19.12 1.99
C GLU C 249 65.80 17.80 2.51
N THR C 250 64.54 17.84 2.93
CA THR C 250 63.83 16.67 3.40
C THR C 250 62.93 16.23 2.25
N PHE C 251 63.08 14.99 1.82
CA PHE C 251 62.29 14.47 0.72
C PHE C 251 60.81 14.44 1.09
N ALA C 252 60.01 15.23 0.38
CA ALA C 252 58.58 15.28 0.63
C ALA C 252 57.88 15.66 -0.68
N THR C 253 57.07 14.76 -1.21
CA THR C 253 56.39 15.06 -2.46
C THR C 253 54.92 15.44 -2.29
N ASN C 254 54.41 16.10 -3.33
CA ASN C 254 53.02 16.52 -3.42
C ASN C 254 52.25 15.33 -3.96
N SER C 255 50.98 15.21 -3.57
CA SER C 255 50.19 14.12 -4.07
C SER C 255 50.19 14.15 -5.58
N TYR C 256 50.34 12.98 -6.19
CA TYR C 256 50.39 12.86 -7.64
C TYR C 256 49.36 11.86 -8.17
N THR C 257 48.57 12.32 -9.13
CA THR C 257 47.53 11.52 -9.78
C THR C 257 47.97 10.92 -11.12
N PHE C 258 47.59 9.66 -11.37
CA PHE C 258 47.88 9.00 -12.66
C PHE C 258 46.95 7.81 -12.86
N SER C 259 46.93 7.23 -14.06
CA SER C 259 46.08 6.06 -14.30
C SER C 259 46.74 5.12 -15.28
N TYR C 260 46.32 3.86 -15.28
CA TYR C 260 46.90 2.89 -16.20
C TYR C 260 45.93 1.75 -16.51
N ILE C 261 46.14 1.11 -17.64
CA ILE C 261 45.30 0.00 -18.06
C ILE C 261 45.52 -1.18 -17.12
N ALA C 262 44.43 -1.75 -16.63
CA ALA C 262 44.48 -2.86 -15.71
C ALA C 262 44.59 -4.18 -16.45
N GLN C 263 45.15 -5.19 -15.78
CA GLN C 263 45.32 -6.52 -16.38
C GLN C 263 43.98 -7.15 -16.72
N GLU C 264 43.00 -6.97 -15.85
CA GLU C 264 41.66 -7.51 -16.09
C GLU C 264 40.63 -6.59 -15.46
N VAL D 1 16.77 28.90 -1.65
CA VAL D 1 15.46 28.15 -1.66
C VAL D 1 15.67 26.65 -1.48
N SER D 2 15.34 26.16 -0.29
CA SER D 2 15.47 24.73 0.00
C SER D 2 14.18 24.24 0.63
N ILE D 3 13.76 23.03 0.26
CA ILE D 3 12.54 22.44 0.78
C ILE D 3 12.83 21.07 1.37
N LYS D 4 11.99 20.65 2.32
CA LYS D 4 12.14 19.35 2.96
C LYS D 4 11.19 18.37 2.26
N LYS D 5 11.65 17.80 1.15
CA LYS D 5 10.85 16.85 0.37
C LYS D 5 10.22 15.74 1.20
N SER D 6 10.88 15.35 2.28
CA SER D 6 10.37 14.30 3.15
C SER D 6 9.14 14.78 3.92
N SER D 7 8.77 16.05 3.72
CA SER D 7 7.62 16.62 4.40
C SER D 7 6.55 17.19 3.48
N GLY D 8 6.23 16.44 2.42
CA GLY D 8 5.18 16.83 1.50
C GLY D 8 5.40 17.88 0.44
N LEU D 9 6.63 18.39 0.32
CA LEU D 9 6.91 19.40 -0.70
C LEU D 9 7.86 18.82 -1.74
N ASN D 10 7.80 19.33 -2.95
CA ASN D 10 8.67 18.85 -4.01
C ASN D 10 8.87 19.92 -5.07
N PHE D 11 9.86 19.70 -5.94
CA PHE D 11 10.17 20.65 -7.01
C PHE D 11 9.65 20.22 -8.36
N ASP D 12 8.73 21.00 -8.90
CA ASP D 12 8.19 20.72 -10.23
C ASP D 12 9.01 21.65 -11.10
N ASN D 13 10.22 21.19 -11.41
CA ASN D 13 11.18 21.93 -12.20
C ASN D 13 11.94 22.81 -11.20
N THR D 14 11.52 24.06 -11.06
CA THR D 14 12.15 24.96 -10.12
C THR D 14 11.11 25.59 -9.21
N ALA D 15 9.85 25.20 -9.40
CA ALA D 15 8.77 25.74 -8.61
C ALA D 15 8.42 24.83 -7.43
N ILE D 16 8.28 25.43 -6.25
CA ILE D 16 7.95 24.69 -5.05
C ILE D 16 6.49 24.26 -5.14
N ALA D 17 6.23 22.97 -4.96
CA ALA D 17 4.86 22.47 -5.05
C ALA D 17 4.54 21.48 -3.93
N ILE D 18 3.27 21.42 -3.55
CA ILE D 18 2.86 20.48 -2.52
C ILE D 18 2.68 19.15 -3.21
N ASN D 19 3.28 18.12 -2.63
CA ASN D 19 3.20 16.77 -3.18
C ASN D 19 2.08 16.05 -2.44
N ALA D 20 0.86 16.19 -2.94
CA ALA D 20 -0.31 15.59 -2.32
C ALA D 20 -0.44 14.11 -2.64
N GLY D 21 -0.56 13.30 -1.58
CA GLY D 21 -0.68 11.87 -1.76
C GLY D 21 -2.13 11.40 -1.60
N LYS D 22 -2.32 10.35 -0.82
CA LYS D 22 -3.65 9.79 -0.60
C LYS D 22 -4.59 10.70 0.19
N GLY D 23 -5.87 10.68 -0.19
CA GLY D 23 -6.86 11.50 0.49
C GLY D 23 -6.73 13.00 0.25
N LEU D 24 -5.92 13.39 -0.73
CA LEU D 24 -5.73 14.81 -1.02
C LEU D 24 -5.64 15.07 -2.52
N GLU D 25 -6.17 16.20 -2.96
CA GLU D 25 -6.12 16.57 -4.37
C GLU D 25 -6.24 18.08 -4.51
N PHE D 26 -6.13 18.57 -5.75
CA PHE D 26 -6.21 20.00 -5.99
C PHE D 26 -7.52 20.41 -6.65
N ASP D 27 -8.21 21.35 -6.00
CA ASP D 27 -9.50 21.85 -6.49
C ASP D 27 -9.29 22.60 -7.80
N THR D 28 -9.58 21.92 -8.91
CA THR D 28 -9.42 22.55 -10.22
C THR D 28 -10.71 23.16 -10.74
N ASN D 29 -11.46 23.81 -9.85
CA ASN D 29 -12.73 24.43 -10.22
C ASN D 29 -12.95 25.79 -9.59
N THR D 30 -12.10 26.13 -8.63
CA THR D 30 -12.22 27.42 -7.94
C THR D 30 -12.33 28.57 -8.94
N SER D 31 -12.67 29.75 -8.42
CA SER D 31 -12.83 30.93 -9.26
C SER D 31 -11.52 31.37 -9.90
N GLU D 32 -10.40 30.90 -9.34
CA GLU D 32 -9.09 31.29 -9.84
C GLU D 32 -8.35 30.15 -10.53
N SER D 33 -9.07 29.09 -10.90
CA SER D 33 -8.46 27.95 -11.57
C SER D 33 -8.39 28.21 -13.07
N PRO D 34 -7.56 27.43 -13.80
CA PRO D 34 -6.72 26.35 -13.28
C PRO D 34 -5.29 26.82 -12.96
N ASP D 35 -5.15 27.98 -12.33
CA ASP D 35 -3.81 28.46 -12.01
C ASP D 35 -3.60 28.53 -10.50
N ILE D 36 -4.65 28.91 -9.80
CA ILE D 36 -4.59 28.98 -8.34
C ILE D 36 -5.51 27.91 -7.80
N ASN D 37 -5.04 26.67 -7.83
CA ASN D 37 -5.83 25.55 -7.32
C ASN D 37 -5.44 25.25 -5.87
N PRO D 38 -6.40 25.34 -4.95
CA PRO D 38 -6.12 25.07 -3.55
C PRO D 38 -6.04 23.56 -3.33
N ILE D 39 -5.62 23.15 -2.13
CA ILE D 39 -5.53 21.72 -1.83
C ILE D 39 -6.65 21.29 -0.87
N LYS D 40 -7.59 20.51 -1.41
CA LYS D 40 -8.71 20.02 -0.60
C LYS D 40 -8.64 18.50 -0.50
N THR D 41 -9.34 17.94 0.49
CA THR D 41 -9.35 16.50 0.68
C THR D 41 -10.04 15.80 -0.48
N LYS D 42 -9.56 14.61 -0.82
CA LYS D 42 -10.14 13.84 -1.91
C LYS D 42 -11.07 12.81 -1.29
N ILE D 43 -12.37 13.10 -1.35
CA ILE D 43 -13.37 12.23 -0.76
C ILE D 43 -14.20 11.52 -1.82
N GLY D 44 -14.89 10.46 -1.38
CA GLY D 44 -15.75 9.69 -2.27
C GLY D 44 -16.98 9.27 -1.50
N SER D 45 -17.55 8.14 -1.90
CA SER D 45 -18.75 7.59 -1.27
C SER D 45 -18.68 7.55 0.26
N GLY D 46 -19.79 7.90 0.89
CA GLY D 46 -19.87 7.87 2.35
C GLY D 46 -19.49 9.17 3.04
N ILE D 47 -18.85 10.07 2.31
CA ILE D 47 -18.42 11.34 2.89
C ILE D 47 -18.89 12.52 2.05
N ASP D 48 -19.19 13.64 2.70
CA ASP D 48 -19.69 14.82 2.01
C ASP D 48 -19.12 16.10 2.63
N TYR D 49 -19.37 17.21 1.96
CA TYR D 49 -18.90 18.50 2.46
C TYR D 49 -19.99 19.34 3.11
N ASN D 50 -19.75 19.65 4.38
CA ASN D 50 -20.62 20.46 5.20
C ASN D 50 -20.79 21.80 4.47
N GLU D 51 -21.71 22.64 4.93
CA GLU D 51 -21.90 23.95 4.32
C GLU D 51 -20.69 24.76 4.76
N ASN D 52 -20.24 24.48 5.99
CA ASN D 52 -19.10 25.15 6.59
C ASN D 52 -17.77 24.67 5.96
N GLY D 53 -17.87 23.81 4.96
CA GLY D 53 -16.68 23.31 4.29
C GLY D 53 -16.02 22.11 4.98
N ALA D 54 -16.64 21.62 6.05
CA ALA D 54 -16.10 20.47 6.78
C ALA D 54 -16.54 19.15 6.15
N MET D 55 -15.88 18.07 6.55
CA MET D 55 -16.20 16.73 6.04
C MET D 55 -17.14 16.03 7.02
N ILE D 56 -18.18 15.41 6.49
CA ILE D 56 -19.15 14.68 7.31
C ILE D 56 -19.51 13.39 6.59
N THR D 57 -19.98 12.40 7.34
CA THR D 57 -20.38 11.14 6.76
C THR D 57 -21.78 11.31 6.20
N LYS D 58 -21.92 11.07 4.89
CA LYS D 58 -23.20 11.19 4.21
C LYS D 58 -24.11 10.02 4.61
N LEU D 59 -25.12 10.32 5.43
CA LEU D 59 -26.04 9.30 5.89
C LEU D 59 -27.32 9.17 5.07
N GLY D 60 -27.63 7.95 4.67
CA GLY D 60 -28.82 7.70 3.90
C GLY D 60 -29.89 7.07 4.76
N ALA D 61 -30.75 6.27 4.12
CA ALA D 61 -31.85 5.59 4.81
C ALA D 61 -31.44 4.72 5.99
N GLY D 62 -32.15 4.87 7.10
CA GLY D 62 -31.88 4.07 8.27
C GLY D 62 -30.93 4.63 9.30
N LEU D 63 -30.09 5.58 8.91
CA LEU D 63 -29.12 6.14 9.85
C LEU D 63 -29.35 7.62 10.11
N SER D 64 -28.73 8.12 11.18
CA SER D 64 -28.84 9.53 11.54
C SER D 64 -27.80 9.84 12.61
N PHE D 65 -27.58 11.13 12.88
CA PHE D 65 -26.61 11.57 13.88
C PHE D 65 -27.31 11.76 15.23
N ASP D 66 -26.58 11.53 16.32
CA ASP D 66 -27.13 11.71 17.66
C ASP D 66 -26.64 13.03 18.25
N ASN D 67 -26.71 13.17 19.57
CA ASN D 67 -26.27 14.40 20.25
C ASN D 67 -24.81 14.72 19.97
N SER D 68 -23.96 13.71 20.13
CA SER D 68 -22.52 13.86 19.91
C SER D 68 -22.22 14.16 18.45
N GLY D 69 -22.89 13.43 17.57
CA GLY D 69 -22.67 13.60 16.14
C GLY D 69 -22.33 12.23 15.60
N ALA D 70 -22.36 11.24 16.49
CA ALA D 70 -22.06 9.86 16.14
C ALA D 70 -23.20 9.31 15.29
N ILE D 71 -22.89 8.31 14.47
CA ILE D 71 -23.89 7.68 13.61
C ILE D 71 -24.66 6.62 14.38
N THR D 72 -25.98 6.71 14.39
CA THR D 72 -26.79 5.69 15.06
C THR D 72 -27.88 5.22 14.13
N ILE D 73 -28.50 4.13 14.51
CA ILE D 73 -29.58 3.57 13.73
C ILE D 73 -30.85 4.29 14.13
N GLY D 74 -31.71 4.55 13.15
CA GLY D 74 -32.95 5.24 13.45
C GLY D 74 -33.08 6.52 12.65
N ASN D 75 -34.31 6.87 12.32
CA ASN D 75 -34.58 8.07 11.54
C ASN D 75 -35.89 8.75 11.93
N LYS D 76 -35.86 9.50 13.03
CA LYS D 76 -37.07 10.22 13.42
C LYS D 76 -37.37 11.13 12.24
N ASN D 77 -38.62 11.12 11.80
CA ASN D 77 -39.06 11.92 10.65
C ASN D 77 -38.87 11.07 9.40
N ASP D 78 -38.12 11.59 8.42
CA ASP D 78 -37.90 10.85 7.18
C ASP D 78 -37.36 9.47 7.49
N ASP D 79 -38.17 8.44 7.18
CA ASP D 79 -37.82 7.06 7.43
C ASP D 79 -38.31 6.17 6.28
N LYS D 80 -37.43 5.93 5.33
CA LYS D 80 -37.75 5.12 4.16
C LYS D 80 -37.58 3.62 4.35
N LEU D 81 -37.51 3.19 5.60
CA LEU D 81 -37.41 1.77 5.90
C LEU D 81 -38.75 1.32 6.48
N THR D 82 -39.72 2.22 6.42
CA THR D 82 -41.06 1.94 6.89
C THR D 82 -42.00 2.46 5.82
N LEU D 83 -42.95 1.61 5.45
CA LEU D 83 -43.94 1.95 4.46
C LEU D 83 -45.24 1.71 5.22
N TRP D 84 -46.13 2.70 5.24
CA TRP D 84 -47.37 2.54 5.97
C TRP D 84 -48.52 3.43 5.55
N THR D 85 -49.61 3.28 6.28
CA THR D 85 -50.84 4.02 6.09
C THR D 85 -50.92 5.16 7.13
N THR D 86 -49.90 5.21 7.99
CA THR D 86 -49.79 6.14 9.12
C THR D 86 -50.45 5.34 10.22
N PRO D 87 -49.99 5.50 11.48
CA PRO D 87 -50.53 4.77 12.63
C PRO D 87 -52.02 4.96 12.95
N ASP D 88 -52.64 6.01 12.43
CA ASP D 88 -54.05 6.27 12.70
C ASP D 88 -54.75 6.86 11.48
N PRO D 89 -54.90 6.08 10.41
CA PRO D 89 -55.55 6.56 9.20
C PRO D 89 -57.02 6.95 9.34
N SER D 90 -57.46 7.91 8.53
CA SER D 90 -58.86 8.30 8.54
C SER D 90 -59.44 7.24 7.62
N PRO D 91 -60.76 7.26 7.34
CA PRO D 91 -61.32 6.24 6.46
C PRO D 91 -60.52 6.24 5.15
N ASN D 92 -59.74 5.18 4.95
CA ASN D 92 -58.86 5.10 3.80
C ASN D 92 -59.02 3.83 3.02
N CYS D 93 -60.09 3.08 3.26
CA CYS D 93 -60.22 1.80 2.61
C CYS D 93 -61.65 1.43 2.25
N ARG D 94 -61.78 0.66 1.17
CA ARG D 94 -63.08 0.21 0.70
C ARG D 94 -63.21 -1.30 0.79
N ILE D 95 -64.19 -1.75 1.55
CA ILE D 95 -64.43 -3.19 1.69
C ILE D 95 -65.66 -3.55 0.84
N HIS D 96 -66.76 -2.82 1.07
CA HIS D 96 -68.01 -3.03 0.32
C HIS D 96 -68.35 -1.74 -0.43
N SER D 97 -68.36 -0.62 0.27
CA SER D 97 -68.64 0.66 -0.34
C SER D 97 -67.43 1.56 -0.05
N ASP D 98 -67.36 2.71 -0.70
CA ASP D 98 -66.24 3.63 -0.53
C ASP D 98 -66.02 4.14 0.89
N ASN D 99 -64.76 4.17 1.29
CA ASN D 99 -64.34 4.67 2.59
C ASN D 99 -65.08 4.11 3.80
N ASP D 100 -65.48 2.86 3.72
CA ASP D 100 -66.22 2.24 4.82
C ASP D 100 -65.29 1.63 5.87
N CYS D 101 -63.98 1.75 5.67
CA CYS D 101 -63.05 1.13 6.57
C CYS D 101 -61.77 1.93 6.85
N LYS D 102 -61.20 1.71 8.03
CA LYS D 102 -59.93 2.30 8.45
C LYS D 102 -58.98 1.11 8.44
N PHE D 103 -58.08 1.09 7.47
CA PHE D 103 -57.15 -0.02 7.33
C PHE D 103 -55.76 0.42 7.76
N THR D 104 -55.21 -0.25 8.78
CA THR D 104 -53.89 0.07 9.28
C THR D 104 -52.89 -1.02 8.89
N LEU D 105 -51.83 -0.62 8.20
CA LEU D 105 -50.81 -1.56 7.79
C LEU D 105 -49.44 -0.91 7.88
N VAL D 106 -48.55 -1.51 8.66
CA VAL D 106 -47.22 -0.98 8.78
C VAL D 106 -46.20 -2.03 8.35
N LEU D 107 -45.45 -1.72 7.30
CA LEU D 107 -44.44 -2.63 6.80
C LEU D 107 -43.07 -2.09 7.18
N THR D 108 -42.36 -2.80 8.06
CA THR D 108 -41.04 -2.35 8.47
C THR D 108 -40.01 -3.29 7.91
N LYS D 109 -39.11 -2.75 7.09
CA LYS D 109 -38.08 -3.57 6.49
C LYS D 109 -37.01 -3.99 7.48
N CYS D 110 -36.82 -5.30 7.60
CA CYS D 110 -35.83 -5.88 8.47
C CYS D 110 -34.90 -6.71 7.60
N GLY D 111 -34.31 -6.05 6.61
CA GLY D 111 -33.41 -6.74 5.72
C GLY D 111 -34.13 -7.65 4.74
N SER D 112 -33.80 -8.93 4.80
CA SER D 112 -34.39 -9.93 3.91
C SER D 112 -35.89 -10.17 4.13
N GLN D 113 -36.43 -9.69 5.25
CA GLN D 113 -37.84 -9.86 5.55
C GLN D 113 -38.50 -8.54 5.88
N VAL D 114 -39.83 -8.55 5.91
CA VAL D 114 -40.58 -7.37 6.28
C VAL D 114 -41.39 -7.79 7.49
N LEU D 115 -41.23 -7.05 8.58
CA LEU D 115 -41.97 -7.29 9.81
C LEU D 115 -43.17 -6.39 9.62
N ALA D 116 -44.38 -6.91 9.87
CA ALA D 116 -45.56 -6.11 9.66
C ALA D 116 -46.63 -6.27 10.72
N THR D 117 -47.52 -5.29 10.80
CA THR D 117 -48.66 -5.34 11.69
C THR D 117 -49.86 -4.76 10.97
N VAL D 118 -51.04 -5.37 11.17
CA VAL D 118 -52.25 -4.94 10.49
C VAL D 118 -53.50 -4.99 11.35
N ALA D 119 -54.45 -4.10 11.08
CA ALA D 119 -55.72 -4.03 11.80
C ALA D 119 -56.76 -3.32 10.94
N ALA D 120 -58.02 -3.72 11.04
CA ALA D 120 -59.09 -3.12 10.24
C ALA D 120 -60.26 -2.73 11.12
N LEU D 121 -60.96 -1.68 10.71
CA LEU D 121 -62.11 -1.19 11.45
C LEU D 121 -63.16 -0.62 10.51
N ALA D 122 -64.35 -1.20 10.57
CA ALA D 122 -65.46 -0.76 9.75
C ALA D 122 -65.99 0.52 10.38
N VAL D 123 -66.39 1.47 9.55
CA VAL D 123 -66.91 2.72 10.07
C VAL D 123 -68.14 3.19 9.31
N SER D 124 -68.90 2.24 8.78
CA SER D 124 -70.11 2.56 8.02
C SER D 124 -71.23 1.53 8.19
N GLY D 125 -71.20 0.76 9.26
CA GLY D 125 -72.24 -0.22 9.47
C GLY D 125 -71.75 -1.56 9.99
N ASP D 126 -72.69 -2.47 10.25
CA ASP D 126 -72.35 -3.79 10.74
C ASP D 126 -71.90 -4.67 9.57
N LEU D 127 -71.50 -5.89 9.88
CA LEU D 127 -71.03 -6.83 8.86
C LEU D 127 -72.06 -7.12 7.77
N SER D 128 -73.31 -7.31 8.16
CA SER D 128 -74.34 -7.62 7.19
C SER D 128 -74.43 -6.56 6.08
N SER D 129 -74.14 -5.31 6.42
CA SER D 129 -74.19 -4.23 5.45
C SER D 129 -72.94 -4.20 4.56
N MET D 130 -71.95 -5.03 4.92
CA MET D 130 -70.70 -5.10 4.17
C MET D 130 -70.57 -6.38 3.37
N THR D 131 -71.40 -7.37 3.68
CA THR D 131 -71.34 -8.65 2.99
C THR D 131 -72.70 -9.14 2.53
N GLY D 132 -72.74 -9.69 1.32
CA GLY D 132 -74.00 -10.21 0.80
C GLY D 132 -74.24 -11.59 1.39
N THR D 133 -74.00 -12.62 0.58
CA THR D 133 -74.17 -14.00 1.02
C THR D 133 -72.80 -14.51 1.40
N VAL D 134 -71.90 -13.58 1.68
CA VAL D 134 -70.52 -13.91 2.04
C VAL D 134 -70.27 -13.82 3.54
N ALA D 135 -69.49 -14.75 4.05
CA ALA D 135 -69.13 -14.74 5.46
C ALA D 135 -67.64 -14.40 5.50
N SER D 136 -67.28 -13.30 4.84
CA SER D 136 -65.89 -12.86 4.79
C SER D 136 -65.73 -11.39 4.43
N VAL D 137 -64.49 -10.90 4.58
CA VAL D 137 -64.13 -9.53 4.27
C VAL D 137 -62.73 -9.58 3.67
N SER D 138 -62.57 -9.00 2.49
CA SER D 138 -61.29 -8.99 1.77
C SER D 138 -60.73 -7.61 1.53
N ILE D 139 -59.43 -7.46 1.69
CA ILE D 139 -58.76 -6.20 1.44
C ILE D 139 -57.55 -6.55 0.59
N PHE D 140 -57.44 -5.94 -0.58
CA PHE D 140 -56.33 -6.26 -1.47
C PHE D 140 -55.42 -5.10 -1.86
N LEU D 141 -54.14 -5.42 -2.03
CA LEU D 141 -53.15 -4.44 -2.41
C LEU D 141 -52.39 -4.95 -3.64
N ARG D 142 -52.45 -4.20 -4.73
CA ARG D 142 -51.75 -4.56 -5.96
C ARG D 142 -50.66 -3.51 -6.19
N PHE D 143 -49.48 -3.98 -6.59
CA PHE D 143 -48.34 -3.10 -6.82
C PHE D 143 -47.74 -3.35 -8.21
N ASP D 144 -47.23 -2.30 -8.86
CA ASP D 144 -46.61 -2.48 -10.18
C ASP D 144 -45.20 -3.05 -9.99
N GLN D 145 -44.40 -3.07 -11.05
CA GLN D 145 -43.05 -3.61 -10.93
C GLN D 145 -42.10 -2.75 -10.09
N ASN D 146 -42.56 -1.57 -9.68
CA ASN D 146 -41.73 -0.68 -8.85
C ASN D 146 -42.20 -0.67 -7.41
N GLY D 147 -43.24 -1.43 -7.09
CA GLY D 147 -43.74 -1.47 -5.73
C GLY D 147 -44.77 -0.39 -5.46
N VAL D 148 -45.16 0.34 -6.50
CA VAL D 148 -46.13 1.41 -6.37
C VAL D 148 -47.56 0.88 -6.38
N LEU D 149 -48.35 1.28 -5.38
CA LEU D 149 -49.73 0.86 -5.26
C LEU D 149 -50.53 1.19 -6.51
N MET D 150 -51.31 0.23 -7.00
CA MET D 150 -52.11 0.40 -8.21
C MET D 150 -53.56 0.68 -7.88
N GLU D 151 -54.24 1.37 -8.79
CA GLU D 151 -55.64 1.74 -8.61
C GLU D 151 -56.58 0.60 -8.23
N ASN D 152 -56.33 -0.60 -8.76
CA ASN D 152 -57.22 -1.71 -8.42
C ASN D 152 -56.81 -2.34 -7.10
N SER D 153 -56.94 -1.55 -6.04
CA SER D 153 -56.60 -2.00 -4.70
C SER D 153 -57.72 -1.48 -3.82
N SER D 154 -57.89 -2.08 -2.65
CA SER D 154 -58.93 -1.66 -1.72
C SER D 154 -58.51 -0.44 -0.93
N LEU D 155 -57.22 -0.10 -0.96
CA LEU D 155 -56.68 1.02 -0.20
C LEU D 155 -56.43 2.28 -1.03
N LYS D 156 -56.88 3.42 -0.52
CA LYS D 156 -56.67 4.67 -1.24
C LYS D 156 -55.17 4.97 -1.27
N LYS D 157 -54.73 5.48 -2.40
CA LYS D 157 -53.32 5.78 -2.63
C LYS D 157 -52.71 6.94 -1.84
N HIS D 158 -53.51 7.98 -1.59
CA HIS D 158 -52.98 9.16 -0.91
C HIS D 158 -52.08 8.97 0.31
N TYR D 159 -52.52 8.22 1.31
CA TYR D 159 -51.69 8.05 2.49
C TYR D 159 -50.96 6.74 2.70
N TRP D 160 -50.55 6.14 1.59
CA TRP D 160 -49.78 4.91 1.59
C TRP D 160 -48.44 5.44 1.10
N ASN D 161 -47.47 5.52 2.00
CA ASN D 161 -46.18 6.09 1.63
C ASN D 161 -45.16 5.85 2.74
N PHE D 162 -43.93 6.27 2.52
CA PHE D 162 -42.89 6.12 3.51
C PHE D 162 -43.18 7.01 4.73
N ARG D 163 -42.67 6.60 5.88
CA ARG D 163 -42.88 7.30 7.13
C ARG D 163 -42.15 8.64 7.31
N ASN D 164 -42.79 9.54 8.06
CA ASN D 164 -42.24 10.85 8.40
C ASN D 164 -42.90 11.21 9.73
N GLY D 165 -42.20 10.93 10.82
CA GLY D 165 -42.76 11.20 12.13
C GLY D 165 -43.92 10.25 12.30
N ASN D 166 -45.09 10.77 12.67
CA ASN D 166 -46.26 9.92 12.82
C ASN D 166 -47.18 10.17 11.64
N SER D 167 -46.59 10.58 10.53
CA SER D 167 -47.35 10.87 9.32
C SER D 167 -46.55 10.33 8.16
N THR D 168 -46.82 10.81 6.95
CA THR D 168 -46.11 10.31 5.80
C THR D 168 -45.37 11.36 5.01
N ASN D 169 -44.55 10.87 4.09
CA ASN D 169 -43.76 11.69 3.21
C ASN D 169 -44.70 12.65 2.48
N ALA D 170 -44.21 13.84 2.14
CA ALA D 170 -45.02 14.83 1.46
C ALA D 170 -45.20 14.45 -0.01
N ASN D 171 -44.16 13.89 -0.60
CA ASN D 171 -44.19 13.49 -2.00
C ASN D 171 -44.37 11.99 -2.14
N PRO D 172 -45.09 11.54 -3.17
CA PRO D 172 -45.38 10.13 -3.46
C PRO D 172 -44.11 9.33 -3.75
N TYR D 173 -44.01 8.12 -3.19
CA TYR D 173 -42.80 7.31 -3.43
C TYR D 173 -42.87 6.72 -4.83
N THR D 174 -41.71 6.46 -5.44
CA THR D 174 -41.68 5.88 -6.78
C THR D 174 -41.12 4.47 -6.81
N ASN D 175 -40.63 3.98 -5.68
CA ASN D 175 -40.08 2.64 -5.64
C ASN D 175 -39.99 2.05 -4.23
N ALA D 176 -40.63 0.90 -4.04
CA ALA D 176 -40.64 0.21 -2.75
C ALA D 176 -40.47 -1.29 -2.95
N VAL D 177 -39.85 -1.67 -4.07
CA VAL D 177 -39.62 -3.07 -4.38
C VAL D 177 -39.01 -3.84 -3.21
N GLY D 178 -38.31 -3.13 -2.32
CA GLY D 178 -37.69 -3.78 -1.18
C GLY D 178 -38.68 -4.16 -0.10
N PHE D 179 -39.93 -3.74 -0.26
CA PHE D 179 -41.00 -4.04 0.66
C PHE D 179 -41.91 -5.11 0.08
N MET D 180 -41.77 -5.34 -1.22
CA MET D 180 -42.62 -6.31 -1.91
C MET D 180 -42.32 -7.75 -1.54
N PRO D 181 -43.36 -8.60 -1.56
CA PRO D 181 -43.22 -10.01 -1.24
C PRO D 181 -42.36 -10.63 -2.35
N ASN D 182 -41.39 -11.45 -1.94
CA ASN D 182 -40.46 -12.14 -2.84
C ASN D 182 -41.20 -13.05 -3.85
N LEU D 183 -40.90 -12.90 -5.14
CA LEU D 183 -41.54 -13.71 -6.17
C LEU D 183 -41.07 -15.18 -6.23
N LEU D 184 -39.83 -15.45 -5.87
CA LEU D 184 -39.35 -16.82 -5.88
C LEU D 184 -39.98 -17.57 -4.71
N ALA D 185 -40.13 -16.88 -3.59
CA ALA D 185 -40.72 -17.50 -2.41
C ALA D 185 -42.23 -17.61 -2.58
N TYR D 186 -42.83 -16.60 -3.18
CA TYR D 186 -44.28 -16.56 -3.41
C TYR D 186 -44.57 -16.22 -4.85
N PRO D 187 -44.56 -17.21 -5.74
CA PRO D 187 -44.82 -17.03 -7.16
C PRO D 187 -46.21 -16.50 -7.51
N LYS D 188 -46.34 -15.93 -8.70
CA LYS D 188 -47.63 -15.44 -9.18
C LYS D 188 -48.31 -16.67 -9.78
N THR D 189 -49.53 -16.97 -9.35
CA THR D 189 -50.22 -18.16 -9.85
C THR D 189 -51.72 -18.20 -9.56
N GLN D 190 -52.45 -18.83 -10.47
CA GLN D 190 -53.90 -18.98 -10.36
C GLN D 190 -54.15 -20.07 -9.32
N SER D 191 -53.07 -20.70 -8.84
CA SER D 191 -53.16 -21.77 -7.86
C SER D 191 -52.82 -21.38 -6.42
N GLN D 192 -53.64 -21.80 -5.47
CA GLN D 192 -53.39 -21.49 -4.06
C GLN D 192 -52.32 -22.40 -3.47
N THR D 193 -51.08 -21.90 -3.48
CA THR D 193 -49.96 -22.65 -2.92
C THR D 193 -49.87 -22.26 -1.45
N ALA D 194 -49.87 -23.25 -0.56
CA ALA D 194 -49.82 -23.01 0.89
C ALA D 194 -48.76 -22.04 1.42
N LYS D 195 -47.55 -22.11 0.87
CA LYS D 195 -46.47 -21.25 1.32
C LYS D 195 -46.78 -19.77 1.06
N ASN D 196 -47.68 -19.51 0.10
CA ASN D 196 -48.05 -18.14 -0.26
C ASN D 196 -48.99 -17.53 0.76
N ASN D 197 -49.60 -18.35 1.60
CA ASN D 197 -50.51 -17.82 2.60
C ASN D 197 -49.98 -17.92 3.99
N ILE D 198 -50.58 -17.13 4.86
CA ILE D 198 -50.26 -17.15 6.27
C ILE D 198 -51.66 -17.31 6.81
N VAL D 199 -51.90 -18.36 7.58
CA VAL D 199 -53.25 -18.58 8.08
C VAL D 199 -53.30 -18.79 9.59
N SER D 200 -54.16 -18.04 10.25
CA SER D 200 -54.31 -18.13 11.70
C SER D 200 -55.74 -17.90 12.12
N GLN D 201 -56.08 -18.36 13.32
CA GLN D 201 -57.41 -18.14 13.82
C GLN D 201 -57.32 -16.89 14.65
N VAL D 202 -58.22 -15.94 14.39
CA VAL D 202 -58.26 -14.70 15.15
C VAL D 202 -59.65 -14.52 15.77
N TYR D 203 -59.86 -13.40 16.46
CA TYR D 203 -61.14 -13.16 17.13
C TYR D 203 -61.75 -11.79 16.90
N LEU D 204 -63.02 -11.76 16.53
CA LEU D 204 -63.71 -10.48 16.30
C LEU D 204 -63.78 -9.74 17.63
N HIS D 205 -63.34 -8.49 17.66
CA HIS D 205 -63.38 -7.71 18.90
C HIS D 205 -62.63 -8.42 20.01
N GLY D 206 -61.69 -9.29 19.68
CA GLY D 206 -60.95 -10.00 20.70
C GLY D 206 -61.83 -10.89 21.56
N ASP D 207 -63.03 -11.23 21.07
CA ASP D 207 -63.96 -12.08 21.81
C ASP D 207 -63.63 -13.54 21.50
N LYS D 208 -63.43 -14.37 22.53
CA LYS D 208 -63.10 -15.79 22.31
C LYS D 208 -64.26 -16.59 21.71
N THR D 209 -65.48 -16.11 21.89
CA THR D 209 -66.65 -16.80 21.35
C THR D 209 -66.99 -16.36 19.94
N LYS D 210 -66.17 -15.50 19.34
CA LYS D 210 -66.43 -15.03 17.98
C LYS D 210 -65.20 -15.21 17.10
N PRO D 211 -64.74 -16.45 16.95
CA PRO D 211 -63.56 -16.73 16.13
C PRO D 211 -63.73 -16.45 14.64
N MET D 212 -62.61 -16.21 13.97
CA MET D 212 -62.55 -15.97 12.52
C MET D 212 -61.22 -16.50 12.08
N ILE D 213 -61.07 -16.73 10.78
CA ILE D 213 -59.81 -17.20 10.24
C ILE D 213 -59.26 -16.05 9.38
N LEU D 214 -58.01 -15.69 9.63
CA LEU D 214 -57.38 -14.65 8.86
C LEU D 214 -56.49 -15.35 7.87
N THR D 215 -56.60 -14.96 6.61
CA THR D 215 -55.78 -15.55 5.57
C THR D 215 -55.05 -14.44 4.84
N ILE D 216 -53.74 -14.42 4.95
CA ILE D 216 -52.95 -13.41 4.26
C ILE D 216 -52.37 -14.12 3.05
N THR D 217 -52.54 -13.53 1.88
CA THR D 217 -52.03 -14.10 0.65
C THR D 217 -51.01 -13.15 0.05
N LEU D 218 -49.81 -13.68 -0.21
CA LEU D 218 -48.71 -12.93 -0.80
C LEU D 218 -48.57 -13.37 -2.27
N ASN D 219 -48.71 -12.42 -3.18
CA ASN D 219 -48.64 -12.70 -4.61
C ASN D 219 -49.64 -13.80 -4.96
N GLY D 220 -49.18 -14.86 -5.60
CA GLY D 220 -50.09 -15.94 -5.94
C GLY D 220 -51.48 -15.49 -6.37
N THR D 221 -52.49 -16.03 -5.70
CA THR D 221 -53.88 -15.73 -6.01
C THR D 221 -54.36 -14.31 -5.71
N SER D 222 -53.54 -13.49 -5.07
CA SER D 222 -53.98 -12.13 -4.80
C SER D 222 -53.54 -11.19 -5.93
N GLU D 223 -52.85 -11.73 -6.92
CA GLU D 223 -52.38 -10.93 -8.06
C GLU D 223 -53.52 -10.57 -9.02
N SER D 224 -53.48 -9.35 -9.55
CA SER D 224 -54.49 -8.92 -10.50
C SER D 224 -54.05 -9.32 -11.90
N THR D 225 -54.93 -9.94 -12.66
CA THR D 225 -54.60 -10.37 -14.02
C THR D 225 -55.40 -9.61 -15.07
N GLU D 226 -56.35 -8.80 -14.61
CA GLU D 226 -57.23 -7.99 -15.45
C GLU D 226 -56.52 -7.17 -16.53
N THR D 227 -57.01 -7.26 -17.76
CA THR D 227 -56.43 -6.52 -18.87
C THR D 227 -56.14 -5.07 -18.47
N SER D 228 -54.90 -4.63 -18.69
CA SER D 228 -54.47 -3.26 -18.38
C SER D 228 -54.02 -3.04 -16.94
N GLU D 229 -54.51 -3.87 -16.02
CA GLU D 229 -54.15 -3.74 -14.61
C GLU D 229 -53.48 -4.97 -14.03
N VAL D 230 -52.56 -5.56 -14.78
CA VAL D 230 -51.85 -6.75 -14.34
C VAL D 230 -50.75 -6.46 -13.32
N SER D 231 -50.99 -6.80 -12.04
CA SER D 231 -49.99 -6.55 -11.01
C SER D 231 -48.80 -7.50 -11.05
N THR D 232 -47.67 -7.05 -10.51
CA THR D 232 -46.43 -7.81 -10.44
C THR D 232 -46.31 -8.38 -9.04
N TYR D 233 -46.73 -7.59 -8.05
CA TYR D 233 -46.70 -7.97 -6.65
C TYR D 233 -48.10 -7.70 -6.12
N SER D 234 -48.47 -8.41 -5.05
CA SER D 234 -49.78 -8.20 -4.46
C SER D 234 -49.79 -8.70 -3.04
N MET D 235 -50.89 -8.46 -2.35
CA MET D 235 -51.02 -8.88 -0.98
C MET D 235 -52.45 -8.60 -0.56
N SER D 236 -53.09 -9.57 0.07
CA SER D 236 -54.46 -9.39 0.52
C SER D 236 -54.67 -9.97 1.90
N PHE D 237 -55.72 -9.51 2.56
CA PHE D 237 -56.05 -9.95 3.91
C PHE D 237 -57.50 -10.39 3.86
N THR D 238 -57.74 -11.67 4.03
CA THR D 238 -59.10 -12.16 3.98
C THR D 238 -59.50 -12.74 5.32
N TRP D 239 -60.62 -12.24 5.84
CA TRP D 239 -61.17 -12.70 7.11
C TRP D 239 -62.45 -13.46 6.80
N SER D 240 -62.54 -14.70 7.26
CA SER D 240 -63.73 -15.52 7.02
C SER D 240 -64.23 -16.17 8.31
N TRP D 241 -65.50 -16.57 8.32
CA TRP D 241 -66.10 -17.18 9.50
C TRP D 241 -67.35 -17.96 9.13
N GLU D 242 -67.91 -18.67 10.11
CA GLU D 242 -69.12 -19.46 9.88
C GLU D 242 -70.25 -18.57 9.39
N SER D 243 -70.79 -18.93 8.23
CA SER D 243 -71.88 -18.18 7.61
C SER D 243 -73.08 -17.97 8.52
N GLY D 244 -73.64 -16.77 8.46
CA GLY D 244 -74.80 -16.46 9.27
C GLY D 244 -74.52 -15.87 10.64
N LYS D 245 -73.25 -15.81 11.03
CA LYS D 245 -72.88 -15.26 12.33
C LYS D 245 -72.46 -13.79 12.27
N TYR D 246 -72.39 -13.18 13.46
CA TYR D 246 -71.99 -11.78 13.62
C TYR D 246 -72.66 -10.78 12.68
N THR D 247 -73.76 -11.16 12.05
CA THR D 247 -74.46 -10.27 11.11
C THR D 247 -74.70 -8.84 11.61
N THR D 248 -74.83 -8.66 12.92
CA THR D 248 -75.07 -7.33 13.47
C THR D 248 -73.86 -6.67 14.11
N GLU D 249 -72.75 -7.42 14.20
CA GLU D 249 -71.53 -6.90 14.79
C GLU D 249 -70.85 -5.91 13.86
N THR D 250 -69.94 -5.11 14.41
CA THR D 250 -69.18 -4.17 13.60
C THR D 250 -67.84 -4.84 13.35
N PHE D 251 -67.35 -4.79 12.12
CA PHE D 251 -66.09 -5.43 11.82
C PHE D 251 -64.93 -4.68 12.49
N ALA D 252 -64.21 -5.36 13.35
CA ALA D 252 -63.08 -4.76 14.05
C ALA D 252 -62.08 -5.84 14.49
N THR D 253 -60.89 -5.81 13.91
CA THR D 253 -59.87 -6.79 14.23
C THR D 253 -58.81 -6.30 15.22
N ASN D 254 -58.16 -7.26 15.88
CA ASN D 254 -57.09 -6.98 16.83
C ASN D 254 -55.85 -6.82 15.96
N SER D 255 -54.82 -6.16 16.48
CA SER D 255 -53.61 -5.99 15.69
C SER D 255 -52.97 -7.35 15.48
N TYR D 256 -52.55 -7.59 14.23
CA TYR D 256 -51.93 -8.85 13.87
C TYR D 256 -50.53 -8.69 13.29
N THR D 257 -49.61 -9.49 13.80
CA THR D 257 -48.21 -9.47 13.38
C THR D 257 -47.90 -10.65 12.46
N PHE D 258 -47.06 -10.41 11.48
CA PHE D 258 -46.59 -11.45 10.57
C PHE D 258 -45.35 -10.89 9.88
N SER D 259 -44.69 -11.70 9.08
CA SER D 259 -43.51 -11.26 8.37
C SER D 259 -43.45 -12.07 7.09
N TYR D 260 -42.54 -11.71 6.19
CA TYR D 260 -42.42 -12.46 4.97
C TYR D 260 -41.11 -12.10 4.30
N ILE D 261 -40.65 -12.94 3.38
CA ILE D 261 -39.40 -12.70 2.68
C ILE D 261 -39.63 -11.58 1.68
N ALA D 262 -38.73 -10.61 1.68
CA ALA D 262 -38.83 -9.45 0.80
C ALA D 262 -38.18 -9.73 -0.55
N GLN D 263 -38.60 -8.99 -1.57
CA GLN D 263 -38.04 -9.15 -2.92
C GLN D 263 -36.54 -8.81 -2.96
N GLU D 264 -36.15 -7.75 -2.25
CA GLU D 264 -34.74 -7.36 -2.20
C GLU D 264 -34.36 -6.79 -0.83
N VAL E 1 12.00 33.44 -6.08
CA VAL E 1 11.39 32.20 -5.54
C VAL E 1 10.17 31.78 -6.37
N SER E 2 10.25 30.60 -6.98
CA SER E 2 9.18 30.08 -7.81
C SER E 2 8.24 29.14 -7.08
N ILE E 3 6.93 29.41 -7.20
CA ILE E 3 5.90 28.59 -6.57
C ILE E 3 4.90 28.15 -7.64
N LYS E 4 4.37 26.95 -7.51
CA LYS E 4 3.39 26.43 -8.46
C LYS E 4 2.00 26.63 -7.85
N LYS E 5 1.45 27.84 -8.02
CA LYS E 5 0.13 28.17 -7.48
C LYS E 5 -0.92 27.10 -7.74
N SER E 6 -0.81 26.42 -8.87
CA SER E 6 -1.77 25.38 -9.21
C SER E 6 -1.54 24.09 -8.43
N SER E 7 -0.85 24.19 -7.30
CA SER E 7 -0.57 23.02 -6.46
C SER E 7 -0.58 23.32 -4.96
N GLY E 8 -1.57 24.08 -4.52
CA GLY E 8 -1.73 24.38 -3.11
C GLY E 8 -0.92 25.49 -2.47
N LEU E 9 -0.38 26.41 -3.26
CA LEU E 9 0.40 27.50 -2.68
C LEU E 9 0.11 28.84 -3.33
N ASN E 10 0.47 29.91 -2.63
CA ASN E 10 0.28 31.28 -3.09
C ASN E 10 1.00 32.21 -2.13
N PHE E 11 0.86 33.51 -2.34
CA PHE E 11 1.52 34.49 -1.48
C PHE E 11 0.56 35.31 -0.64
N ASP E 12 0.95 35.53 0.61
CA ASP E 12 0.17 36.31 1.58
C ASP E 12 1.09 37.42 2.07
N ASN E 13 1.11 38.53 1.33
CA ASN E 13 1.95 39.67 1.68
C ASN E 13 3.42 39.21 1.62
N THR E 14 3.79 38.67 0.46
CA THR E 14 5.14 38.18 0.18
C THR E 14 5.43 36.79 0.75
N ALA E 15 4.79 36.45 1.85
CA ALA E 15 4.99 35.15 2.51
C ALA E 15 4.35 34.00 1.73
N ILE E 16 5.03 32.86 1.70
CA ILE E 16 4.52 31.67 1.01
C ILE E 16 3.53 30.98 1.94
N ALA E 17 2.37 30.60 1.40
CA ALA E 17 1.36 29.94 2.21
C ALA E 17 0.63 28.84 1.46
N ILE E 18 0.16 27.85 2.21
CA ILE E 18 -0.59 26.73 1.64
C ILE E 18 -2.01 27.21 1.39
N ASN E 19 -2.45 27.11 0.15
CA ASN E 19 -3.81 27.51 -0.23
C ASN E 19 -4.78 26.37 0.09
N ALA E 20 -5.18 26.28 1.34
CA ALA E 20 -6.10 25.23 1.80
C ALA E 20 -7.45 25.29 1.09
N GLY E 21 -8.29 24.29 1.35
CA GLY E 21 -9.59 24.26 0.71
C GLY E 21 -10.63 23.48 1.49
N LYS E 22 -11.51 22.80 0.76
CA LYS E 22 -12.58 22.02 1.37
C LYS E 22 -12.05 20.78 2.08
N GLY E 23 -12.34 20.68 3.38
CA GLY E 23 -11.90 19.53 4.15
C GLY E 23 -10.58 19.75 4.86
N LEU E 24 -10.05 20.96 4.78
CA LEU E 24 -8.79 21.28 5.43
C LEU E 24 -8.85 22.68 6.05
N GLU E 25 -8.06 22.89 7.09
CA GLU E 25 -8.01 24.18 7.77
C GLU E 25 -6.71 24.30 8.56
N PHE E 26 -6.64 25.32 9.43
CA PHE E 26 -5.44 25.54 10.25
C PHE E 26 -5.79 25.48 11.74
N ASP E 27 -5.10 24.60 12.45
CA ASP E 27 -5.34 24.43 13.88
C ASP E 27 -4.90 25.67 14.65
N THR E 28 -5.86 26.39 15.21
CA THR E 28 -5.58 27.59 15.98
C THR E 28 -5.75 27.34 17.48
N ASN E 29 -5.55 26.09 17.88
CA ASN E 29 -5.67 25.69 19.28
C ASN E 29 -4.38 25.02 19.71
N THR E 30 -3.30 25.35 19.00
CA THR E 30 -1.97 24.82 19.27
C THR E 30 -1.29 25.73 20.28
N SER E 31 -0.52 25.14 21.19
CA SER E 31 0.19 25.92 22.19
C SER E 31 1.06 27.01 21.55
N GLU E 32 1.28 26.90 20.25
CA GLU E 32 2.10 27.86 19.53
C GLU E 32 1.31 28.85 18.69
N SER E 33 0.01 28.62 18.56
CA SER E 33 -0.84 29.50 17.76
C SER E 33 -1.00 30.84 18.49
N PRO E 34 -1.52 31.87 17.81
CA PRO E 34 -2.00 31.98 16.41
C PRO E 34 -0.88 31.91 15.38
N ASP E 35 0.33 31.61 15.84
CA ASP E 35 1.48 31.50 14.95
C ASP E 35 1.84 30.02 14.87
N ILE E 36 2.59 29.63 13.85
CA ILE E 36 2.95 28.23 13.68
C ILE E 36 1.66 27.41 13.82
N ASN E 37 0.71 27.66 12.92
CA ASN E 37 -0.56 26.95 12.92
C ASN E 37 -0.48 25.76 11.97
N PRO E 38 -0.29 24.55 12.53
CA PRO E 38 -0.21 23.39 11.65
C PRO E 38 -1.52 23.20 10.89
N ILE E 39 -1.41 22.85 9.61
CA ILE E 39 -2.60 22.63 8.80
C ILE E 39 -3.18 21.26 9.16
N LYS E 40 -4.50 21.15 9.11
CA LYS E 40 -5.16 19.89 9.42
C LYS E 40 -6.48 19.76 8.66
N THR E 41 -7.12 18.61 8.81
CA THR E 41 -8.39 18.33 8.13
C THR E 41 -9.60 18.97 8.82
N LYS E 42 -10.55 19.43 8.02
CA LYS E 42 -11.77 20.04 8.55
C LYS E 42 -12.82 18.95 8.79
N ILE E 43 -12.95 18.54 10.05
CA ILE E 43 -13.87 17.49 10.46
C ILE E 43 -15.27 17.95 10.87
N GLY E 44 -16.27 17.09 10.63
CA GLY E 44 -17.64 17.42 10.99
C GLY E 44 -18.40 16.28 11.67
N SER E 45 -19.70 16.20 11.40
CA SER E 45 -20.54 15.17 12.00
C SER E 45 -20.24 13.78 11.45
N GLY E 46 -20.22 12.80 12.35
CA GLY E 46 -19.96 11.43 11.95
C GLY E 46 -18.50 11.05 11.95
N ILE E 47 -17.63 12.05 11.98
CA ILE E 47 -16.20 11.82 11.97
C ILE E 47 -15.55 12.40 13.22
N ASP E 48 -14.55 11.69 13.74
CA ASP E 48 -13.87 12.13 14.95
C ASP E 48 -12.36 11.86 14.86
N TYR E 49 -11.61 12.24 15.89
CA TYR E 49 -10.17 12.02 15.89
C TYR E 49 -9.74 10.94 16.86
N ASN E 50 -8.80 10.13 16.39
CA ASN E 50 -8.26 9.02 17.17
C ASN E 50 -7.33 9.56 18.24
N GLU E 51 -6.98 8.73 19.21
CA GLU E 51 -6.07 9.13 20.28
C GLU E 51 -4.71 9.34 19.62
N ASN E 52 -4.52 8.62 18.52
CA ASN E 52 -3.30 8.67 17.75
C ASN E 52 -3.35 9.84 16.77
N GLY E 53 -4.48 10.53 16.72
CA GLY E 53 -4.63 11.67 15.82
C GLY E 53 -5.20 11.37 14.45
N ALA E 54 -5.56 10.11 14.22
CA ALA E 54 -6.12 9.72 12.93
C ALA E 54 -7.63 9.97 12.88
N MET E 55 -8.16 10.20 11.69
CA MET E 55 -9.59 10.42 11.53
C MET E 55 -10.32 9.09 11.49
N ILE E 56 -11.35 8.96 12.31
CA ILE E 56 -12.13 7.74 12.34
C ILE E 56 -13.61 8.13 12.27
N THR E 57 -14.48 7.17 11.99
CA THR E 57 -15.91 7.44 11.93
C THR E 57 -16.45 7.31 13.35
N LYS E 58 -17.24 8.28 13.78
CA LYS E 58 -17.82 8.27 15.12
C LYS E 58 -19.11 7.46 15.12
N LEU E 59 -19.11 6.34 15.82
CA LEU E 59 -20.26 5.46 15.85
C LEU E 59 -21.13 5.57 17.10
N GLY E 60 -22.44 5.38 16.91
CA GLY E 60 -23.38 5.43 18.01
C GLY E 60 -24.03 4.08 18.25
N ALA E 61 -25.22 4.10 18.84
CA ALA E 61 -25.95 2.86 19.15
C ALA E 61 -26.37 2.10 17.90
N GLY E 62 -26.07 0.80 17.88
CA GLY E 62 -26.44 0.00 16.74
C GLY E 62 -25.28 -0.29 15.81
N LEU E 63 -24.23 0.54 15.85
CA LEU E 63 -23.08 0.34 14.99
C LEU E 63 -21.84 -0.04 15.80
N SER E 64 -20.82 -0.50 15.10
CA SER E 64 -19.56 -0.89 15.72
C SER E 64 -18.59 -1.29 14.62
N PHE E 65 -17.32 -1.46 14.98
CA PHE E 65 -16.29 -1.82 14.02
C PHE E 65 -16.01 -3.32 14.01
N ASP E 66 -15.95 -3.91 12.81
CA ASP E 66 -15.66 -5.35 12.74
C ASP E 66 -14.16 -5.58 12.94
N ASN E 67 -13.66 -6.73 12.46
CA ASN E 67 -12.25 -7.07 12.60
C ASN E 67 -11.36 -6.40 11.55
N SER E 68 -11.97 -5.96 10.47
CA SER E 68 -11.20 -5.30 9.41
C SER E 68 -11.37 -3.79 9.54
N GLY E 69 -11.89 -3.37 10.70
CA GLY E 69 -12.09 -1.95 10.93
C GLY E 69 -13.22 -1.34 10.12
N ALA E 70 -14.17 -2.18 9.69
CA ALA E 70 -15.31 -1.70 8.91
C ALA E 70 -16.48 -1.44 9.86
N ILE E 71 -17.42 -0.62 9.42
CA ILE E 71 -18.59 -0.31 10.23
C ILE E 71 -19.69 -1.32 9.98
N THR E 72 -20.08 -2.05 11.01
CA THR E 72 -21.15 -3.02 10.88
C THR E 72 -22.23 -2.74 11.89
N ILE E 73 -23.32 -3.48 11.80
CA ILE E 73 -24.43 -3.32 12.72
C ILE E 73 -24.32 -4.30 13.87
N GLY E 74 -24.43 -3.79 15.09
CA GLY E 74 -24.36 -4.66 16.25
C GLY E 74 -23.45 -4.17 17.35
N ASN E 75 -23.95 -4.22 18.58
CA ASN E 75 -23.21 -3.82 19.76
C ASN E 75 -23.30 -4.98 20.75
N LYS E 76 -22.39 -5.95 20.61
CA LYS E 76 -22.39 -7.11 21.49
C LYS E 76 -22.43 -6.64 22.94
N ASN E 77 -21.66 -5.60 23.23
CA ASN E 77 -21.58 -5.02 24.57
C ASN E 77 -22.90 -4.37 24.94
N ASP E 78 -22.85 -3.08 25.27
CA ASP E 78 -24.04 -2.33 25.64
C ASP E 78 -24.89 -2.14 24.39
N ASP E 79 -26.17 -2.50 24.49
CA ASP E 79 -27.09 -2.40 23.36
C ASP E 79 -28.37 -1.66 23.75
N LYS E 80 -28.50 -0.42 23.31
CA LYS E 80 -29.66 0.38 23.63
C LYS E 80 -30.82 0.24 22.63
N LEU E 81 -30.76 -0.80 21.80
CA LEU E 81 -31.84 -1.06 20.86
C LEU E 81 -32.61 -2.27 21.36
N THR E 82 -32.26 -2.72 22.55
CA THR E 82 -32.95 -3.84 23.18
C THR E 82 -33.23 -3.49 24.63
N LEU E 83 -34.50 -3.51 25.00
CA LEU E 83 -34.92 -3.24 26.36
C LEU E 83 -35.47 -4.58 26.83
N TRP E 84 -34.93 -5.12 27.93
CA TRP E 84 -35.41 -6.42 28.40
C TRP E 84 -35.32 -6.68 29.91
N THR E 85 -35.64 -7.91 30.27
CA THR E 85 -35.63 -8.37 31.65
C THR E 85 -34.46 -9.34 31.84
N THR E 86 -33.63 -9.44 30.80
CA THR E 86 -32.49 -10.37 30.67
C THR E 86 -33.17 -11.66 30.21
N PRO E 87 -32.47 -12.49 29.42
CA PRO E 87 -33.06 -13.74 28.94
C PRO E 87 -33.39 -14.82 29.97
N ASP E 88 -32.76 -14.76 31.13
CA ASP E 88 -33.01 -15.77 32.15
C ASP E 88 -33.28 -15.17 33.54
N PRO E 89 -34.32 -14.33 33.65
CA PRO E 89 -34.68 -13.68 34.92
C PRO E 89 -34.95 -14.58 36.13
N SER E 90 -34.60 -14.09 37.31
CA SER E 90 -34.85 -14.78 38.57
C SER E 90 -36.27 -14.35 38.89
N PRO E 91 -36.83 -14.76 40.04
CA PRO E 91 -38.20 -14.32 40.34
C PRO E 91 -38.19 -12.80 40.26
N ASN E 92 -39.02 -12.23 39.39
CA ASN E 92 -39.01 -10.79 39.19
C ASN E 92 -40.38 -10.20 38.95
N CYS E 93 -41.41 -11.01 39.12
CA CYS E 93 -42.75 -10.55 38.83
C CYS E 93 -43.75 -11.01 39.89
N ARG E 94 -44.84 -10.28 39.98
CA ARG E 94 -45.88 -10.58 40.95
C ARG E 94 -47.22 -10.79 40.26
N ILE E 95 -47.83 -11.95 40.47
CA ILE E 95 -49.12 -12.21 39.88
C ILE E 95 -50.17 -12.15 40.98
N HIS E 96 -49.92 -12.88 42.07
CA HIS E 96 -50.85 -12.90 43.20
C HIS E 96 -50.13 -12.55 44.49
N SER E 97 -48.87 -12.95 44.59
CA SER E 97 -48.07 -12.66 45.77
C SER E 97 -46.68 -12.30 45.26
N ASP E 98 -45.93 -11.54 46.05
CA ASP E 98 -44.59 -11.11 45.68
C ASP E 98 -43.64 -12.19 45.17
N ASN E 99 -42.91 -11.85 44.11
CA ASN E 99 -41.91 -12.73 43.50
C ASN E 99 -42.41 -14.12 43.12
N ASP E 100 -43.69 -14.26 42.86
CA ASP E 100 -44.24 -15.57 42.53
C ASP E 100 -44.06 -16.01 41.09
N CYS E 101 -43.42 -15.18 40.27
CA CYS E 101 -43.25 -15.56 38.88
C CYS E 101 -42.02 -15.01 38.18
N LYS E 102 -41.50 -15.80 37.24
CA LYS E 102 -40.35 -15.40 36.44
C LYS E 102 -40.94 -14.87 35.14
N PHE E 103 -40.83 -13.57 34.92
CA PHE E 103 -41.39 -12.98 33.74
C PHE E 103 -40.24 -12.63 32.79
N THR E 104 -40.33 -13.10 31.55
CA THR E 104 -39.29 -12.79 30.57
C THR E 104 -39.91 -11.99 29.43
N LEU E 105 -39.36 -10.80 29.19
CA LEU E 105 -39.84 -9.94 28.13
C LEU E 105 -38.69 -9.25 27.44
N VAL E 106 -38.63 -9.39 26.13
CA VAL E 106 -37.58 -8.76 25.35
C VAL E 106 -38.18 -7.87 24.26
N LEU E 107 -37.85 -6.59 24.30
CA LEU E 107 -38.33 -5.63 23.31
C LEU E 107 -37.13 -5.24 22.46
N THR E 108 -37.24 -5.43 21.16
CA THR E 108 -36.16 -5.11 20.23
C THR E 108 -36.69 -4.10 19.22
N LYS E 109 -36.12 -2.91 19.20
CA LYS E 109 -36.57 -1.87 18.30
C LYS E 109 -36.11 -2.10 16.88
N CYS E 110 -37.07 -2.14 15.96
CA CYS E 110 -36.78 -2.34 14.55
C CYS E 110 -37.32 -1.14 13.82
N GLY E 111 -36.94 0.04 14.27
CA GLY E 111 -37.40 1.25 13.63
C GLY E 111 -38.80 1.61 14.10
N SER E 112 -39.71 1.76 13.16
CA SER E 112 -41.09 2.11 13.46
C SER E 112 -41.84 1.07 14.30
N GLN E 113 -41.25 -0.12 14.46
CA GLN E 113 -41.87 -1.18 15.24
C GLN E 113 -40.96 -1.82 16.25
N VAL E 114 -41.56 -2.42 17.27
CA VAL E 114 -40.85 -3.13 18.32
C VAL E 114 -41.21 -4.62 18.14
N LEU E 115 -40.19 -5.46 17.97
CA LEU E 115 -40.39 -6.89 17.83
C LEU E 115 -40.27 -7.39 19.27
N ALA E 116 -41.23 -8.16 19.75
CA ALA E 116 -41.19 -8.63 21.11
C ALA E 116 -41.43 -10.12 21.31
N THR E 117 -40.88 -10.66 22.40
CA THR E 117 -41.09 -12.05 22.74
C THR E 117 -41.33 -12.11 24.25
N VAL E 118 -42.38 -12.83 24.65
CA VAL E 118 -42.76 -12.93 26.05
C VAL E 118 -42.92 -14.38 26.51
N ALA E 119 -42.79 -14.60 27.82
CA ALA E 119 -42.91 -15.92 28.44
C ALA E 119 -43.01 -15.77 29.98
N ALA E 120 -43.91 -16.52 30.60
CA ALA E 120 -44.09 -16.44 32.05
C ALA E 120 -44.05 -17.81 32.71
N LEU E 121 -43.63 -17.82 33.97
CA LEU E 121 -43.53 -19.05 34.74
C LEU E 121 -43.65 -18.80 36.25
N ALA E 122 -44.70 -19.33 36.85
CA ALA E 122 -44.89 -19.17 38.29
C ALA E 122 -43.85 -20.04 38.97
N VAL E 123 -43.42 -19.63 40.16
CA VAL E 123 -42.44 -20.40 40.89
C VAL E 123 -42.88 -20.61 42.32
N SER E 124 -44.14 -20.30 42.61
CA SER E 124 -44.64 -20.45 43.97
C SER E 124 -45.92 -21.27 44.14
N GLY E 125 -46.18 -22.22 43.24
CA GLY E 125 -47.39 -23.01 43.38
C GLY E 125 -48.24 -23.06 42.12
N ASP E 126 -49.40 -23.69 42.23
CA ASP E 126 -50.32 -23.83 41.10
C ASP E 126 -51.32 -22.70 40.90
N LEU E 127 -52.08 -22.80 39.81
CA LEU E 127 -53.08 -21.82 39.42
C LEU E 127 -54.12 -21.49 40.46
N SER E 128 -54.62 -22.49 41.15
CA SER E 128 -55.63 -22.27 42.17
C SER E 128 -55.17 -21.23 43.18
N SER E 129 -53.90 -21.31 43.59
CA SER E 129 -53.35 -20.40 44.58
C SER E 129 -53.09 -18.97 44.06
N MET E 130 -53.17 -18.78 42.75
CA MET E 130 -52.92 -17.46 42.18
C MET E 130 -54.12 -16.79 41.54
N THR E 131 -55.32 -17.30 41.77
CA THR E 131 -56.48 -16.67 41.13
C THR E 131 -57.72 -16.37 41.97
N GLY E 132 -58.39 -17.41 42.45
CA GLY E 132 -59.60 -17.18 43.21
C GLY E 132 -60.72 -17.57 42.27
N THR E 133 -61.72 -16.70 42.10
CA THR E 133 -62.82 -17.02 41.19
C THR E 133 -62.46 -16.57 39.78
N VAL E 134 -61.30 -15.92 39.70
CA VAL E 134 -60.73 -15.38 38.47
C VAL E 134 -60.80 -16.27 37.22
N ALA E 135 -59.77 -17.12 37.07
CA ALA E 135 -59.60 -18.02 35.92
C ALA E 135 -58.81 -17.25 34.88
N SER E 136 -57.81 -16.52 35.35
CA SER E 136 -56.94 -15.74 34.49
C SER E 136 -55.78 -15.23 35.30
N VAL E 137 -54.69 -14.97 34.61
CA VAL E 137 -53.48 -14.44 35.21
C VAL E 137 -53.20 -13.18 34.43
N SER E 138 -52.94 -12.08 35.12
CA SER E 138 -52.69 -10.82 34.45
C SER E 138 -51.37 -10.17 34.87
N ILE E 139 -50.57 -9.74 33.90
CA ILE E 139 -49.28 -9.08 34.17
C ILE E 139 -49.23 -7.73 33.48
N PHE E 140 -48.99 -6.67 34.27
CA PHE E 140 -48.97 -5.31 33.71
C PHE E 140 -47.73 -4.44 33.91
N LEU E 141 -47.44 -3.66 32.88
CA LEU E 141 -46.31 -2.74 32.88
C LEU E 141 -46.79 -1.31 32.62
N ARG E 142 -46.52 -0.42 33.56
CA ARG E 142 -46.91 0.98 33.44
C ARG E 142 -45.66 1.84 33.29
N PHE E 143 -45.70 2.83 32.39
CA PHE E 143 -44.55 3.68 32.12
C PHE E 143 -44.89 5.18 32.21
N ASP E 144 -43.94 5.99 32.67
CA ASP E 144 -44.13 7.44 32.75
C ASP E 144 -43.91 8.02 31.36
N GLN E 145 -43.95 9.35 31.22
CA GLN E 145 -43.79 9.94 29.88
C GLN E 145 -42.42 9.84 29.24
N ASN E 146 -41.46 9.27 29.96
CA ASN E 146 -40.13 9.11 29.39
C ASN E 146 -39.93 7.65 29.02
N GLY E 147 -40.86 6.81 29.46
CA GLY E 147 -40.77 5.39 29.19
C GLY E 147 -40.12 4.63 30.34
N VAL E 148 -40.16 5.22 31.54
CA VAL E 148 -39.57 4.60 32.72
C VAL E 148 -40.63 3.81 33.48
N LEU E 149 -40.30 2.55 33.79
CA LEU E 149 -41.23 1.68 34.49
C LEU E 149 -41.69 2.34 35.78
N MET E 150 -42.97 2.23 36.06
CA MET E 150 -43.54 2.82 37.25
C MET E 150 -43.75 1.80 38.36
N GLU E 151 -43.86 2.28 39.59
CA GLU E 151 -44.06 1.43 40.75
C GLU E 151 -45.27 0.51 40.64
N ASN E 152 -46.35 1.02 40.08
CA ASN E 152 -47.57 0.22 39.94
C ASN E 152 -47.54 -0.69 38.72
N SER E 153 -46.56 -1.59 38.70
CA SER E 153 -46.38 -2.55 37.62
C SER E 153 -46.10 -3.90 38.27
N SER E 154 -46.46 -4.98 37.58
CA SER E 154 -46.23 -6.32 38.10
C SER E 154 -44.74 -6.61 38.11
N LEU E 155 -44.04 -6.13 37.09
CA LEU E 155 -42.60 -6.38 36.97
C LEU E 155 -41.75 -5.52 37.91
N LYS E 156 -40.81 -6.14 38.63
CA LYS E 156 -39.93 -5.37 39.52
C LYS E 156 -38.95 -4.56 38.67
N LYS E 157 -38.59 -3.39 39.19
CA LYS E 157 -37.73 -2.45 38.47
C LYS E 157 -36.23 -2.72 38.29
N HIS E 158 -35.58 -3.26 39.31
CA HIS E 158 -34.15 -3.47 39.21
C HIS E 158 -33.57 -4.04 37.90
N TYR E 159 -34.12 -5.14 37.40
CA TYR E 159 -33.56 -5.72 36.19
C TYR E 159 -34.29 -5.52 34.87
N TRP E 160 -34.96 -4.38 34.74
CA TRP E 160 -35.66 -4.00 33.52
C TRP E 160 -34.82 -2.85 33.01
N ASN E 161 -33.99 -3.12 32.00
CA ASN E 161 -33.09 -2.10 31.48
C ASN E 161 -32.57 -2.49 30.10
N PHE E 162 -31.75 -1.63 29.53
CA PHE E 162 -31.17 -1.88 28.24
C PHE E 162 -30.23 -3.04 28.40
N ARG E 163 -29.92 -3.68 27.29
CA ARG E 163 -29.07 -4.84 27.31
C ARG E 163 -27.59 -4.58 27.32
N ASN E 164 -26.86 -5.50 27.94
CA ASN E 164 -25.41 -5.46 28.02
C ASN E 164 -24.98 -6.93 28.06
N GLY E 165 -24.69 -7.47 26.88
CA GLY E 165 -24.31 -8.87 26.81
C GLY E 165 -25.55 -9.70 27.11
N ASN E 166 -25.48 -10.54 28.13
CA ASN E 166 -26.62 -11.36 28.52
C ASN E 166 -27.28 -10.82 29.77
N SER E 167 -26.89 -9.62 30.19
CA SER E 167 -27.45 -9.01 31.36
C SER E 167 -27.91 -7.59 31.05
N THR E 168 -28.00 -6.75 32.07
CA THR E 168 -28.44 -5.38 31.88
C THR E 168 -27.37 -4.35 32.14
N ASN E 169 -27.70 -3.11 31.75
CA ASN E 169 -26.85 -1.95 31.92
C ASN E 169 -26.67 -1.73 33.41
N ALA E 170 -25.52 -1.19 33.81
CA ALA E 170 -25.25 -0.93 35.22
C ALA E 170 -26.22 0.10 35.81
N ASN E 171 -26.42 1.21 35.10
CA ASN E 171 -27.31 2.26 35.61
C ASN E 171 -28.71 2.23 35.03
N PRO E 172 -29.69 2.71 35.82
CA PRO E 172 -31.08 2.74 35.36
C PRO E 172 -31.20 3.63 34.13
N TYR E 173 -31.97 3.20 33.14
CA TYR E 173 -32.15 4.01 31.95
C TYR E 173 -33.06 5.19 32.29
N THR E 174 -32.99 6.26 31.50
CA THR E 174 -33.82 7.44 31.75
C THR E 174 -34.87 7.66 30.67
N ASN E 175 -34.62 7.22 29.45
CA ASN E 175 -35.60 7.39 28.39
C ASN E 175 -35.65 6.19 27.44
N ALA E 176 -36.84 5.62 27.30
CA ALA E 176 -37.05 4.47 26.41
C ALA E 176 -38.32 4.68 25.59
N VAL E 177 -38.65 5.95 25.34
CA VAL E 177 -39.85 6.29 24.60
C VAL E 177 -39.88 5.63 23.24
N GLY E 178 -38.71 5.32 22.70
CA GLY E 178 -38.63 4.66 21.41
C GLY E 178 -39.17 3.24 21.46
N PHE E 179 -39.33 2.73 22.67
CA PHE E 179 -39.82 1.38 22.91
C PHE E 179 -41.28 1.37 23.29
N MET E 180 -41.84 2.55 23.55
CA MET E 180 -43.23 2.62 23.97
C MET E 180 -44.24 2.45 22.84
N PRO E 181 -45.44 1.97 23.18
CA PRO E 181 -46.54 1.76 22.24
C PRO E 181 -47.05 3.11 21.73
N ASN E 182 -47.15 3.24 20.41
CA ASN E 182 -47.61 4.47 19.76
C ASN E 182 -48.98 4.93 20.28
N LEU E 183 -49.05 6.14 20.81
CA LEU E 183 -50.31 6.65 21.34
C LEU E 183 -51.35 6.96 20.27
N LEU E 184 -50.92 7.25 19.05
CA LEU E 184 -51.90 7.50 17.99
C LEU E 184 -52.51 6.17 17.55
N ALA E 185 -51.65 5.17 17.38
CA ALA E 185 -52.09 3.84 16.96
C ALA E 185 -52.88 3.16 18.06
N TYR E 186 -52.43 3.33 19.31
CA TYR E 186 -53.09 2.75 20.47
C TYR E 186 -53.33 3.81 21.54
N PRO E 187 -54.46 4.52 21.46
CA PRO E 187 -54.82 5.59 22.41
C PRO E 187 -55.01 5.17 23.86
N LYS E 188 -54.86 6.12 24.77
CA LYS E 188 -55.10 5.86 26.19
C LYS E 188 -56.63 5.88 26.23
N THR E 189 -57.25 4.91 26.86
CA THR E 189 -58.71 4.92 26.90
C THR E 189 -59.32 3.95 27.89
N GLN E 190 -60.62 4.14 28.11
CA GLN E 190 -61.36 3.29 29.03
C GLN E 190 -62.20 2.34 28.19
N SER E 191 -62.07 2.51 26.88
CA SER E 191 -62.80 1.71 25.91
C SER E 191 -61.93 0.61 25.30
N GLN E 192 -62.45 -0.62 25.31
CA GLN E 192 -61.72 -1.76 24.76
C GLN E 192 -61.69 -1.75 23.23
N THR E 193 -60.88 -0.88 22.65
CA THR E 193 -60.75 -0.78 21.22
C THR E 193 -59.93 -1.95 20.67
N ALA E 194 -60.51 -2.68 19.72
CA ALA E 194 -59.87 -3.86 19.13
C ALA E 194 -58.42 -3.69 18.69
N LYS E 195 -58.16 -2.66 17.90
CA LYS E 195 -56.81 -2.41 17.41
C LYS E 195 -55.78 -2.35 18.53
N ASN E 196 -56.23 -1.97 19.72
CA ASN E 196 -55.35 -1.84 20.88
C ASN E 196 -54.83 -3.17 21.44
N ASN E 197 -55.48 -4.28 21.10
CA ASN E 197 -55.03 -5.57 21.61
C ASN E 197 -54.55 -6.52 20.53
N ILE E 198 -53.90 -7.58 20.99
CA ILE E 198 -53.44 -8.64 20.11
C ILE E 198 -54.02 -9.85 20.84
N VAL E 199 -54.78 -10.67 20.12
CA VAL E 199 -55.42 -11.81 20.76
C VAL E 199 -55.16 -13.15 20.08
N SER E 200 -54.62 -14.11 20.83
CA SER E 200 -54.33 -15.42 20.27
C SER E 200 -54.66 -16.57 21.20
N GLN E 201 -54.83 -17.75 20.62
CA GLN E 201 -55.08 -18.91 21.44
C GLN E 201 -53.71 -19.50 21.70
N VAL E 202 -53.40 -19.74 22.97
CA VAL E 202 -52.12 -20.33 23.33
C VAL E 202 -52.42 -21.56 24.16
N TYR E 203 -51.42 -22.40 24.39
CA TYR E 203 -51.62 -23.62 25.17
C TYR E 203 -50.74 -23.69 26.42
N LEU E 204 -51.38 -23.84 27.57
CA LEU E 204 -50.66 -23.94 28.83
C LEU E 204 -49.72 -25.15 28.77
N HIS E 205 -48.46 -24.97 29.14
CA HIS E 205 -47.50 -26.08 29.09
C HIS E 205 -47.30 -26.63 27.68
N GLY E 206 -47.77 -25.92 26.66
CA GLY E 206 -47.62 -26.39 25.30
C GLY E 206 -48.48 -27.62 24.99
N ASP E 207 -49.49 -27.85 25.83
CA ASP E 207 -50.42 -28.98 25.71
C ASP E 207 -51.66 -28.55 24.91
N LYS E 208 -51.90 -29.20 23.77
CA LYS E 208 -53.06 -28.88 22.92
C LYS E 208 -54.40 -29.06 23.62
N THR E 209 -54.41 -29.81 24.72
CA THR E 209 -55.64 -30.06 25.45
C THR E 209 -55.91 -29.02 26.53
N LYS E 210 -54.94 -28.13 26.76
CA LYS E 210 -55.08 -27.10 27.78
C LYS E 210 -54.97 -25.71 27.18
N PRO E 211 -55.88 -25.36 26.26
CA PRO E 211 -55.88 -24.06 25.60
C PRO E 211 -56.14 -22.86 26.51
N MET E 212 -55.68 -21.69 26.08
CA MET E 212 -55.89 -20.44 26.81
C MET E 212 -55.90 -19.34 25.76
N ILE E 213 -56.43 -18.21 26.15
CA ILE E 213 -56.47 -17.07 25.26
C ILE E 213 -55.48 -16.07 25.85
N LEU E 214 -54.62 -15.52 25.01
CA LEU E 214 -53.67 -14.52 25.45
C LEU E 214 -54.13 -13.21 24.87
N THR E 215 -54.35 -12.26 25.77
CA THR E 215 -54.77 -10.94 25.35
C THR E 215 -53.68 -9.97 25.77
N ILE E 216 -53.04 -9.37 24.77
CA ILE E 216 -52.01 -8.39 25.03
C ILE E 216 -52.68 -7.04 24.77
N THR E 217 -52.53 -6.12 25.72
CA THR E 217 -53.14 -4.82 25.57
C THR E 217 -52.12 -3.70 25.51
N LEU E 218 -52.21 -2.89 24.47
CA LEU E 218 -51.30 -1.76 24.31
C LEU E 218 -52.02 -0.46 24.70
N ASN E 219 -51.52 0.17 25.76
CA ASN E 219 -52.09 1.39 26.29
C ASN E 219 -53.54 1.16 26.66
N GLY E 220 -54.45 1.92 26.08
CA GLY E 220 -55.86 1.74 26.39
C GLY E 220 -56.17 1.28 27.80
N THR E 221 -57.03 0.28 27.92
CA THR E 221 -57.45 -0.25 29.21
C THR E 221 -56.34 -0.75 30.14
N SER E 222 -55.10 -0.77 29.65
CA SER E 222 -54.02 -1.19 30.54
C SER E 222 -53.35 0.04 31.18
N GLU E 223 -53.77 1.23 30.78
CA GLU E 223 -53.21 2.46 31.32
C GLU E 223 -53.63 2.64 32.78
N SER E 224 -52.74 3.18 33.59
CA SER E 224 -53.05 3.41 34.99
C SER E 224 -53.59 4.82 35.15
N THR E 225 -54.76 4.96 35.78
CA THR E 225 -55.38 6.26 35.98
C THR E 225 -55.49 6.66 37.46
N GLU E 226 -54.98 5.81 38.34
CA GLU E 226 -55.01 6.06 39.78
C GLU E 226 -54.26 7.34 40.17
N THR E 227 -54.87 8.11 41.06
CA THR E 227 -54.28 9.37 41.53
C THR E 227 -52.80 9.19 41.86
N SER E 228 -51.96 10.11 41.36
CA SER E 228 -50.52 10.08 41.61
C SER E 228 -49.73 9.11 40.74
N GLU E 229 -50.40 8.09 40.19
CA GLU E 229 -49.73 7.13 39.32
C GLU E 229 -50.37 7.04 37.94
N VAL E 230 -50.60 8.18 37.30
CA VAL E 230 -51.20 8.20 35.97
C VAL E 230 -50.15 7.90 34.90
N SER E 231 -50.21 6.71 34.31
CA SER E 231 -49.25 6.33 33.29
C SER E 231 -49.49 7.04 31.96
N THR E 232 -48.44 7.10 31.14
CA THR E 232 -48.50 7.70 29.82
C THR E 232 -48.57 6.56 28.82
N TYR E 233 -47.73 5.54 29.04
CA TYR E 233 -47.68 4.36 28.19
C TYR E 233 -47.85 3.14 29.08
N SER E 234 -48.31 2.04 28.49
CA SER E 234 -48.48 0.81 29.26
C SER E 234 -48.79 -0.34 28.37
N MET E 235 -48.61 -1.54 28.90
CA MET E 235 -48.92 -2.75 28.18
C MET E 235 -49.15 -3.85 29.22
N SER E 236 -50.12 -4.71 28.92
CA SER E 236 -50.46 -5.81 29.84
C SER E 236 -50.57 -7.11 29.08
N PHE E 237 -50.42 -8.21 29.81
CA PHE E 237 -50.52 -9.53 29.21
C PHE E 237 -51.50 -10.32 30.04
N THR E 238 -52.61 -10.73 29.43
CA THR E 238 -53.59 -11.49 30.17
C THR E 238 -53.87 -12.85 29.57
N TRP E 239 -53.86 -13.85 30.44
CA TRP E 239 -54.12 -15.22 30.04
C TRP E 239 -55.42 -15.63 30.74
N SER E 240 -56.41 -16.05 29.96
CA SER E 240 -57.67 -16.49 30.52
C SER E 240 -58.07 -17.84 29.92
N TRP E 241 -58.83 -18.61 30.68
CA TRP E 241 -59.27 -19.94 30.26
C TRP E 241 -60.60 -20.24 30.91
N GLU E 242 -61.14 -21.42 30.63
CA GLU E 242 -62.44 -21.82 31.15
C GLU E 242 -62.42 -22.00 32.67
N SER E 243 -63.27 -21.23 33.33
CA SER E 243 -63.39 -21.24 34.78
C SER E 243 -63.31 -22.64 35.40
N GLY E 244 -62.55 -22.75 36.48
CA GLY E 244 -62.43 -24.02 37.16
C GLY E 244 -61.55 -25.03 36.49
N LYS E 245 -60.75 -24.60 35.52
CA LYS E 245 -59.85 -25.51 34.82
C LYS E 245 -58.42 -25.36 35.28
N TYR E 246 -57.62 -26.39 35.05
CA TYR E 246 -56.21 -26.40 35.40
C TYR E 246 -55.92 -25.81 36.79
N THR E 247 -56.64 -26.24 37.82
CA THR E 247 -56.42 -25.70 39.16
C THR E 247 -55.20 -26.23 39.88
N THR E 248 -54.76 -27.44 39.53
CA THR E 248 -53.59 -28.02 40.16
C THR E 248 -52.36 -27.87 39.27
N GLU E 249 -52.55 -27.26 38.11
CA GLU E 249 -51.46 -27.06 37.16
C GLU E 249 -50.58 -25.86 37.57
N THR E 250 -49.33 -25.88 37.12
CA THR E 250 -48.40 -24.80 37.39
C THR E 250 -48.48 -23.87 36.19
N PHE E 251 -48.55 -22.57 36.43
CA PHE E 251 -48.62 -21.65 35.30
C PHE E 251 -47.27 -21.57 34.61
N ALA E 252 -47.27 -21.86 33.31
CA ALA E 252 -46.05 -21.84 32.51
C ALA E 252 -46.48 -21.68 31.05
N THR E 253 -45.96 -20.67 30.38
CA THR E 253 -46.34 -20.44 28.99
C THR E 253 -45.17 -20.64 28.05
N ASN E 254 -45.49 -20.84 26.78
CA ASN E 254 -44.49 -21.00 25.74
C ASN E 254 -44.14 -19.58 25.33
N SER E 255 -43.02 -19.41 24.64
CA SER E 255 -42.63 -18.10 24.19
C SER E 255 -43.65 -17.60 23.18
N TYR E 256 -43.93 -16.31 23.23
CA TYR E 256 -44.89 -15.72 22.31
C TYR E 256 -44.25 -14.55 21.57
N THR E 257 -44.50 -14.46 20.27
CA THR E 257 -43.94 -13.39 19.47
C THR E 257 -45.01 -12.39 19.03
N PHE E 258 -44.68 -11.11 19.10
CA PHE E 258 -45.61 -10.08 18.65
C PHE E 258 -44.84 -8.82 18.35
N SER E 259 -45.52 -7.86 17.75
CA SER E 259 -44.87 -6.60 17.41
C SER E 259 -45.90 -5.50 17.50
N TYR E 260 -45.43 -4.27 17.66
CA TYR E 260 -46.33 -3.13 17.72
C TYR E 260 -45.64 -1.86 17.24
N ILE E 261 -46.44 -0.92 16.76
CA ILE E 261 -45.94 0.35 16.28
C ILE E 261 -45.37 1.13 17.46
N ALA E 262 -44.16 1.65 17.30
CA ALA E 262 -43.50 2.38 18.38
C ALA E 262 -43.85 3.86 18.36
N GLN E 263 -43.79 4.48 19.55
CA GLN E 263 -44.10 5.90 19.71
C GLN E 263 -43.18 6.80 18.90
N GLU E 264 -42.02 6.28 18.51
CA GLU E 264 -41.07 7.06 17.72
C GLU E 264 -39.93 6.20 17.19
N VAL F 1 14.08 33.68 2.04
CA VAL F 1 12.65 33.34 1.81
C VAL F 1 11.80 33.48 3.07
N SER F 2 10.71 34.24 2.93
CA SER F 2 9.77 34.47 4.03
C SER F 2 8.67 33.43 3.93
N ILE F 3 8.15 33.00 5.06
CA ILE F 3 7.11 32.00 5.07
C ILE F 3 5.95 32.35 6.01
N LYS F 4 4.77 31.85 5.69
CA LYS F 4 3.57 32.07 6.49
C LYS F 4 3.39 30.89 7.45
N LYS F 5 4.00 30.98 8.63
CA LYS F 5 3.92 29.91 9.61
C LYS F 5 2.50 29.66 10.14
N SER F 6 1.60 30.59 9.89
CA SER F 6 0.22 30.47 10.34
C SER F 6 -0.65 29.76 9.31
N SER F 7 -0.02 29.29 8.24
CA SER F 7 -0.71 28.58 7.17
C SER F 7 -0.14 27.19 6.90
N GLY F 8 0.31 26.53 7.96
CA GLY F 8 0.83 25.18 7.84
C GLY F 8 2.24 24.98 7.26
N LEU F 9 3.15 25.90 7.57
CA LEU F 9 4.52 25.80 7.08
C LEU F 9 5.51 26.30 8.13
N ASN F 10 6.59 25.53 8.32
CA ASN F 10 7.62 25.88 9.29
C ASN F 10 8.97 25.47 8.70
N PHE F 11 10.06 25.96 9.28
CA PHE F 11 11.39 25.61 8.80
C PHE F 11 12.06 24.55 9.65
N ASP F 12 12.60 23.53 9.00
CA ASP F 12 13.32 22.46 9.69
C ASP F 12 14.75 22.48 9.19
N ASN F 13 15.66 22.98 10.02
CA ASN F 13 17.07 23.08 9.65
C ASN F 13 17.20 24.03 8.46
N THR F 14 16.33 25.04 8.42
CA THR F 14 16.31 26.06 7.37
C THR F 14 15.69 25.59 6.04
N ALA F 15 14.87 24.55 6.11
CA ALA F 15 14.22 24.04 4.90
C ALA F 15 12.70 24.20 5.01
N ILE F 16 12.08 24.71 3.95
CA ILE F 16 10.63 24.88 3.94
C ILE F 16 9.99 23.50 4.01
N ALA F 17 9.08 23.30 4.95
CA ALA F 17 8.42 22.01 5.09
C ALA F 17 6.97 22.22 5.47
N ILE F 18 6.13 21.25 5.12
CA ILE F 18 4.72 21.35 5.47
C ILE F 18 4.51 20.89 6.91
N ASN F 19 3.95 21.78 7.72
CA ASN F 19 3.68 21.49 9.13
C ASN F 19 2.32 20.80 9.18
N ALA F 20 2.32 19.48 9.32
CA ALA F 20 1.09 18.70 9.35
C ALA F 20 0.45 18.54 10.72
N GLY F 21 -0.88 18.52 10.73
CA GLY F 21 -1.63 18.37 11.96
C GLY F 21 -2.57 17.18 11.95
N LYS F 22 -3.64 17.26 12.73
CA LYS F 22 -4.63 16.18 12.83
C LYS F 22 -5.26 15.82 11.50
N GLY F 23 -5.42 14.51 11.27
CA GLY F 23 -6.01 14.03 10.04
C GLY F 23 -5.10 14.01 8.83
N LEU F 24 -3.83 14.36 9.04
CA LEU F 24 -2.85 14.38 7.96
C LEU F 24 -1.50 13.91 8.44
N GLU F 25 -0.69 13.44 7.51
CA GLU F 25 0.67 12.97 7.80
C GLU F 25 1.40 12.65 6.50
N PHE F 26 2.65 12.21 6.61
CA PHE F 26 3.43 11.90 5.42
C PHE F 26 3.59 10.41 5.16
N ASP F 27 3.37 10.03 3.92
CA ASP F 27 3.46 8.64 3.49
C ASP F 27 4.91 8.16 3.51
N THR F 28 5.30 7.49 4.59
CA THR F 28 6.65 6.98 4.71
C THR F 28 6.75 5.56 4.18
N ASN F 29 5.87 5.22 3.25
CA ASN F 29 5.85 3.88 2.67
C ASN F 29 5.85 3.96 1.15
N THR F 30 6.23 5.11 0.62
CA THR F 30 6.30 5.33 -0.83
C THR F 30 7.60 4.69 -1.33
N SER F 31 7.66 4.38 -2.61
CA SER F 31 8.86 3.79 -3.16
C SER F 31 10.04 4.73 -2.98
N GLU F 32 9.75 6.03 -3.01
CA GLU F 32 10.79 7.05 -2.86
C GLU F 32 10.98 7.52 -1.41
N SER F 33 10.36 6.82 -0.47
CA SER F 33 10.50 7.17 0.94
C SER F 33 11.72 6.46 1.50
N PRO F 34 12.24 6.91 2.65
CA PRO F 34 11.78 8.02 3.49
C PRO F 34 12.27 9.41 3.07
N ASP F 35 12.94 9.51 1.93
CA ASP F 35 13.47 10.77 1.45
C ASP F 35 12.41 11.68 0.84
N ILE F 36 11.47 11.08 0.12
CA ILE F 36 10.39 11.84 -0.49
C ILE F 36 9.06 11.25 -0.06
N ASN F 37 8.46 11.87 0.96
CA ASN F 37 7.17 11.42 1.48
C ASN F 37 6.07 12.41 1.11
N PRO F 38 5.07 11.96 0.33
CA PRO F 38 4.00 12.87 -0.04
C PRO F 38 3.16 13.14 1.20
N ILE F 39 2.23 14.08 1.11
CA ILE F 39 1.38 14.33 2.24
C ILE F 39 0.04 13.66 1.95
N LYS F 40 -0.29 12.67 2.77
CA LYS F 40 -1.53 11.93 2.63
C LYS F 40 -2.39 12.28 3.84
N THR F 41 -3.56 11.68 3.94
CA THR F 41 -4.42 11.96 5.07
C THR F 41 -4.27 10.85 6.10
N LYS F 42 -4.46 11.20 7.37
CA LYS F 42 -4.34 10.26 8.48
C LYS F 42 -5.71 9.67 8.84
N ILE F 43 -5.96 8.43 8.44
CA ILE F 43 -7.25 7.79 8.68
C ILE F 43 -7.18 6.52 9.53
N GLY F 44 -8.28 6.23 10.21
CA GLY F 44 -8.37 5.05 11.05
C GLY F 44 -9.65 4.27 10.86
N SER F 45 -10.13 3.64 11.93
CA SER F 45 -11.35 2.83 11.88
C SER F 45 -12.53 3.51 11.19
N GLY F 46 -13.22 2.75 10.35
CA GLY F 46 -14.37 3.26 9.64
C GLY F 46 -14.08 3.94 8.32
N ILE F 47 -12.82 4.30 8.12
CA ILE F 47 -12.43 4.96 6.88
C ILE F 47 -11.37 4.17 6.13
N ASP F 48 -11.45 4.21 4.81
CA ASP F 48 -10.52 3.49 3.94
C ASP F 48 -10.31 4.32 2.68
N TYR F 49 -9.39 3.88 1.83
CA TYR F 49 -9.11 4.59 0.60
C TYR F 49 -9.72 4.00 -0.65
N ASN F 50 -9.78 4.83 -1.68
CA ASN F 50 -10.35 4.50 -2.96
C ASN F 50 -9.20 3.99 -3.84
N GLU F 51 -9.53 3.38 -4.97
CA GLU F 51 -8.48 2.90 -5.86
C GLU F 51 -7.98 4.15 -6.57
N ASN F 52 -8.82 5.17 -6.55
CA ASN F 52 -8.54 6.45 -7.18
C ASN F 52 -7.86 7.36 -6.15
N GLY F 53 -7.61 6.84 -4.96
CA GLY F 53 -6.96 7.63 -3.92
C GLY F 53 -7.89 8.41 -3.01
N ALA F 54 -9.18 8.44 -3.34
CA ALA F 54 -10.16 9.17 -2.53
C ALA F 54 -10.51 8.44 -1.24
N MET F 55 -11.02 9.17 -0.26
CA MET F 55 -11.40 8.59 1.03
C MET F 55 -12.86 8.15 0.99
N ILE F 56 -13.12 6.90 1.36
CA ILE F 56 -14.47 6.39 1.39
C ILE F 56 -14.66 5.83 2.78
N THR F 57 -15.92 5.76 3.23
CA THR F 57 -16.18 5.23 4.55
C THR F 57 -16.20 3.71 4.42
N LYS F 58 -15.48 3.03 5.31
CA LYS F 58 -15.40 1.56 5.29
C LYS F 58 -16.62 0.88 5.89
N LEU F 59 -17.42 0.25 5.02
CA LEU F 59 -18.64 -0.42 5.44
C LEU F 59 -18.51 -1.94 5.52
N GLY F 60 -19.12 -2.50 6.56
CA GLY F 60 -19.09 -3.94 6.74
C GLY F 60 -20.49 -4.53 6.61
N ALA F 61 -20.71 -5.65 7.29
CA ALA F 61 -21.99 -6.33 7.25
C ALA F 61 -23.14 -5.51 7.83
N GLY F 62 -24.20 -5.38 7.05
CA GLY F 62 -25.37 -4.65 7.49
C GLY F 62 -25.51 -3.30 6.81
N LEU F 63 -24.43 -2.80 6.24
CA LEU F 63 -24.47 -1.50 5.59
C LEU F 63 -23.97 -1.56 4.14
N SER F 64 -24.34 -0.54 3.39
CA SER F 64 -23.95 -0.41 1.99
C SER F 64 -24.19 1.02 1.57
N PHE F 65 -23.76 1.35 0.35
CA PHE F 65 -23.91 2.69 -0.21
C PHE F 65 -25.19 2.86 -1.02
N ASP F 66 -25.57 4.12 -1.19
CA ASP F 66 -26.78 4.51 -1.90
C ASP F 66 -26.42 5.00 -3.31
N ASN F 67 -27.42 5.55 -4.00
CA ASN F 67 -27.22 6.06 -5.33
C ASN F 67 -26.36 7.31 -5.22
N SER F 68 -26.66 8.12 -4.21
CA SER F 68 -25.92 9.36 -3.97
C SER F 68 -24.69 9.08 -3.13
N GLY F 69 -24.32 7.81 -3.05
CA GLY F 69 -23.16 7.42 -2.27
C GLY F 69 -23.38 7.64 -0.79
N ALA F 70 -24.63 7.60 -0.35
CA ALA F 70 -24.95 7.78 1.06
C ALA F 70 -24.88 6.45 1.79
N ILE F 71 -24.56 6.48 3.08
CA ILE F 71 -24.48 5.26 3.86
C ILE F 71 -25.89 4.83 4.26
N THR F 72 -26.32 3.68 3.76
CA THR F 72 -27.65 3.19 4.11
C THR F 72 -27.56 1.83 4.76
N ILE F 73 -28.69 1.37 5.25
CA ILE F 73 -28.77 0.08 5.91
C ILE F 73 -29.31 -0.93 4.91
N GLY F 74 -28.56 -2.01 4.70
CA GLY F 74 -28.98 -3.02 3.77
C GLY F 74 -27.83 -3.63 2.99
N ASN F 75 -28.01 -4.88 2.57
CA ASN F 75 -27.02 -5.62 1.81
C ASN F 75 -27.71 -6.63 0.92
N LYS F 76 -27.91 -6.29 -0.35
CA LYS F 76 -28.55 -7.19 -1.30
C LYS F 76 -27.62 -8.37 -1.57
N ASN F 77 -26.42 -8.03 -2.04
CA ASN F 77 -25.38 -9.00 -2.38
C ASN F 77 -25.09 -9.85 -1.16
N ASP F 78 -23.85 -9.80 -0.68
CA ASP F 78 -23.49 -10.57 0.50
C ASP F 78 -24.29 -9.96 1.66
N ASP F 79 -24.99 -10.81 2.41
CA ASP F 79 -25.80 -10.38 3.53
C ASP F 79 -25.65 -11.36 4.68
N LYS F 80 -24.79 -11.03 5.64
CA LYS F 80 -24.53 -11.90 6.77
C LYS F 80 -25.43 -11.68 7.99
N LEU F 81 -26.59 -11.07 7.76
CA LEU F 81 -27.56 -10.89 8.83
C LEU F 81 -28.77 -11.74 8.45
N THR F 82 -28.55 -12.65 7.50
CA THR F 82 -29.61 -13.54 7.03
C THR F 82 -29.01 -14.90 6.72
N LEU F 83 -29.44 -15.91 7.46
CA LEU F 83 -28.98 -17.27 7.25
C LEU F 83 -30.23 -18.01 6.77
N TRP F 84 -30.19 -18.53 5.55
CA TRP F 84 -31.34 -19.21 5.02
C TRP F 84 -31.04 -20.41 4.13
N THR F 85 -32.12 -21.06 3.71
CA THR F 85 -32.09 -22.23 2.85
C THR F 85 -32.33 -21.74 1.41
N THR F 86 -32.48 -20.43 1.28
CA THR F 86 -32.81 -19.73 0.04
C THR F 86 -34.33 -19.69 0.03
N PRO F 87 -34.93 -18.69 -0.64
CA PRO F 87 -36.38 -18.54 -0.72
C PRO F 87 -37.16 -19.61 -1.49
N ASP F 88 -36.51 -20.22 -2.47
CA ASP F 88 -37.13 -21.27 -3.29
C ASP F 88 -36.22 -22.49 -3.28
N PRO F 89 -36.16 -23.20 -2.15
CA PRO F 89 -35.29 -24.37 -2.09
C PRO F 89 -35.81 -25.58 -2.85
N SER F 90 -34.89 -26.31 -3.47
CA SER F 90 -35.24 -27.53 -4.19
C SER F 90 -35.38 -28.56 -3.08
N PRO F 91 -35.73 -29.82 -3.41
CA PRO F 91 -35.84 -30.77 -2.30
C PRO F 91 -34.54 -30.66 -1.52
N ASN F 92 -34.63 -30.40 -0.22
CA ASN F 92 -33.42 -30.21 0.58
C ASN F 92 -33.52 -30.79 1.97
N CYS F 93 -34.68 -31.35 2.28
CA CYS F 93 -34.95 -31.87 3.60
C CYS F 93 -35.42 -33.33 3.63
N ARG F 94 -35.39 -33.94 4.81
CA ARG F 94 -35.80 -35.31 4.96
C ARG F 94 -36.74 -35.47 6.15
N ILE F 95 -37.94 -35.97 5.87
CA ILE F 95 -38.92 -36.20 6.90
C ILE F 95 -38.96 -37.70 7.23
N HIS F 96 -39.08 -38.53 6.20
CA HIS F 96 -39.10 -39.98 6.38
C HIS F 96 -38.05 -40.61 5.49
N SER F 97 -37.93 -40.11 4.27
CA SER F 97 -36.96 -40.62 3.33
C SER F 97 -36.28 -39.45 2.62
N ASP F 98 -35.05 -39.67 2.20
CA ASP F 98 -34.21 -38.66 1.55
C ASP F 98 -34.86 -37.77 0.52
N ASN F 99 -34.67 -36.45 0.72
CA ASN F 99 -35.18 -35.42 -0.19
C ASN F 99 -36.67 -35.49 -0.46
N ASP F 100 -37.45 -35.86 0.54
CA ASP F 100 -38.88 -35.97 0.33
C ASP F 100 -39.56 -34.69 0.75
N CYS F 101 -38.76 -33.66 1.00
CA CYS F 101 -39.30 -32.40 1.46
C CYS F 101 -38.53 -31.16 1.04
N LYS F 102 -39.27 -30.06 0.85
CA LYS F 102 -38.72 -28.75 0.51
C LYS F 102 -38.90 -27.89 1.76
N PHE F 103 -37.86 -27.77 2.55
CA PHE F 103 -37.91 -26.99 3.78
C PHE F 103 -37.42 -25.58 3.53
N THR F 104 -38.27 -24.60 3.83
CA THR F 104 -37.92 -23.20 3.66
C THR F 104 -37.80 -22.56 5.04
N LEU F 105 -36.64 -22.01 5.36
CA LEU F 105 -36.43 -21.37 6.65
C LEU F 105 -35.53 -20.16 6.51
N VAL F 106 -36.03 -19.01 6.96
CA VAL F 106 -35.26 -17.80 6.85
C VAL F 106 -35.01 -17.20 8.22
N LEU F 107 -33.75 -17.09 8.59
CA LEU F 107 -33.39 -16.51 9.87
C LEU F 107 -32.82 -15.13 9.58
N THR F 108 -33.48 -14.10 10.11
CA THR F 108 -33.01 -12.74 9.89
C THR F 108 -32.64 -12.16 11.24
N LYS F 109 -31.39 -11.77 11.41
CA LYS F 109 -30.97 -11.22 12.69
C LYS F 109 -31.43 -9.80 12.91
N CYS F 110 -32.06 -9.57 14.04
CA CYS F 110 -32.56 -8.25 14.40
C CYS F 110 -31.99 -7.87 15.76
N GLY F 111 -30.67 -7.95 15.88
CA GLY F 111 -30.02 -7.60 17.12
C GLY F 111 -30.07 -8.66 18.20
N SER F 112 -30.84 -8.39 19.24
CA SER F 112 -30.97 -9.33 20.33
C SER F 112 -31.91 -10.48 20.01
N GLN F 113 -32.66 -10.37 18.93
CA GLN F 113 -33.59 -11.43 18.51
C GLN F 113 -33.41 -11.81 17.06
N VAL F 114 -33.92 -12.98 16.70
CA VAL F 114 -33.88 -13.46 15.33
C VAL F 114 -35.32 -13.47 14.83
N LEU F 115 -35.57 -12.88 13.67
CA LEU F 115 -36.92 -12.88 13.11
C LEU F 115 -36.92 -14.02 12.10
N ALA F 116 -37.90 -14.92 12.20
CA ALA F 116 -37.90 -16.07 11.30
C ALA F 116 -39.22 -16.40 10.67
N THR F 117 -39.14 -16.95 9.47
CA THR F 117 -40.32 -17.40 8.77
C THR F 117 -40.01 -18.82 8.31
N VAL F 118 -40.98 -19.71 8.47
CA VAL F 118 -40.80 -21.11 8.09
C VAL F 118 -41.98 -21.64 7.29
N ALA F 119 -41.72 -22.65 6.48
CA ALA F 119 -42.72 -23.31 5.64
C ALA F 119 -42.12 -24.63 5.13
N ALA F 120 -42.94 -25.68 5.05
CA ALA F 120 -42.45 -26.97 4.55
C ALA F 120 -43.40 -27.55 3.52
N LEU F 121 -42.87 -28.42 2.66
CA LEU F 121 -43.68 -29.03 1.60
C LEU F 121 -43.10 -30.37 1.16
N ALA F 122 -43.92 -31.41 1.24
CA ALA F 122 -43.49 -32.75 0.84
C ALA F 122 -43.56 -32.86 -0.68
N VAL F 123 -42.66 -33.66 -1.25
CA VAL F 123 -42.62 -33.84 -2.69
C VAL F 123 -42.51 -35.29 -3.15
N SER F 124 -42.87 -36.24 -2.28
CA SER F 124 -42.79 -37.66 -2.65
C SER F 124 -44.06 -38.46 -2.36
N GLY F 125 -45.00 -37.87 -1.64
CA GLY F 125 -46.23 -38.60 -1.34
C GLY F 125 -47.02 -38.07 -0.16
N ASP F 126 -48.24 -38.57 -0.03
CA ASP F 126 -49.14 -38.17 1.04
C ASP F 126 -48.58 -38.47 2.43
N LEU F 127 -49.26 -37.92 3.43
CA LEU F 127 -48.88 -38.08 4.82
C LEU F 127 -48.72 -39.50 5.29
N SER F 128 -49.53 -40.41 4.76
CA SER F 128 -49.46 -41.80 5.16
C SER F 128 -48.14 -42.45 4.72
N SER F 129 -47.58 -41.96 3.62
CA SER F 129 -46.33 -42.51 3.10
C SER F 129 -45.10 -42.03 3.87
N MET F 130 -45.30 -41.17 4.87
CA MET F 130 -44.18 -40.67 5.66
C MET F 130 -44.45 -40.62 7.15
N THR F 131 -45.36 -41.47 7.63
CA THR F 131 -45.66 -41.49 9.06
C THR F 131 -45.87 -42.87 9.68
N GLY F 132 -47.08 -43.40 9.56
CA GLY F 132 -47.37 -44.69 10.15
C GLY F 132 -48.32 -44.41 11.30
N THR F 133 -48.03 -44.98 12.48
CA THR F 133 -48.89 -44.74 13.63
C THR F 133 -48.44 -43.44 14.25
N VAL F 134 -47.67 -42.67 13.47
CA VAL F 134 -47.12 -41.40 13.89
C VAL F 134 -48.18 -40.35 14.22
N ALA F 135 -48.59 -39.61 13.18
CA ALA F 135 -49.58 -38.54 13.28
C ALA F 135 -48.83 -37.26 13.62
N SER F 136 -47.61 -37.14 13.08
CA SER F 136 -46.77 -35.97 13.27
C SER F 136 -45.61 -35.96 12.28
N VAL F 137 -45.00 -34.80 12.12
CA VAL F 137 -43.87 -34.63 11.23
C VAL F 137 -42.90 -33.73 11.94
N SER F 138 -41.62 -34.15 11.98
CA SER F 138 -40.56 -33.42 12.64
C SER F 138 -39.40 -33.11 11.74
N ILE F 139 -38.89 -31.90 11.83
CA ILE F 139 -37.75 -31.47 11.05
C ILE F 139 -36.82 -30.85 12.08
N PHE F 140 -35.65 -31.46 12.26
CA PHE F 140 -34.70 -30.99 13.25
C PHE F 140 -33.37 -30.46 12.73
N LEU F 141 -32.90 -29.40 13.37
CA LEU F 141 -31.64 -28.76 13.03
C LEU F 141 -30.69 -28.85 14.24
N ARG F 142 -29.47 -29.34 14.00
CA ARG F 142 -28.44 -29.48 15.04
C ARG F 142 -27.21 -28.66 14.65
N PHE F 143 -26.70 -27.88 15.60
CA PHE F 143 -25.55 -27.02 15.33
C PHE F 143 -24.44 -27.23 16.35
N ASP F 144 -23.19 -27.16 15.88
CA ASP F 144 -22.03 -27.31 16.77
C ASP F 144 -21.85 -26.01 17.57
N GLN F 145 -20.82 -25.93 18.39
CA GLN F 145 -20.62 -24.71 19.20
C GLN F 145 -20.39 -23.42 18.41
N ASN F 146 -20.22 -23.51 17.10
CA ASN F 146 -20.00 -22.32 16.29
C ASN F 146 -21.23 -21.95 15.48
N GLY F 147 -22.29 -22.75 15.60
CA GLY F 147 -23.51 -22.49 14.87
C GLY F 147 -23.54 -23.16 13.51
N VAL F 148 -22.55 -24.01 13.25
CA VAL F 148 -22.48 -24.73 11.98
C VAL F 148 -23.40 -25.95 12.03
N LEU F 149 -24.25 -26.10 11.02
CA LEU F 149 -25.19 -27.22 10.95
C LEU F 149 -24.45 -28.57 11.03
N MET F 150 -24.98 -29.46 11.85
CA MET F 150 -24.38 -30.78 12.01
C MET F 150 -25.10 -31.81 11.14
N GLU F 151 -24.45 -32.95 10.93
CA GLU F 151 -25.00 -34.01 10.07
C GLU F 151 -26.28 -34.66 10.58
N ASN F 152 -26.43 -34.79 11.89
CA ASN F 152 -27.65 -35.40 12.39
C ASN F 152 -28.75 -34.35 12.45
N SER F 153 -29.04 -33.79 11.28
CA SER F 153 -30.07 -32.77 11.09
C SER F 153 -30.92 -33.20 9.90
N SER F 154 -32.18 -32.79 9.88
CA SER F 154 -33.07 -33.13 8.77
C SER F 154 -32.70 -32.37 7.50
N LEU F 155 -32.12 -31.19 7.67
CA LEU F 155 -31.77 -30.34 6.54
C LEU F 155 -30.38 -30.59 5.99
N LYS F 156 -30.26 -30.65 4.66
CA LYS F 156 -28.97 -30.86 4.04
C LYS F 156 -28.10 -29.60 4.10
N LYS F 157 -26.80 -29.80 4.31
CA LYS F 157 -25.87 -28.70 4.44
C LYS F 157 -25.67 -27.78 3.25
N HIS F 158 -25.59 -28.37 2.06
CA HIS F 158 -25.33 -27.61 0.84
C HIS F 158 -25.86 -26.18 0.74
N TYR F 159 -27.18 -26.00 0.76
CA TYR F 159 -27.73 -24.66 0.62
C TYR F 159 -28.31 -24.01 1.86
N TRP F 160 -27.57 -24.10 2.97
CA TRP F 160 -27.93 -23.48 4.24
C TRP F 160 -26.76 -22.57 4.53
N ASN F 161 -26.87 -21.30 4.17
CA ASN F 161 -25.76 -20.36 4.35
C ASN F 161 -26.28 -18.94 4.39
N PHE F 162 -25.36 -17.99 4.50
CA PHE F 162 -25.74 -16.59 4.53
C PHE F 162 -26.27 -16.21 3.16
N ARG F 163 -27.15 -15.23 3.14
CA ARG F 163 -27.77 -14.79 1.91
C ARG F 163 -26.87 -14.08 0.92
N ASN F 164 -27.15 -14.29 -0.36
CA ASN F 164 -26.43 -13.65 -1.45
C ASN F 164 -27.47 -13.48 -2.53
N GLY F 165 -28.10 -12.31 -2.59
CA GLY F 165 -29.14 -12.08 -3.57
C GLY F 165 -30.29 -13.02 -3.21
N ASN F 166 -30.77 -13.81 -4.16
CA ASN F 166 -31.83 -14.77 -3.88
C ASN F 166 -31.23 -16.16 -3.72
N SER F 167 -29.91 -16.20 -3.57
CA SER F 167 -29.23 -17.46 -3.40
C SER F 167 -28.36 -17.43 -2.15
N THR F 168 -27.39 -18.33 -2.08
CA THR F 168 -26.51 -18.40 -0.92
C THR F 168 -25.06 -18.10 -1.23
N ASN F 169 -24.26 -18.03 -0.17
CA ASN F 169 -22.84 -17.76 -0.29
C ASN F 169 -22.15 -19.02 -0.77
N ALA F 170 -21.23 -18.87 -1.73
CA ALA F 170 -20.52 -20.01 -2.27
C ALA F 170 -19.75 -20.76 -1.19
N ASN F 171 -19.05 -20.02 -0.35
CA ASN F 171 -18.26 -20.65 0.70
C ASN F 171 -19.10 -20.93 1.93
N PRO F 172 -19.02 -22.15 2.47
CA PRO F 172 -19.78 -22.53 3.65
C PRO F 172 -19.41 -21.59 4.78
N TYR F 173 -20.37 -21.22 5.61
CA TYR F 173 -20.08 -20.31 6.71
C TYR F 173 -19.40 -21.10 7.83
N THR F 174 -18.60 -20.42 8.66
CA THR F 174 -17.90 -21.09 9.75
C THR F 174 -18.37 -20.64 11.14
N ASN F 175 -19.21 -19.62 11.19
CA ASN F 175 -19.71 -19.13 12.47
C ASN F 175 -21.01 -18.34 12.34
N ALA F 176 -22.05 -18.79 13.04
CA ALA F 176 -23.34 -18.11 13.01
C ALA F 176 -23.95 -18.13 14.40
N VAL F 177 -23.08 -18.07 15.42
CA VAL F 177 -23.55 -18.08 16.81
C VAL F 177 -24.55 -16.94 17.02
N GLY F 178 -24.45 -15.93 16.16
CA GLY F 178 -25.35 -14.79 16.28
C GLY F 178 -26.78 -15.20 16.01
N PHE F 179 -26.97 -16.28 15.25
CA PHE F 179 -28.32 -16.74 14.91
C PHE F 179 -28.87 -17.84 15.83
N MET F 180 -28.02 -18.42 16.66
CA MET F 180 -28.43 -19.51 17.55
C MET F 180 -29.37 -19.06 18.67
N PRO F 181 -30.19 -19.99 19.15
CA PRO F 181 -31.11 -19.66 20.25
C PRO F 181 -30.29 -19.49 21.53
N ASN F 182 -30.58 -18.44 22.29
CA ASN F 182 -29.86 -18.13 23.54
C ASN F 182 -29.91 -19.26 24.60
N LEU F 183 -28.76 -19.81 24.95
CA LEU F 183 -28.72 -20.90 25.94
C LEU F 183 -29.20 -20.53 27.36
N LEU F 184 -29.19 -19.25 27.73
CA LEU F 184 -29.66 -18.88 29.05
C LEU F 184 -31.18 -18.84 29.05
N ALA F 185 -31.76 -18.43 27.93
CA ALA F 185 -33.21 -18.36 27.80
C ALA F 185 -33.79 -19.74 27.52
N TYR F 186 -33.11 -20.50 26.67
CA TYR F 186 -33.54 -21.84 26.28
C TYR F 186 -32.41 -22.85 26.49
N PRO F 187 -32.26 -23.37 27.73
CA PRO F 187 -31.20 -24.34 28.08
C PRO F 187 -31.32 -25.73 27.43
N LYS F 188 -30.19 -26.45 27.43
CA LYS F 188 -30.13 -27.80 26.90
C LYS F 188 -30.77 -28.63 28.02
N THR F 189 -31.54 -29.65 27.66
CA THR F 189 -32.19 -30.45 28.69
C THR F 189 -33.09 -31.49 28.07
N GLN F 190 -33.48 -32.49 28.87
CA GLN F 190 -34.39 -33.52 28.39
C GLN F 190 -35.76 -33.30 29.02
N SER F 191 -35.91 -32.11 29.61
CA SER F 191 -37.16 -31.71 30.24
C SER F 191 -37.84 -30.68 29.34
N GLN F 192 -39.11 -30.91 29.03
CA GLN F 192 -39.84 -29.98 28.16
C GLN F 192 -40.31 -28.71 28.87
N THR F 193 -39.39 -27.76 29.05
CA THR F 193 -39.69 -26.49 29.69
C THR F 193 -40.49 -25.63 28.72
N ALA F 194 -41.68 -25.20 29.15
CA ALA F 194 -42.57 -24.39 28.32
C ALA F 194 -41.90 -23.28 27.52
N LYS F 195 -41.07 -22.49 28.18
CA LYS F 195 -40.38 -21.37 27.55
C LYS F 195 -39.55 -21.76 26.31
N ASN F 196 -38.95 -22.95 26.33
CA ASN F 196 -38.15 -23.43 25.20
C ASN F 196 -38.98 -23.66 23.94
N ASN F 197 -40.30 -23.71 24.08
CA ASN F 197 -41.16 -23.95 22.93
C ASN F 197 -42.03 -22.76 22.56
N ILE F 198 -42.60 -22.85 21.37
CA ILE F 198 -43.55 -21.85 20.86
C ILE F 198 -44.59 -22.80 20.26
N VAL F 199 -45.82 -22.73 20.76
CA VAL F 199 -46.85 -23.63 20.26
C VAL F 199 -48.06 -22.88 19.72
N SER F 200 -48.45 -23.21 18.49
CA SER F 200 -49.60 -22.57 17.86
C SER F 200 -50.39 -23.56 17.05
N GLN F 201 -51.62 -23.19 16.72
CA GLN F 201 -52.45 -24.03 15.89
C GLN F 201 -52.31 -23.48 14.49
N VAL F 202 -52.00 -24.35 13.54
CA VAL F 202 -51.86 -23.95 12.15
C VAL F 202 -52.87 -24.78 11.38
N TYR F 203 -52.93 -24.57 10.08
CA TYR F 203 -53.87 -25.30 9.24
C TYR F 203 -53.20 -25.89 8.02
N LEU F 204 -53.50 -27.16 7.72
CA LEU F 204 -52.92 -27.83 6.55
C LEU F 204 -53.54 -27.23 5.29
N HIS F 205 -52.70 -26.92 4.31
CA HIS F 205 -53.17 -26.34 3.06
C HIS F 205 -53.97 -25.07 3.34
N GLY F 206 -53.84 -24.54 4.55
CA GLY F 206 -54.56 -23.33 4.91
C GLY F 206 -56.06 -23.61 5.06
N ASP F 207 -56.41 -24.88 5.16
CA ASP F 207 -57.79 -25.33 5.28
C ASP F 207 -58.27 -25.28 6.73
N LYS F 208 -59.26 -24.44 7.01
CA LYS F 208 -59.80 -24.30 8.35
C LYS F 208 -60.26 -25.61 9.00
N THR F 209 -60.66 -26.58 8.19
CA THR F 209 -61.14 -27.86 8.72
C THR F 209 -60.01 -28.86 8.99
N LYS F 210 -58.80 -28.51 8.60
CA LYS F 210 -57.66 -29.39 8.80
C LYS F 210 -56.63 -28.75 9.73
N PRO F 211 -56.99 -28.57 11.01
CA PRO F 211 -56.10 -27.96 11.99
C PRO F 211 -54.95 -28.89 12.43
N MET F 212 -53.84 -28.27 12.82
CA MET F 212 -52.66 -28.99 13.33
C MET F 212 -52.06 -28.10 14.40
N ILE F 213 -51.17 -28.67 15.19
CA ILE F 213 -50.48 -27.92 16.21
C ILE F 213 -49.03 -27.87 15.77
N LEU F 214 -48.41 -26.70 15.91
CA LEU F 214 -47.02 -26.55 15.55
C LEU F 214 -46.25 -26.26 16.80
N THR F 215 -45.28 -27.13 17.08
CA THR F 215 -44.43 -26.99 18.24
C THR F 215 -43.02 -26.76 17.75
N ILE F 216 -42.48 -25.59 18.07
CA ILE F 216 -41.11 -25.28 17.71
C ILE F 216 -40.34 -25.38 19.02
N THR F 217 -39.23 -26.11 19.02
CA THR F 217 -38.46 -26.27 20.24
C THR F 217 -37.10 -25.64 20.03
N LEU F 218 -36.69 -24.81 20.98
CA LEU F 218 -35.37 -24.17 20.91
C LEU F 218 -34.50 -24.87 21.95
N ASN F 219 -33.39 -25.44 21.48
CA ASN F 219 -32.47 -26.16 22.33
C ASN F 219 -33.26 -27.18 23.15
N GLY F 220 -33.09 -27.16 24.48
CA GLY F 220 -33.81 -28.11 25.30
C GLY F 220 -33.87 -29.51 24.71
N THR F 221 -35.08 -30.07 24.68
CA THR F 221 -35.29 -31.42 24.15
C THR F 221 -35.04 -31.61 22.67
N SER F 222 -34.56 -30.59 21.98
CA SER F 222 -34.29 -30.76 20.55
C SER F 222 -32.80 -31.01 20.31
N GLU F 223 -32.05 -30.93 21.41
CA GLU F 223 -30.61 -31.13 21.40
C GLU F 223 -30.25 -32.60 21.19
N SER F 224 -29.21 -32.83 20.42
CA SER F 224 -28.72 -34.17 20.17
C SER F 224 -27.74 -34.54 21.28
N THR F 225 -27.94 -35.70 21.90
CA THR F 225 -27.05 -36.14 22.97
C THR F 225 -26.26 -37.38 22.56
N GLU F 226 -26.47 -37.80 21.32
CA GLU F 226 -25.82 -38.97 20.73
C GLU F 226 -24.30 -38.91 20.85
N THR F 227 -23.67 -40.06 21.07
CA THR F 227 -22.22 -40.15 21.19
C THR F 227 -21.55 -39.66 19.92
N SER F 228 -20.64 -38.68 20.06
CA SER F 228 -19.92 -38.14 18.92
C SER F 228 -20.71 -37.15 18.07
N GLU F 229 -21.98 -36.96 18.38
CA GLU F 229 -22.81 -36.01 17.63
C GLU F 229 -23.62 -35.19 18.64
N VAL F 230 -22.94 -34.64 19.64
CA VAL F 230 -23.61 -33.85 20.66
C VAL F 230 -23.69 -32.40 20.23
N SER F 231 -24.90 -31.89 20.06
CA SER F 231 -25.05 -30.52 19.63
C SER F 231 -24.99 -29.52 20.78
N THR F 232 -24.73 -28.26 20.43
CA THR F 232 -24.68 -27.17 21.40
C THR F 232 -25.99 -26.41 21.30
N TYR F 233 -26.39 -26.09 20.08
CA TYR F 233 -27.63 -25.37 19.82
C TYR F 233 -28.52 -26.23 18.93
N SER F 234 -29.82 -25.94 18.93
CA SER F 234 -30.72 -26.72 18.11
C SER F 234 -32.13 -26.18 18.08
N MET F 235 -32.86 -26.56 17.04
CA MET F 235 -34.27 -26.20 16.91
C MET F 235 -35.00 -27.23 16.05
N SER F 236 -36.21 -27.59 16.47
CA SER F 236 -37.00 -28.54 15.73
C SER F 236 -38.38 -27.97 15.44
N PHE F 237 -38.96 -28.42 14.34
CA PHE F 237 -40.30 -28.01 13.95
C PHE F 237 -41.14 -29.28 13.90
N THR F 238 -42.11 -29.36 14.80
CA THR F 238 -42.96 -30.54 14.89
C THR F 238 -44.43 -30.23 14.70
N TRP F 239 -45.03 -30.85 13.68
CA TRP F 239 -46.44 -30.69 13.35
C TRP F 239 -47.18 -31.95 13.78
N SER F 240 -48.28 -31.80 14.49
CA SER F 240 -49.03 -32.96 14.96
C SER F 240 -50.53 -32.73 14.84
N TRP F 241 -51.30 -33.82 14.73
CA TRP F 241 -52.74 -33.75 14.56
C TRP F 241 -53.40 -35.03 15.09
N GLU F 242 -54.71 -35.12 14.94
CA GLU F 242 -55.46 -36.30 15.40
C GLU F 242 -55.08 -37.53 14.60
N SER F 243 -54.72 -38.58 15.32
CA SER F 243 -54.31 -39.83 14.70
C SER F 243 -55.31 -40.25 13.65
N GLY F 244 -54.83 -40.92 12.62
CA GLY F 244 -55.74 -41.39 11.58
C GLY F 244 -56.32 -40.34 10.66
N LYS F 245 -56.00 -39.07 10.88
CA LYS F 245 -56.52 -38.02 10.01
C LYS F 245 -55.53 -37.56 8.95
N TYR F 246 -56.05 -36.90 7.92
CA TYR F 246 -55.24 -36.36 6.81
C TYR F 246 -54.33 -37.38 6.15
N THR F 247 -54.71 -38.65 6.16
CA THR F 247 -53.89 -39.72 5.59
C THR F 247 -53.59 -39.67 4.09
N THR F 248 -54.54 -39.18 3.29
CA THR F 248 -54.30 -39.11 1.84
C THR F 248 -53.80 -37.73 1.41
N GLU F 249 -53.69 -36.81 2.37
CA GLU F 249 -53.23 -35.45 2.10
C GLU F 249 -51.72 -35.36 1.90
N THR F 250 -51.28 -34.33 1.20
CA THR F 250 -49.87 -34.08 0.99
C THR F 250 -49.51 -33.01 2.00
N PHE F 251 -48.46 -33.24 2.78
CA PHE F 251 -48.06 -32.29 3.79
C PHE F 251 -47.61 -30.97 3.20
N ALA F 252 -48.38 -29.92 3.45
CA ALA F 252 -48.05 -28.59 2.95
C ALA F 252 -48.51 -27.57 4.00
N THR F 253 -47.60 -26.69 4.41
CA THR F 253 -47.94 -25.71 5.43
C THR F 253 -47.85 -24.27 4.93
N ASN F 254 -48.61 -23.39 5.59
CA ASN F 254 -48.61 -21.98 5.26
C ASN F 254 -47.37 -21.42 5.95
N SER F 255 -46.85 -20.31 5.45
CA SER F 255 -45.68 -19.70 6.06
C SER F 255 -46.03 -19.32 7.49
N TYR F 256 -45.08 -19.51 8.40
CA TYR F 256 -45.26 -19.20 9.80
C TYR F 256 -44.15 -18.30 10.29
N THR F 257 -44.52 -17.27 11.02
CA THR F 257 -43.56 -16.31 11.57
C THR F 257 -43.33 -16.46 13.08
N PHE F 258 -42.09 -16.32 13.51
CA PHE F 258 -41.80 -16.39 14.93
C PHE F 258 -40.45 -15.75 15.17
N SER F 259 -40.10 -15.59 16.45
CA SER F 259 -38.82 -14.98 16.79
C SER F 259 -38.34 -15.56 18.10
N TYR F 260 -37.05 -15.39 18.38
CA TYR F 260 -36.49 -15.88 19.62
C TYR F 260 -35.25 -15.07 19.96
N ILE F 261 -34.87 -15.10 21.24
CA ILE F 261 -33.70 -14.40 21.73
C ILE F 261 -32.45 -15.08 21.19
N ALA F 262 -31.57 -14.30 20.58
CA ALA F 262 -30.36 -14.86 19.99
C ALA F 262 -29.28 -15.10 21.04
N GLN F 263 -28.32 -15.95 20.70
CA GLN F 263 -27.22 -16.30 21.62
C GLN F 263 -26.26 -15.12 21.82
N GLU F 264 -26.02 -14.34 20.77
CA GLU F 264 -25.15 -13.18 20.87
C GLU F 264 -25.54 -12.06 19.89
#